data_4CJ9
#
_entry.id   4CJ9
#
_cell.length_a   73.314
_cell.length_b   73.314
_cell.length_c   268.337
_cell.angle_alpha   90.00
_cell.angle_beta   90.00
_cell.angle_gamma   120.00
#
_symmetry.space_group_name_H-M   'P 31'
#
loop_
_entity.id
_entity.type
_entity.pdbx_description
1 polymer BURRH
2 non-polymer 'SELENIUM ATOM'
3 water water
#
_entity_poly.entity_id   1
_entity_poly.type   'polypeptide(L)'
_entity_poly.pdbx_seq_one_letter_code
;STAFVDQDKQ(MSE)ANRLNLSPLERSKIEKQYGGATTLAFISNKQNELAQILSRADILKIASYDCAAHALQAVLDCGP
(MSE)LGKRGFSQSDIVKIAGNIGGAQALQAVLDLES(MSE)LGKRGFSRDDIAK(MSE)AGNIGGAQTLQAVLDLESAF
RERGFSQADIVKIAGNNGGAQALYSVLDVEPTLGKRGFSRADIVKIAGNTGGAQALHTVLDLEPALGKRGFSRIDIVKIA
ANNGGAQALHAVLDLGPTLRECGFSQATIAKIAGNIGGAQALQ(MSE)VLDLGPALGKRGFSQATIAKIAGNIGGAQALQ
TVLDLEPALCERGFSQATIAK(MSE)AGNNGGAQALQTVLDLEPALRKRDFRQADIIKIAGNDGGAQALQAVIEHGPTLR
QHGFNLADIVK(MSE)AGNIGGAQALQAVLDLKPVLDEHGFSQPDIVK(MSE)AGNIGGAQALQAVLSLGPALRERGFSQ
PDIVKIAGNTGGAQALQAVLDLELTLVEHGFSQPDIVRITGNRGGAQALQAVLALELTLRERGFSQPDIVKIAGNSGGAQ
ALQAVLDLELTFRERGFSQADIVKIAGNDGGTQALHAVLDLER(MSE)LGERGFSRADIVNVAGNNGGAQALKAVLEHEA
TLNERGFSRADIVKIAGNGGGAQALKAVLEHEATLDERGFSRADIVRIAGNGGGAQALKAVLEHGPTLNERGFNLTDIVE
(MSE)AANSGGAQALKAVLEHGPTLRQRGLSLIDIVEIASNGGAQALKAVLKYGPVL(MSE)QAGRSNEEIVHVAARRGG
AGRIRK(MSE)VAPLLERQGGSEFELENLYFQGELRRQASALE
;
_entity_poly.pdbx_strand_id   A,B
#
# COMPACT_ATOMS: atom_id res chain seq x y z
N LEU A 15 5.29 -9.42 -48.53
CA LEU A 15 5.38 -10.86 -48.36
C LEU A 15 4.01 -11.48 -48.12
N ASN A 16 3.95 -12.81 -48.18
CA ASN A 16 2.70 -13.52 -47.95
C ASN A 16 2.30 -13.52 -46.48
N LEU A 17 1.41 -12.61 -46.12
CA LEU A 17 0.90 -12.57 -44.75
C LEU A 17 -0.29 -13.49 -44.60
N SER A 18 -0.26 -14.34 -43.57
CA SER A 18 -1.39 -15.19 -43.25
C SER A 18 -2.53 -14.33 -42.73
N PRO A 19 -3.76 -14.88 -42.70
CA PRO A 19 -4.87 -14.13 -42.13
C PRO A 19 -4.62 -13.75 -40.67
N LEU A 20 -3.79 -14.52 -39.99
CA LEU A 20 -3.43 -14.23 -38.60
C LEU A 20 -2.50 -13.03 -38.49
N GLU A 21 -1.44 -13.03 -39.30
CA GLU A 21 -0.50 -11.92 -39.33
C GLU A 21 -1.22 -10.65 -39.74
N ARG A 22 -2.15 -10.78 -40.68
CA ARG A 22 -2.94 -9.65 -41.15
C ARG A 22 -3.87 -9.09 -40.08
N SER A 23 -4.72 -9.97 -39.54
CA SER A 23 -5.75 -9.56 -38.60
C SER A 23 -5.17 -9.06 -37.28
N LYS A 24 -3.91 -9.43 -37.01
CA LYS A 24 -3.21 -8.91 -35.84
C LYS A 24 -2.96 -7.42 -36.02
N ILE A 25 -2.61 -7.03 -37.24
CA ILE A 25 -2.29 -5.65 -37.56
C ILE A 25 -3.55 -4.80 -37.68
N GLU A 26 -4.61 -5.40 -38.23
CA GLU A 26 -5.87 -4.70 -38.45
C GLU A 26 -6.49 -4.15 -37.17
N LYS A 27 -6.23 -4.82 -36.05
CA LYS A 27 -6.78 -4.42 -34.77
C LYS A 27 -6.14 -3.15 -34.25
N GLN A 28 -4.89 -2.92 -34.63
CA GLN A 28 -4.17 -1.71 -34.25
C GLN A 28 -4.87 -0.47 -34.81
N TYR A 29 -4.74 0.65 -34.10
CA TYR A 29 -5.32 1.90 -34.58
C TYR A 29 -4.63 2.32 -35.88
N GLY A 30 -5.41 2.39 -36.96
CA GLY A 30 -4.87 2.71 -38.26
C GLY A 30 -4.20 1.49 -38.88
N GLY A 31 -4.67 0.31 -38.49
CA GLY A 31 -4.10 -0.94 -38.96
C GLY A 31 -4.28 -1.18 -40.44
N ALA A 32 -5.46 -0.84 -40.95
CA ALA A 32 -5.78 -1.03 -42.37
C ALA A 32 -4.85 -0.20 -43.26
N THR A 33 -4.50 0.99 -42.78
CA THR A 33 -3.57 1.86 -43.50
C THR A 33 -2.16 1.26 -43.49
N THR A 34 -1.79 0.69 -42.35
CA THR A 34 -0.48 0.06 -42.19
C THR A 34 -0.29 -1.09 -43.18
N LEU A 35 -1.29 -1.97 -43.25
CA LEU A 35 -1.28 -3.07 -44.20
C LEU A 35 -1.19 -2.57 -45.65
N ALA A 36 -1.94 -1.52 -45.95
CA ALA A 36 -1.95 -0.95 -47.29
C ALA A 36 -0.59 -0.37 -47.61
N PHE A 37 -0.02 0.35 -46.66
CA PHE A 37 1.28 0.98 -46.84
C PHE A 37 2.35 -0.07 -47.15
N ILE A 38 2.36 -1.14 -46.37
CA ILE A 38 3.30 -2.25 -46.58
C ILE A 38 3.16 -2.80 -47.99
N SER A 39 1.93 -3.00 -48.43
CA SER A 39 1.67 -3.51 -49.78
C SER A 39 2.11 -2.51 -50.85
N ASN A 40 1.71 -1.25 -50.68
CA ASN A 40 2.02 -0.21 -51.67
C ASN A 40 3.49 0.19 -51.70
N LYS A 41 4.22 -0.21 -50.67
CA LYS A 41 5.62 0.20 -50.55
C LYS A 41 6.55 -0.96 -50.22
N GLN A 42 6.13 -2.17 -50.59
CA GLN A 42 6.87 -3.38 -50.25
C GLN A 42 8.29 -3.40 -50.81
N ASN A 43 8.45 -2.96 -52.05
CA ASN A 43 9.77 -2.91 -52.67
C ASN A 43 10.71 -1.96 -51.96
N GLU A 44 10.21 -0.76 -51.66
CA GLU A 44 11.01 0.27 -50.99
C GLU A 44 11.45 -0.17 -49.60
N LEU A 45 10.55 -0.79 -48.85
CA LEU A 45 10.83 -1.22 -47.50
C LEU A 45 11.80 -2.40 -47.45
N ALA A 46 11.72 -3.27 -48.46
CA ALA A 46 12.56 -4.46 -48.51
C ALA A 46 14.04 -4.12 -48.68
N GLN A 47 14.31 -2.92 -49.17
CA GLN A 47 15.69 -2.47 -49.35
C GLN A 47 16.34 -2.14 -48.02
N ILE A 48 15.51 -1.87 -47.01
CA ILE A 48 16.01 -1.42 -45.71
C ILE A 48 15.80 -2.47 -44.62
N LEU A 49 14.66 -3.14 -44.66
CA LEU A 49 14.29 -4.04 -43.57
C LEU A 49 13.92 -5.43 -44.07
N SER A 50 14.08 -6.43 -43.20
CA SER A 50 13.63 -7.78 -43.48
C SER A 50 12.13 -7.85 -43.24
N ARG A 51 11.53 -9.01 -43.52
CA ARG A 51 10.10 -9.18 -43.30
C ARG A 51 9.74 -9.04 -41.83
N ALA A 52 10.50 -9.71 -40.98
CA ALA A 52 10.24 -9.70 -39.54
C ALA A 52 10.37 -8.29 -38.96
N ASP A 53 11.30 -7.51 -39.50
CA ASP A 53 11.50 -6.13 -39.05
C ASP A 53 10.27 -5.28 -39.37
N ILE A 54 9.71 -5.49 -40.55
CA ILE A 54 8.54 -4.74 -40.98
C ILE A 54 7.33 -5.06 -40.11
N LEU A 55 7.11 -6.34 -39.84
CA LEU A 55 5.96 -6.77 -39.05
C LEU A 55 6.07 -6.32 -37.59
N LYS A 56 7.29 -6.23 -37.08
CA LYS A 56 7.52 -5.75 -35.72
C LYS A 56 7.12 -4.28 -35.60
N ILE A 57 7.57 -3.48 -36.56
CA ILE A 57 7.21 -2.06 -36.59
C ILE A 57 5.71 -1.91 -36.81
N ALA A 58 5.16 -2.77 -37.67
CA ALA A 58 3.75 -2.71 -38.02
C ALA A 58 2.83 -3.10 -36.86
N SER A 59 3.39 -3.66 -35.80
CA SER A 59 2.59 -4.15 -34.68
C SER A 59 2.18 -3.05 -33.70
N TYR A 60 2.54 -1.81 -34.02
CA TYR A 60 2.16 -0.67 -33.19
C TYR A 60 1.13 0.22 -33.88
N ASP A 61 0.46 1.06 -33.11
CA ASP A 61 -0.53 1.99 -33.66
C ASP A 61 0.14 3.02 -34.56
N CYS A 62 -0.58 3.45 -35.60
CA CYS A 62 -0.12 4.48 -36.52
C CYS A 62 1.22 4.11 -37.18
N ALA A 63 1.43 2.82 -37.41
CA ALA A 63 2.70 2.33 -37.92
C ALA A 63 3.03 2.82 -39.32
N ALA A 64 2.02 3.30 -40.05
CA ALA A 64 2.24 3.83 -41.39
C ALA A 64 3.18 5.03 -41.33
N HIS A 65 2.98 5.87 -40.33
CA HIS A 65 3.85 7.02 -40.09
C HIS A 65 5.27 6.55 -39.82
N ALA A 66 5.39 5.50 -39.02
CA ALA A 66 6.69 4.95 -38.65
C ALA A 66 7.40 4.34 -39.86
N LEU A 67 6.63 3.61 -40.67
CA LEU A 67 7.19 2.97 -41.86
C LEU A 67 7.61 3.99 -42.91
N GLN A 68 6.84 5.06 -43.02
CA GLN A 68 7.17 6.16 -43.92
C GLN A 68 8.47 6.82 -43.45
N ALA A 69 8.62 6.93 -42.13
CA ALA A 69 9.81 7.50 -41.53
C ALA A 69 11.02 6.61 -41.78
N VAL A 70 10.79 5.30 -41.84
CA VAL A 70 11.85 4.36 -42.18
C VAL A 70 12.36 4.61 -43.59
N LEU A 71 11.43 4.81 -44.53
CA LEU A 71 11.78 5.10 -45.91
C LEU A 71 12.54 6.41 -46.03
N ASP A 72 12.14 7.39 -45.23
CA ASP A 72 12.72 8.72 -45.31
C ASP A 72 14.03 8.87 -44.54
N CYS A 73 14.20 8.07 -43.48
CA CYS A 73 15.36 8.21 -42.61
C CYS A 73 16.30 7.00 -42.69
N GLY A 74 15.73 5.82 -42.87
CA GLY A 74 16.47 4.57 -42.93
C GLY A 74 17.76 4.52 -43.73
N PRO A 75 17.73 4.94 -45.00
CA PRO A 75 18.95 4.89 -45.83
C PRO A 75 20.10 5.68 -45.23
N LEU A 77 20.51 6.65 -42.16
CA LEU A 77 20.90 6.06 -40.88
C LEU A 77 21.73 4.81 -41.07
N GLY A 78 21.49 4.10 -42.16
CA GLY A 78 22.31 2.95 -42.50
C GLY A 78 23.72 3.38 -42.80
N LYS A 79 23.87 4.44 -43.59
CA LYS A 79 25.18 4.98 -43.93
C LYS A 79 25.90 5.50 -42.70
N ARG A 80 25.13 5.98 -41.73
CA ARG A 80 25.71 6.63 -40.55
C ARG A 80 26.02 5.66 -39.41
N GLY A 81 25.83 4.37 -39.64
CA GLY A 81 26.28 3.36 -38.71
C GLY A 81 25.21 2.67 -37.87
N PHE A 82 23.94 2.86 -38.24
CA PHE A 82 22.85 2.22 -37.51
C PHE A 82 22.41 0.91 -38.16
N SER A 83 22.24 -0.12 -37.35
CA SER A 83 21.84 -1.43 -37.84
C SER A 83 20.34 -1.49 -38.11
N GLN A 84 19.90 -2.57 -38.75
CA GLN A 84 18.47 -2.81 -38.94
C GLN A 84 17.83 -3.00 -37.58
N SER A 85 18.56 -3.64 -36.66
CA SER A 85 18.07 -3.90 -35.32
C SER A 85 17.85 -2.60 -34.55
N ASP A 86 18.75 -1.64 -34.73
CA ASP A 86 18.61 -0.35 -34.06
C ASP A 86 17.46 0.44 -34.66
N ILE A 87 17.31 0.38 -35.97
CA ILE A 87 16.21 1.05 -36.65
C ILE A 87 14.86 0.54 -36.15
N VAL A 88 14.76 -0.77 -35.98
CA VAL A 88 13.53 -1.39 -35.49
C VAL A 88 13.26 -1.00 -34.05
N LYS A 89 14.31 -0.98 -33.23
CA LYS A 89 14.19 -0.58 -31.83
C LYS A 89 13.64 0.85 -31.71
N ILE A 90 14.08 1.72 -32.61
CA ILE A 90 13.69 3.13 -32.58
C ILE A 90 12.29 3.34 -33.15
N ALA A 91 12.04 2.79 -34.33
CA ALA A 91 10.79 3.01 -35.03
C ALA A 91 9.64 2.14 -34.50
N GLY A 92 9.98 0.96 -34.00
CA GLY A 92 8.99 0.02 -33.51
C GLY A 92 8.58 0.32 -32.09
N ASN A 93 7.81 1.39 -31.92
CA ASN A 93 7.37 1.86 -30.62
C ASN A 93 6.32 2.95 -30.82
N ILE A 94 5.69 3.37 -29.73
CA ILE A 94 4.78 4.51 -29.84
C ILE A 94 5.58 5.81 -29.91
N GLY A 95 5.36 6.57 -30.98
CA GLY A 95 6.16 7.75 -31.23
C GLY A 95 7.43 7.43 -32.00
N GLY A 96 7.46 6.24 -32.61
CA GLY A 96 8.62 5.78 -33.35
C GLY A 96 8.94 6.65 -34.55
N ALA A 97 7.91 7.12 -35.24
CA ALA A 97 8.08 8.00 -36.39
C ALA A 97 8.84 9.26 -35.99
N GLN A 98 8.44 9.86 -34.87
CA GLN A 98 9.11 11.04 -34.34
C GLN A 98 10.51 10.72 -33.83
N ALA A 99 10.66 9.55 -33.22
CA ALA A 99 11.93 9.14 -32.63
C ALA A 99 12.98 8.88 -33.70
N LEU A 100 12.55 8.28 -34.81
CA LEU A 100 13.46 7.97 -35.90
C LEU A 100 13.94 9.23 -36.59
N GLN A 101 13.05 10.21 -36.69
CA GLN A 101 13.41 11.50 -37.26
C GLN A 101 14.39 12.23 -36.34
N ALA A 102 14.13 12.14 -35.03
CA ALA A 102 14.97 12.81 -34.04
C ALA A 102 16.40 12.29 -34.07
N VAL A 103 16.55 10.99 -34.26
CA VAL A 103 17.87 10.38 -34.39
C VAL A 103 18.64 10.98 -35.55
N LEU A 104 17.99 11.03 -36.72
CA LEU A 104 18.62 11.55 -37.93
C LEU A 104 19.03 13.02 -37.79
N ASP A 105 18.27 13.78 -37.01
CA ASP A 105 18.56 15.20 -36.81
C ASP A 105 19.62 15.44 -35.73
N LEU A 106 19.83 14.46 -34.86
CA LEU A 106 20.65 14.68 -33.67
C LEU A 106 21.81 13.70 -33.49
N GLU A 107 21.87 12.66 -34.31
CA GLU A 107 22.91 11.63 -34.15
C GLU A 107 24.32 12.20 -34.24
N SER A 108 24.49 13.25 -35.05
CA SER A 108 25.80 13.85 -35.26
C SER A 108 26.27 14.57 -34.02
N LEU A 110 25.07 14.21 -30.97
CA LEU A 110 25.17 13.21 -29.91
C LEU A 110 26.48 12.43 -30.04
N GLY A 111 26.91 12.22 -31.28
CA GLY A 111 28.18 11.55 -31.54
C GLY A 111 29.33 12.36 -31.01
N LYS A 112 29.27 13.68 -31.22
CA LYS A 112 30.29 14.60 -30.73
C LYS A 112 30.47 14.48 -29.21
N ARG A 113 29.36 14.25 -28.52
CA ARG A 113 29.35 14.25 -27.05
C ARG A 113 29.88 12.94 -26.47
N GLY A 114 30.20 11.98 -27.33
CA GLY A 114 30.77 10.73 -26.88
C GLY A 114 29.74 9.62 -26.72
N PHE A 115 28.57 9.83 -27.30
CA PHE A 115 27.52 8.81 -27.29
C PHE A 115 27.65 7.90 -28.51
N SER A 116 27.69 6.60 -28.28
CA SER A 116 27.83 5.64 -29.36
C SER A 116 26.53 5.48 -30.14
N ARG A 117 26.61 4.75 -31.26
CA ARG A 117 25.42 4.44 -32.04
C ARG A 117 24.45 3.63 -31.19
N ASP A 118 24.99 2.70 -30.41
CA ASP A 118 24.19 1.85 -29.56
C ASP A 118 23.47 2.62 -28.46
N ASP A 119 24.15 3.63 -27.91
CA ASP A 119 23.56 4.45 -26.86
C ASP A 119 22.42 5.30 -27.41
N ILE A 120 22.65 5.86 -28.60
CA ILE A 120 21.65 6.69 -29.26
C ILE A 120 20.39 5.90 -29.56
N ALA A 121 20.56 4.67 -30.04
CA ALA A 121 19.42 3.82 -30.36
C ALA A 121 18.66 3.40 -29.10
N LYS A 122 19.40 3.06 -28.05
CA LYS A 122 18.81 2.68 -26.77
C LYS A 122 17.90 3.78 -26.24
N ALA A 124 16.68 6.45 -27.76
CA ALA A 124 15.59 6.76 -28.68
C ALA A 124 14.53 5.66 -28.68
N GLY A 125 14.92 4.49 -28.17
CA GLY A 125 14.01 3.36 -28.09
C GLY A 125 12.97 3.50 -27.00
N ASN A 126 13.13 4.51 -26.16
CA ASN A 126 12.13 4.80 -25.12
C ASN A 126 10.86 5.35 -25.73
N ILE A 127 9.77 5.26 -24.99
CA ILE A 127 8.54 5.94 -25.38
C ILE A 127 8.81 7.44 -25.33
N GLY A 128 8.54 8.11 -26.44
CA GLY A 128 8.88 9.52 -26.56
C GLY A 128 10.39 9.71 -26.56
N GLY A 129 11.08 8.83 -27.27
CA GLY A 129 12.54 8.87 -27.34
C GLY A 129 13.06 10.13 -28.00
N ALA A 130 12.22 10.78 -28.79
CA ALA A 130 12.60 12.04 -29.44
C ALA A 130 12.90 13.11 -28.39
N GLN A 131 12.08 13.16 -27.35
CA GLN A 131 12.27 14.12 -26.27
C GLN A 131 13.41 13.70 -25.34
N THR A 132 13.62 12.40 -25.23
CA THR A 132 14.74 11.88 -24.45
C THR A 132 16.06 12.39 -25.02
N LEU A 133 16.21 12.28 -26.34
CA LEU A 133 17.43 12.69 -27.02
C LEU A 133 17.70 14.19 -26.92
N GLN A 134 16.64 14.99 -27.05
CA GLN A 134 16.79 16.43 -26.95
C GLN A 134 17.16 16.83 -25.53
N ALA A 135 16.57 16.14 -24.55
CA ALA A 135 16.88 16.39 -23.15
C ALA A 135 18.34 16.09 -22.86
N VAL A 136 18.85 15.01 -23.45
CA VAL A 136 20.25 14.62 -23.28
C VAL A 136 21.19 15.69 -23.80
N LEU A 137 20.91 16.21 -24.99
CA LEU A 137 21.72 17.27 -25.57
C LEU A 137 21.70 18.53 -24.71
N ASP A 138 20.52 18.86 -24.18
CA ASP A 138 20.37 20.04 -23.35
C ASP A 138 21.15 19.93 -22.04
N LEU A 139 21.27 18.71 -21.53
CA LEU A 139 21.79 18.49 -20.18
C LEU A 139 23.14 17.79 -20.14
N GLU A 140 23.70 17.46 -21.29
CA GLU A 140 24.93 16.69 -21.35
C GLU A 140 26.10 17.41 -20.68
N SER A 141 26.21 18.72 -20.92
CA SER A 141 27.30 19.50 -20.35
C SER A 141 27.18 19.58 -18.83
N ALA A 142 25.94 19.66 -18.36
CA ALA A 142 25.68 19.73 -16.92
C ALA A 142 26.10 18.42 -16.24
N PHE A 143 25.71 17.29 -16.84
CA PHE A 143 26.06 15.98 -16.31
C PHE A 143 27.57 15.77 -16.32
N ARG A 144 28.21 16.15 -17.42
CA ARG A 144 29.65 15.98 -17.59
C ARG A 144 30.42 16.80 -16.56
N GLU A 145 29.95 18.01 -16.31
CA GLU A 145 30.56 18.90 -15.32
C GLU A 145 30.44 18.32 -13.93
N ARG A 146 29.39 17.53 -13.71
CA ARG A 146 29.11 16.95 -12.40
C ARG A 146 29.78 15.59 -12.21
N GLY A 147 30.47 15.11 -13.23
CA GLY A 147 31.26 13.90 -13.11
C GLY A 147 30.64 12.63 -13.65
N PHE A 148 29.47 12.75 -14.28
CA PHE A 148 28.79 11.59 -14.84
C PHE A 148 29.27 11.27 -16.24
N SER A 149 29.17 10.00 -16.63
CA SER A 149 29.62 9.57 -17.95
C SER A 149 28.43 9.47 -18.91
N GLN A 150 28.73 9.13 -20.17
CA GLN A 150 27.67 8.91 -21.16
C GLN A 150 26.83 7.70 -20.79
N ALA A 151 27.49 6.65 -20.31
CA ALA A 151 26.82 5.41 -19.95
C ALA A 151 25.84 5.60 -18.79
N ASP A 152 26.21 6.45 -17.84
CA ASP A 152 25.34 6.78 -16.72
C ASP A 152 24.07 7.44 -17.24
N ILE A 153 24.25 8.40 -18.15
CA ILE A 153 23.13 9.14 -18.74
C ILE A 153 22.16 8.19 -19.45
N VAL A 154 22.68 7.19 -20.14
CA VAL A 154 21.86 6.20 -20.81
C VAL A 154 21.00 5.42 -19.82
N LYS A 155 21.63 4.98 -18.73
CA LYS A 155 20.91 4.25 -17.68
C LYS A 155 19.85 5.12 -17.01
N ILE A 156 20.19 6.38 -16.79
CA ILE A 156 19.26 7.33 -16.19
C ILE A 156 18.06 7.56 -17.11
N ALA A 157 18.34 7.67 -18.41
CA ALA A 157 17.29 7.91 -19.40
C ALA A 157 16.46 6.67 -19.68
N GLY A 158 17.00 5.51 -19.33
CA GLY A 158 16.37 4.23 -19.62
C GLY A 158 15.03 4.00 -18.94
N ASN A 159 14.33 2.96 -19.40
CA ASN A 159 13.02 2.59 -18.87
C ASN A 159 12.02 3.74 -18.90
N ASN A 160 12.02 4.48 -19.99
CA ASN A 160 11.14 5.64 -20.18
C ASN A 160 11.32 6.72 -19.11
N GLY A 161 12.52 6.78 -18.54
CA GLY A 161 12.85 7.83 -17.59
C GLY A 161 12.75 9.20 -18.23
N GLY A 162 13.27 9.30 -19.45
CA GLY A 162 13.16 10.51 -20.25
C GLY A 162 13.77 11.73 -19.61
N ALA A 163 13.24 12.90 -19.98
CA ALA A 163 13.75 14.17 -19.48
C ALA A 163 13.59 14.29 -17.97
N GLN A 164 12.48 13.77 -17.45
CA GLN A 164 12.15 13.89 -16.04
C GLN A 164 13.16 13.18 -15.14
N ALA A 165 13.65 12.02 -15.59
CA ALA A 165 14.62 11.26 -14.83
C ALA A 165 15.97 11.97 -14.79
N LEU A 166 16.31 12.64 -15.88
CA LEU A 166 17.56 13.39 -15.96
C LEU A 166 17.52 14.61 -15.06
N TYR A 167 16.45 15.38 -15.13
CA TYR A 167 16.30 16.55 -14.28
C TYR A 167 16.20 16.17 -12.80
N SER A 168 15.60 15.01 -12.52
CA SER A 168 15.49 14.53 -11.15
C SER A 168 16.87 14.26 -10.56
N VAL A 169 17.72 13.61 -11.35
CA VAL A 169 19.09 13.32 -10.91
C VAL A 169 19.87 14.60 -10.64
N LEU A 170 19.82 15.53 -11.58
CA LEU A 170 20.50 16.81 -11.43
C LEU A 170 20.02 17.56 -10.18
N ASP A 171 18.74 17.42 -9.87
CA ASP A 171 18.14 18.15 -8.76
C ASP A 171 18.55 17.59 -7.39
N VAL A 172 18.70 16.29 -7.29
CA VAL A 172 18.96 15.65 -5.99
C VAL A 172 20.42 15.30 -5.75
N GLU A 173 21.19 15.17 -6.82
CA GLU A 173 22.59 14.72 -6.73
C GLU A 173 23.50 15.50 -5.78
N PRO A 174 23.52 16.85 -5.88
CA PRO A 174 24.44 17.59 -4.99
C PRO A 174 24.12 17.41 -3.52
N THR A 175 22.84 17.27 -3.19
CA THR A 175 22.44 17.03 -1.81
C THR A 175 22.81 15.63 -1.36
N LEU A 176 22.46 14.65 -2.19
CA LEU A 176 22.80 13.26 -1.90
C LEU A 176 24.30 13.08 -1.83
N GLY A 177 25.03 13.89 -2.59
CA GLY A 177 26.48 13.88 -2.54
C GLY A 177 26.99 14.31 -1.18
N LYS A 178 26.44 15.42 -0.69
CA LYS A 178 26.84 15.95 0.62
C LYS A 178 26.45 15.01 1.76
N ARG A 179 25.45 14.16 1.52
CA ARG A 179 24.97 13.22 2.53
CA ARG A 179 24.99 13.22 2.53
C ARG A 179 25.72 11.89 2.46
N GLY A 180 26.75 11.83 1.63
CA GLY A 180 27.58 10.65 1.52
C GLY A 180 27.04 9.56 0.61
N PHE A 181 26.48 9.95 -0.53
CA PHE A 181 26.10 9.00 -1.56
C PHE A 181 27.00 9.16 -2.76
N SER A 182 27.44 8.05 -3.35
CA SER A 182 28.32 8.10 -4.51
C SER A 182 27.49 8.24 -5.78
N ARG A 183 28.15 8.63 -6.87
CA ARG A 183 27.48 8.73 -8.16
C ARG A 183 27.04 7.35 -8.64
N ALA A 184 27.82 6.34 -8.29
CA ALA A 184 27.50 4.97 -8.64
C ALA A 184 26.23 4.50 -7.93
N ASP A 185 26.08 4.91 -6.67
CA ASP A 185 24.86 4.63 -5.92
C ASP A 185 23.67 5.29 -6.60
N ILE A 186 23.88 6.53 -7.02
CA ILE A 186 22.82 7.33 -7.64
C ILE A 186 22.36 6.75 -8.97
N VAL A 187 23.32 6.37 -9.82
CA VAL A 187 22.99 5.80 -11.11
C VAL A 187 22.29 4.46 -10.96
N LYS A 188 22.77 3.65 -10.03
CA LYS A 188 22.20 2.34 -9.74
C LYS A 188 20.72 2.45 -9.39
N ILE A 189 20.40 3.39 -8.49
CA ILE A 189 19.03 3.64 -8.08
C ILE A 189 18.19 4.16 -9.24
N ALA A 190 18.76 5.10 -9.98
CA ALA A 190 18.04 5.73 -11.09
C ALA A 190 17.77 4.79 -12.25
N GLY A 191 18.58 3.73 -12.35
CA GLY A 191 18.52 2.83 -13.49
C GLY A 191 17.23 2.04 -13.63
N ASN A 192 16.48 1.90 -12.54
CA ASN A 192 15.26 1.11 -12.56
C ASN A 192 14.02 1.89 -13.01
N THR A 193 12.93 1.16 -13.22
CA THR A 193 11.65 1.77 -13.49
C THR A 193 11.21 2.58 -12.29
N GLY A 194 10.98 3.87 -12.50
CA GLY A 194 10.60 4.75 -11.40
C GLY A 194 11.78 5.07 -10.51
N GLY A 195 12.99 4.90 -11.04
CA GLY A 195 14.20 5.15 -10.29
C GLY A 195 14.39 6.61 -9.92
N ALA A 196 13.87 7.49 -10.77
CA ALA A 196 13.94 8.93 -10.52
C ALA A 196 13.12 9.29 -9.29
N GLN A 197 11.93 8.71 -9.18
CA GLN A 197 11.07 8.90 -8.01
C GLN A 197 11.71 8.27 -6.79
N ALA A 198 12.45 7.19 -7.01
CA ALA A 198 13.16 6.53 -5.93
C ALA A 198 14.22 7.44 -5.33
N LEU A 199 14.89 8.20 -6.19
CA LEU A 199 15.92 9.14 -5.74
C LEU A 199 15.37 10.25 -4.85
N HIS A 200 14.23 10.82 -5.23
CA HIS A 200 13.58 11.82 -4.42
C HIS A 200 13.15 11.24 -3.07
N THR A 201 12.66 10.01 -3.10
CA THR A 201 12.25 9.31 -1.90
C THR A 201 13.43 9.07 -0.97
N VAL A 202 14.58 8.72 -1.55
CA VAL A 202 15.80 8.56 -0.77
C VAL A 202 16.15 9.87 -0.09
N LEU A 203 16.09 10.97 -0.84
CA LEU A 203 16.43 12.28 -0.31
C LEU A 203 15.55 12.70 0.86
N ASP A 204 14.25 12.41 0.76
CA ASP A 204 13.30 12.77 1.80
C ASP A 204 13.40 11.87 3.04
N LEU A 205 13.70 10.59 2.81
CA LEU A 205 13.60 9.59 3.88
C LEU A 205 14.92 9.23 4.53
N GLU A 206 16.03 9.52 3.86
CA GLU A 206 17.36 9.20 4.38
C GLU A 206 17.64 9.70 5.81
N PRO A 207 17.27 10.95 6.14
CA PRO A 207 17.56 11.41 7.51
C PRO A 207 16.83 10.59 8.58
N ALA A 208 15.57 10.23 8.33
CA ALA A 208 14.81 9.44 9.28
C ALA A 208 15.33 8.01 9.34
N LEU A 209 15.64 7.46 8.17
CA LEU A 209 16.21 6.12 8.07
C LEU A 209 17.51 6.00 8.87
N GLY A 210 18.36 7.00 8.75
CA GLY A 210 19.62 7.02 9.47
C GLY A 210 19.43 7.05 10.97
N LYS A 211 18.48 7.86 11.44
CA LYS A 211 18.20 7.96 12.86
C LYS A 211 17.56 6.69 13.41
N ARG A 212 16.89 5.94 12.53
CA ARG A 212 16.31 4.66 12.91
C ARG A 212 17.38 3.58 12.97
N GLY A 213 18.55 3.86 12.39
CA GLY A 213 19.69 2.97 12.49
C GLY A 213 20.09 2.26 11.21
N PHE A 214 19.62 2.77 10.07
CA PHE A 214 19.95 2.16 8.79
C PHE A 214 21.09 2.90 8.08
N SER A 215 22.07 2.13 7.60
CA SER A 215 23.23 2.71 6.95
C SER A 215 22.92 3.16 5.52
N ARG A 216 23.82 3.95 4.95
CA ARG A 216 23.70 4.39 3.56
C ARG A 216 23.62 3.19 2.63
N ILE A 217 24.41 2.18 2.95
CA ILE A 217 24.51 0.97 2.13
C ILE A 217 23.18 0.23 2.10
N ASP A 218 22.58 0.07 3.27
CA ASP A 218 21.25 -0.56 3.36
C ASP A 218 20.19 0.27 2.63
N ILE A 219 20.29 1.58 2.74
CA ILE A 219 19.35 2.47 2.07
C ILE A 219 19.48 2.38 0.56
N VAL A 220 20.72 2.45 0.07
CA VAL A 220 21.00 2.30 -1.36
C VAL A 220 20.50 0.94 -1.87
N LYS A 221 20.84 -0.11 -1.14
CA LYS A 221 20.44 -1.48 -1.49
C LYS A 221 18.93 -1.63 -1.57
N ILE A 222 18.23 -1.10 -0.58
CA ILE A 222 16.77 -1.15 -0.54
C ILE A 222 16.16 -0.37 -1.69
N ALA A 223 16.76 0.78 -2.00
CA ALA A 223 16.22 1.69 -3.01
C ALA A 223 16.55 1.30 -4.46
N ALA A 224 17.55 0.44 -4.64
CA ALA A 224 18.04 0.11 -5.98
C ALA A 224 17.34 -1.08 -6.63
N ASN A 225 16.19 -1.48 -6.06
CA ASN A 225 15.36 -2.50 -6.69
C ASN A 225 14.10 -1.85 -7.25
N ASN A 226 13.38 -2.58 -8.09
CA ASN A 226 12.04 -2.14 -8.47
C ASN A 226 11.17 -2.07 -7.22
N GLY A 227 10.34 -1.04 -7.13
CA GLY A 227 9.52 -0.84 -5.96
C GLY A 227 10.34 -0.41 -4.76
N GLY A 228 11.50 0.19 -5.03
CA GLY A 228 12.42 0.60 -3.99
C GLY A 228 11.91 1.74 -3.13
N ALA A 229 11.27 2.72 -3.76
CA ALA A 229 10.71 3.85 -3.04
C ALA A 229 9.66 3.35 -2.05
N GLN A 230 8.80 2.46 -2.51
CA GLN A 230 7.78 1.86 -1.67
C GLN A 230 8.41 1.04 -0.54
N ALA A 231 9.57 0.43 -0.82
CA ALA A 231 10.29 -0.36 0.18
C ALA A 231 10.88 0.53 1.27
N LEU A 232 11.43 1.66 0.88
CA LEU A 232 11.94 2.64 1.84
C LEU A 232 10.84 3.14 2.79
N HIS A 233 9.66 3.42 2.24
CA HIS A 233 8.52 3.83 3.05
C HIS A 233 8.10 2.73 4.01
N ALA A 234 8.13 1.49 3.53
CA ALA A 234 7.73 0.34 4.34
C ALA A 234 8.64 0.15 5.54
N VAL A 235 9.93 0.41 5.35
CA VAL A 235 10.88 0.32 6.45
C VAL A 235 10.56 1.30 7.58
N LEU A 236 10.24 2.54 7.20
CA LEU A 236 9.95 3.57 8.19
C LEU A 236 8.60 3.37 8.87
N ASP A 237 7.60 2.95 8.11
CA ASP A 237 6.24 2.84 8.61
C ASP A 237 5.94 1.52 9.31
N LEU A 238 6.62 0.46 8.90
CA LEU A 238 6.38 -0.87 9.46
C LEU A 238 7.46 -1.24 10.46
N GLY A 239 8.64 -0.64 10.29
CA GLY A 239 9.79 -0.90 11.14
C GLY A 239 9.56 -0.90 12.65
N PRO A 240 9.00 0.19 13.19
CA PRO A 240 8.71 0.28 14.62
C PRO A 240 7.86 -0.88 15.15
N THR A 241 6.84 -1.27 14.41
CA THR A 241 5.99 -2.39 14.83
C THR A 241 6.76 -3.71 14.77
N LEU A 242 7.62 -3.85 13.77
CA LEU A 242 8.43 -5.05 13.63
C LEU A 242 9.46 -5.15 14.74
N ARG A 243 10.05 -4.02 15.12
CA ARG A 243 11.00 -4.00 16.23
C ARG A 243 10.33 -4.39 17.53
N GLU A 244 9.09 -3.95 17.72
CA GLU A 244 8.32 -4.32 18.89
C GLU A 244 8.01 -5.82 18.87
N CYS A 245 8.01 -6.40 17.68
CA CYS A 245 7.80 -7.84 17.54
C CYS A 245 9.11 -8.60 17.66
N GLY A 246 10.19 -7.88 17.96
CA GLY A 246 11.47 -8.52 18.24
C GLY A 246 12.43 -8.61 17.07
N PHE A 247 12.08 -7.99 15.95
CA PHE A 247 12.94 -8.03 14.77
C PHE A 247 13.99 -6.93 14.79
N SER A 248 15.24 -7.30 14.51
CA SER A 248 16.34 -6.34 14.53
C SER A 248 16.33 -5.50 13.26
N GLN A 249 17.10 -4.42 13.27
CA GLN A 249 17.18 -3.51 12.13
C GLN A 249 17.93 -4.17 10.98
N ALA A 250 18.86 -5.06 11.30
CA ALA A 250 19.60 -5.79 10.27
C ALA A 250 18.68 -6.73 9.51
N THR A 251 17.78 -7.38 10.24
CA THR A 251 16.81 -8.28 9.63
C THR A 251 15.84 -7.51 8.74
N ILE A 252 15.31 -6.40 9.26
CA ILE A 252 14.37 -5.57 8.51
C ILE A 252 14.98 -5.10 7.20
N ALA A 253 16.23 -4.65 7.27
CA ALA A 253 16.95 -4.19 6.09
C ALA A 253 17.14 -5.31 5.05
N LYS A 254 17.50 -6.50 5.52
CA LYS A 254 17.71 -7.63 4.64
C LYS A 254 16.42 -8.02 3.92
N ILE A 255 15.33 -8.08 4.68
CA ILE A 255 14.03 -8.39 4.11
C ILE A 255 13.63 -7.34 3.08
N ALA A 256 13.86 -6.08 3.41
CA ALA A 256 13.50 -4.97 2.53
C ALA A 256 14.45 -4.86 1.36
N GLY A 257 15.63 -5.46 1.49
CA GLY A 257 16.68 -5.33 0.51
C GLY A 257 16.48 -6.11 -0.79
N ASN A 258 15.52 -7.04 -0.80
CA ASN A 258 15.21 -7.80 -2.00
C ASN A 258 14.07 -7.16 -2.77
N ILE A 259 13.94 -7.51 -4.04
CA ILE A 259 12.79 -7.07 -4.83
C ILE A 259 11.51 -7.58 -4.16
N GLY A 260 10.48 -6.75 -4.16
CA GLY A 260 9.25 -7.07 -3.46
C GLY A 260 9.45 -6.98 -1.95
N GLY A 261 10.40 -6.16 -1.54
CA GLY A 261 10.73 -6.01 -0.13
C GLY A 261 9.61 -5.44 0.71
N ALA A 262 8.91 -4.45 0.15
CA ALA A 262 7.80 -3.80 0.85
C ALA A 262 6.72 -4.80 1.20
N GLN A 263 6.35 -5.64 0.24
CA GLN A 263 5.32 -6.63 0.43
C GLN A 263 5.74 -7.70 1.45
N ALA A 264 7.03 -8.04 1.45
CA ALA A 264 7.55 -9.03 2.38
C ALA A 264 7.46 -8.54 3.83
N LEU A 265 7.81 -7.27 4.04
CA LEU A 265 7.71 -6.66 5.37
C LEU A 265 6.27 -6.66 5.86
N GLN A 266 5.35 -6.33 4.97
CA GLN A 266 3.93 -6.30 5.30
C GLN A 266 3.42 -7.69 5.67
N VAL A 268 5.26 -10.18 6.95
CA VAL A 268 5.79 -10.52 8.28
C VAL A 268 4.88 -9.90 9.33
N LEU A 269 4.44 -8.68 9.06
CA LEU A 269 3.57 -7.96 9.98
C LEU A 269 2.18 -8.59 10.02
N ASP A 270 1.65 -8.93 8.85
CA ASP A 270 0.29 -9.46 8.75
C ASP A 270 0.20 -10.94 9.11
N LEU A 271 1.18 -11.72 8.69
CA LEU A 271 1.12 -13.18 8.82
C LEU A 271 1.94 -13.70 10.00
N GLY A 272 2.90 -12.90 10.44
CA GLY A 272 3.76 -13.25 11.56
C GLY A 272 3.08 -13.83 12.79
N PRO A 273 2.11 -13.09 13.36
CA PRO A 273 1.35 -13.56 14.52
C PRO A 273 0.74 -14.95 14.34
N ALA A 274 0.02 -15.14 13.24
CA ALA A 274 -0.66 -16.42 13.00
C ALA A 274 0.31 -17.57 12.76
N LEU A 275 1.49 -17.25 12.23
CA LEU A 275 2.52 -18.26 11.99
C LEU A 275 3.15 -18.73 13.30
N GLY A 276 3.41 -17.78 14.20
CA GLY A 276 3.96 -18.10 15.50
C GLY A 276 3.03 -18.96 16.33
N LYS A 277 1.73 -18.68 16.23
CA LYS A 277 0.73 -19.44 16.98
C LYS A 277 0.63 -20.88 16.48
N ARG A 278 1.12 -21.12 15.26
CA ARG A 278 1.15 -22.48 14.73
C ARG A 278 2.46 -23.18 15.10
N GLY A 279 3.44 -22.39 15.58
CA GLY A 279 4.66 -22.95 16.12
C GLY A 279 5.96 -22.45 15.52
N PHE A 280 5.87 -21.62 14.48
CA PHE A 280 7.07 -21.12 13.82
C PHE A 280 7.74 -20.02 14.64
N SER A 281 9.06 -20.13 14.79
CA SER A 281 9.83 -19.15 15.54
C SER A 281 9.97 -17.87 14.72
N GLN A 282 10.39 -16.80 15.38
CA GLN A 282 10.60 -15.53 14.69
C GLN A 282 11.81 -15.58 13.78
N ALA A 283 12.83 -16.32 14.22
CA ALA A 283 14.02 -16.53 13.39
C ALA A 283 13.64 -17.22 12.09
N THR A 284 12.76 -18.21 12.19
CA THR A 284 12.28 -18.94 11.03
C THR A 284 11.48 -18.02 10.10
N ILE A 285 10.55 -17.26 10.68
CA ILE A 285 9.74 -16.32 9.93
C ILE A 285 10.62 -15.32 9.17
N ALA A 286 11.64 -14.81 9.85
CA ALA A 286 12.56 -13.86 9.25
C ALA A 286 13.35 -14.48 8.09
N LYS A 287 13.73 -15.75 8.26
CA LYS A 287 14.51 -16.43 7.23
C LYS A 287 13.68 -16.63 5.96
N ILE A 288 12.44 -17.07 6.15
CA ILE A 288 11.53 -17.27 5.03
C ILE A 288 11.28 -15.97 4.29
N ALA A 289 11.22 -14.87 5.05
CA ALA A 289 10.92 -13.57 4.49
C ALA A 289 12.14 -12.91 3.83
N GLY A 290 13.32 -13.33 4.25
CA GLY A 290 14.55 -12.68 3.82
C GLY A 290 15.07 -13.06 2.45
N ASN A 291 14.35 -13.95 1.76
CA ASN A 291 14.72 -14.29 0.38
C ASN A 291 13.82 -13.57 -0.60
N ILE A 292 14.24 -13.54 -1.86
CA ILE A 292 13.38 -13.05 -2.93
C ILE A 292 12.11 -13.89 -2.95
N GLY A 293 10.96 -13.22 -3.06
CA GLY A 293 9.69 -13.90 -3.04
C GLY A 293 9.30 -14.34 -1.64
N GLY A 294 9.93 -13.71 -0.65
CA GLY A 294 9.67 -14.05 0.73
C GLY A 294 8.21 -13.87 1.13
N ALA A 295 7.58 -12.85 0.55
CA ALA A 295 6.16 -12.58 0.82
C ALA A 295 5.28 -13.74 0.38
N GLN A 296 5.55 -14.26 -0.81
CA GLN A 296 4.80 -15.38 -1.35
C GLN A 296 5.07 -16.64 -0.53
N ALA A 297 6.30 -16.79 -0.06
CA ALA A 297 6.69 -17.94 0.73
C ALA A 297 5.96 -17.93 2.07
N LEU A 298 5.94 -16.78 2.72
CA LEU A 298 5.21 -16.63 3.98
C LEU A 298 3.74 -16.95 3.81
N GLN A 299 3.14 -16.39 2.77
CA GLN A 299 1.72 -16.62 2.50
C GLN A 299 1.45 -18.09 2.20
N THR A 300 2.34 -18.70 1.43
CA THR A 300 2.16 -20.09 1.03
C THR A 300 2.29 -21.04 2.22
N VAL A 301 3.16 -20.68 3.17
CA VAL A 301 3.27 -21.45 4.39
C VAL A 301 1.94 -21.45 5.11
N LEU A 302 1.43 -20.25 5.39
CA LEU A 302 0.16 -20.09 6.09
C LEU A 302 -0.98 -20.83 5.38
N ASP A 303 -1.00 -20.74 4.06
CA ASP A 303 -2.06 -21.34 3.27
C ASP A 303 -1.95 -22.87 3.16
N LEU A 304 -0.73 -23.37 3.00
CA LEU A 304 -0.55 -24.78 2.67
C LEU A 304 -0.08 -25.67 3.83
N GLU A 305 0.45 -25.08 4.89
CA GLU A 305 0.88 -25.84 6.06
C GLU A 305 -0.16 -26.83 6.62
N PRO A 306 -1.44 -26.42 6.68
CA PRO A 306 -2.45 -27.40 7.14
C PRO A 306 -2.52 -28.64 6.26
N ALA A 307 -2.51 -28.46 4.95
CA ALA A 307 -2.60 -29.59 4.03
C ALA A 307 -1.33 -30.45 4.06
N LEU A 308 -0.18 -29.79 4.19
CA LEU A 308 1.09 -30.50 4.24
C LEU A 308 1.21 -31.33 5.51
N CYS A 309 0.69 -30.80 6.62
CA CYS A 309 0.68 -31.53 7.88
C CYS A 309 -0.25 -32.73 7.80
N GLU A 310 -1.34 -32.57 7.04
CA GLU A 310 -2.29 -33.66 6.85
C GLU A 310 -1.76 -34.73 5.92
N ARG A 311 -0.64 -34.42 5.25
CA ARG A 311 0.06 -35.43 4.44
C ARG A 311 1.20 -36.06 5.23
N GLY A 312 1.56 -35.45 6.35
CA GLY A 312 2.54 -36.05 7.25
C GLY A 312 3.82 -35.24 7.46
N PHE A 313 4.01 -34.18 6.68
CA PHE A 313 5.20 -33.35 6.80
C PHE A 313 5.24 -32.66 8.17
N SER A 314 6.40 -32.71 8.82
CA SER A 314 6.56 -32.05 10.12
C SER A 314 6.65 -30.54 9.92
N GLN A 315 6.66 -29.81 11.04
CA GLN A 315 6.69 -28.35 10.97
C GLN A 315 8.08 -27.85 10.59
N ALA A 316 9.12 -28.48 11.13
CA ALA A 316 10.48 -28.14 10.80
C ALA A 316 10.78 -28.40 9.32
N THR A 317 10.14 -29.41 8.77
CA THR A 317 10.28 -29.76 7.37
C THR A 317 9.67 -28.68 6.48
N ILE A 318 8.46 -28.26 6.82
CA ILE A 318 7.77 -27.21 6.08
C ILE A 318 8.57 -25.92 6.13
N ALA A 319 9.04 -25.57 7.33
CA ALA A 319 9.82 -24.36 7.53
C ALA A 319 11.11 -24.35 6.73
N LYS A 320 11.71 -25.53 6.55
CA LYS A 320 12.95 -25.65 5.82
C LYS A 320 12.76 -25.50 4.31
N ALA A 322 10.47 -23.86 2.96
CA ALA A 322 10.05 -22.47 2.73
C ALA A 322 11.20 -21.49 2.90
N GLY A 323 12.21 -21.89 3.67
CA GLY A 323 13.32 -21.02 3.99
C GLY A 323 14.36 -20.86 2.89
N ASN A 324 14.13 -21.52 1.76
CA ASN A 324 15.05 -21.41 0.64
C ASN A 324 14.49 -20.51 -0.44
N ASN A 325 15.34 -20.11 -1.38
CA ASN A 325 14.87 -19.41 -2.57
C ASN A 325 13.91 -20.29 -3.36
N GLY A 326 12.80 -19.71 -3.80
CA GLY A 326 11.77 -20.48 -4.48
C GLY A 326 10.96 -21.28 -3.49
N GLY A 327 11.02 -20.87 -2.22
CA GLY A 327 10.32 -21.55 -1.15
C GLY A 327 8.83 -21.72 -1.37
N ALA A 328 8.19 -20.70 -1.93
CA ALA A 328 6.76 -20.74 -2.20
C ALA A 328 6.42 -21.80 -3.24
N GLN A 329 7.22 -21.85 -4.31
CA GLN A 329 7.02 -22.87 -5.34
C GLN A 329 7.27 -24.27 -4.82
N ALA A 330 8.25 -24.39 -3.92
CA ALA A 330 8.61 -25.69 -3.34
C ALA A 330 7.43 -26.31 -2.60
N LEU A 331 6.84 -25.55 -1.69
CA LEU A 331 5.70 -26.02 -0.92
C LEU A 331 4.53 -26.41 -1.82
N GLN A 332 4.20 -25.55 -2.77
CA GLN A 332 3.09 -25.80 -3.67
C GLN A 332 3.33 -27.04 -4.54
N THR A 333 4.54 -27.15 -5.09
CA THR A 333 4.90 -28.29 -5.91
C THR A 333 4.94 -29.57 -5.08
N VAL A 334 5.44 -29.46 -3.86
CA VAL A 334 5.48 -30.62 -2.96
C VAL A 334 4.08 -31.14 -2.64
N LEU A 335 3.13 -30.23 -2.46
CA LEU A 335 1.76 -30.63 -2.16
C LEU A 335 1.13 -31.30 -3.37
N ASP A 336 1.51 -30.82 -4.56
CA ASP A 336 0.94 -31.33 -5.81
C ASP A 336 1.58 -32.67 -6.24
N LEU A 337 2.89 -32.80 -6.07
CA LEU A 337 3.61 -33.95 -6.61
C LEU A 337 3.76 -35.13 -5.65
N GLU A 338 3.66 -34.86 -4.35
CA GLU A 338 3.80 -35.90 -3.32
C GLU A 338 2.99 -37.18 -3.55
N PRO A 339 1.71 -37.05 -3.95
CA PRO A 339 0.96 -38.29 -4.21
C PRO A 339 1.59 -39.16 -5.30
N ALA A 340 1.89 -38.57 -6.45
CA ALA A 340 2.46 -39.31 -7.57
C ALA A 340 3.86 -39.83 -7.23
N LEU A 341 4.62 -39.06 -6.46
CA LEU A 341 5.95 -39.48 -6.03
C LEU A 341 5.86 -40.68 -5.11
N ARG A 342 4.88 -40.66 -4.22
CA ARG A 342 4.65 -41.75 -3.29
C ARG A 342 4.24 -43.03 -4.01
N LYS A 343 3.46 -42.88 -5.08
CA LYS A 343 3.04 -44.00 -5.91
C LYS A 343 4.26 -44.72 -6.47
N ARG A 344 5.30 -43.94 -6.76
CA ARG A 344 6.53 -44.49 -7.33
C ARG A 344 7.47 -44.95 -6.22
N ASP A 345 6.90 -45.14 -5.04
CA ASP A 345 7.60 -45.70 -3.88
C ASP A 345 8.74 -44.83 -3.34
N PHE A 346 8.68 -43.53 -3.62
CA PHE A 346 9.54 -42.58 -2.93
C PHE A 346 9.03 -42.45 -1.51
N ARG A 347 9.95 -42.53 -0.54
CA ARG A 347 9.56 -42.26 0.84
C ARG A 347 9.49 -40.76 1.05
N GLN A 348 8.87 -40.34 2.16
CA GLN A 348 8.69 -38.92 2.41
C GLN A 348 10.03 -38.22 2.58
N ALA A 349 10.97 -38.90 3.23
CA ALA A 349 12.29 -38.34 3.48
C ALA A 349 13.04 -38.02 2.19
N ASP A 350 12.84 -38.83 1.17
CA ASP A 350 13.47 -38.60 -0.13
C ASP A 350 12.86 -37.39 -0.83
N ILE A 351 11.53 -37.31 -0.81
CA ILE A 351 10.82 -36.16 -1.36
C ILE A 351 11.32 -34.87 -0.71
N ILE A 352 11.45 -34.90 0.61
CA ILE A 352 11.91 -33.75 1.38
C ILE A 352 13.34 -33.35 1.00
N LYS A 353 14.21 -34.36 0.83
CA LYS A 353 15.59 -34.11 0.45
C LYS A 353 15.68 -33.37 -0.87
N ILE A 354 14.85 -33.79 -1.82
CA ILE A 354 14.83 -33.20 -3.15
C ILE A 354 14.28 -31.77 -3.13
N ALA A 355 13.30 -31.52 -2.27
CA ALA A 355 12.63 -30.23 -2.22
C ALA A 355 13.29 -29.23 -1.27
N GLY A 356 14.14 -29.73 -0.38
CA GLY A 356 14.70 -28.91 0.68
C GLY A 356 15.93 -28.10 0.30
N ASN A 357 16.13 -27.88 -1.00
CA ASN A 357 17.21 -27.03 -1.47
C ASN A 357 16.63 -25.88 -2.28
N ASP A 358 17.47 -24.92 -2.64
CA ASP A 358 17.09 -23.87 -3.59
C ASP A 358 16.67 -24.53 -4.89
N GLY A 359 15.54 -24.12 -5.44
CA GLY A 359 15.04 -24.69 -6.68
C GLY A 359 14.51 -26.10 -6.50
N GLY A 360 14.08 -26.41 -5.28
CA GLY A 360 13.56 -27.73 -4.97
C GLY A 360 12.35 -28.10 -5.80
N ALA A 361 11.52 -27.10 -6.11
CA ALA A 361 10.33 -27.32 -6.92
C ALA A 361 10.70 -27.83 -8.31
N GLN A 362 11.73 -27.24 -8.90
CA GLN A 362 12.20 -27.67 -10.22
C GLN A 362 12.76 -29.08 -10.16
N ALA A 363 13.44 -29.39 -9.05
CA ALA A 363 14.03 -30.71 -8.86
C ALA A 363 12.95 -31.78 -8.76
N LEU A 364 11.89 -31.48 -8.01
CA LEU A 364 10.74 -32.39 -7.90
C LEU A 364 10.12 -32.64 -9.26
N GLN A 365 9.92 -31.57 -10.03
CA GLN A 365 9.31 -31.68 -11.34
C GLN A 365 10.22 -32.45 -12.28
N ALA A 366 11.53 -32.28 -12.11
CA ALA A 366 12.51 -33.02 -12.90
C ALA A 366 12.42 -34.51 -12.63
N VAL A 367 12.25 -34.85 -11.35
CA VAL A 367 12.11 -36.26 -10.96
C VAL A 367 10.87 -36.88 -11.57
N ILE A 368 9.75 -36.15 -11.54
CA ILE A 368 8.50 -36.62 -12.13
C ILE A 368 8.65 -36.80 -13.64
N GLU A 369 9.27 -35.81 -14.28
CA GLU A 369 9.39 -35.82 -15.73
C GLU A 369 10.41 -36.82 -16.26
N HIS A 370 11.55 -36.92 -15.59
CA HIS A 370 12.66 -37.71 -16.13
C HIS A 370 12.89 -39.04 -15.41
N GLY A 371 12.32 -39.16 -14.21
CA GLY A 371 12.46 -40.36 -13.39
C GLY A 371 12.27 -41.69 -14.10
N PRO A 372 11.08 -41.91 -14.68
CA PRO A 372 10.79 -43.13 -15.46
C PRO A 372 11.87 -43.48 -16.48
N THR A 373 12.34 -42.50 -17.23
CA THR A 373 13.38 -42.74 -18.23
C THR A 373 14.70 -43.13 -17.56
N LEU A 374 15.00 -42.49 -16.44
CA LEU A 374 16.23 -42.77 -15.70
C LEU A 374 16.24 -44.21 -15.17
N ARG A 375 15.09 -44.66 -14.67
CA ARG A 375 14.93 -46.03 -14.20
C ARG A 375 15.26 -47.00 -15.33
N GLN A 376 14.74 -46.72 -16.51
CA GLN A 376 14.94 -47.57 -17.67
C GLN A 376 16.41 -47.63 -18.09
N HIS A 377 17.16 -46.60 -17.70
CA HIS A 377 18.59 -46.56 -18.00
C HIS A 377 19.42 -47.24 -16.92
N GLY A 378 18.76 -47.74 -15.88
CA GLY A 378 19.44 -48.51 -14.85
C GLY A 378 19.62 -47.82 -13.52
N PHE A 379 19.32 -46.53 -13.46
CA PHE A 379 19.43 -45.79 -12.19
C PHE A 379 18.29 -46.20 -11.28
N ASN A 380 18.57 -46.38 -9.99
CA ASN A 380 17.51 -46.65 -9.03
C ASN A 380 17.04 -45.38 -8.33
N LEU A 381 16.16 -45.53 -7.35
CA LEU A 381 15.63 -44.38 -6.61
C LEU A 381 16.74 -43.62 -5.90
N ALA A 382 17.60 -44.35 -5.20
CA ALA A 382 18.71 -43.75 -4.47
C ALA A 382 19.60 -42.90 -5.36
N ASP A 383 19.87 -43.38 -6.57
CA ASP A 383 20.67 -42.63 -7.54
C ASP A 383 19.98 -41.33 -7.93
N ILE A 384 18.69 -41.42 -8.22
CA ILE A 384 17.89 -40.26 -8.59
C ILE A 384 17.84 -39.26 -7.44
N VAL A 385 17.58 -39.76 -6.23
CA VAL A 385 17.53 -38.93 -5.04
C VAL A 385 18.85 -38.21 -4.80
N LYS A 386 19.96 -38.91 -5.06
CA LYS A 386 21.28 -38.34 -4.85
C LYS A 386 21.58 -37.23 -5.86
N ALA A 388 19.33 -35.52 -7.70
CA ALA A 388 18.33 -34.45 -7.62
C ALA A 388 18.36 -33.73 -6.28
N GLY A 389 18.95 -34.37 -5.28
CA GLY A 389 18.93 -33.86 -3.91
C GLY A 389 19.98 -32.81 -3.61
N ASN A 390 20.50 -32.16 -4.65
CA ASN A 390 21.41 -31.05 -4.48
C ASN A 390 20.87 -29.80 -5.15
N ILE A 391 21.44 -28.65 -4.81
CA ILE A 391 21.17 -27.43 -5.55
C ILE A 391 21.59 -27.67 -6.99
N GLY A 392 20.73 -27.29 -7.93
CA GLY A 392 20.99 -27.55 -9.33
C GLY A 392 20.62 -28.97 -9.70
N GLY A 393 19.85 -29.62 -8.84
CA GLY A 393 19.46 -31.00 -9.04
C GLY A 393 18.67 -31.22 -10.31
N ALA A 394 17.80 -30.27 -10.64
CA ALA A 394 16.99 -30.37 -11.84
C ALA A 394 17.85 -30.38 -13.09
N GLN A 395 18.89 -29.54 -13.09
CA GLN A 395 19.79 -29.44 -14.24
C GLN A 395 20.68 -30.66 -14.34
N ALA A 396 20.97 -31.28 -13.19
CA ALA A 396 21.77 -32.50 -13.16
C ALA A 396 21.03 -33.65 -13.86
N LEU A 397 19.78 -33.86 -13.48
CA LEU A 397 18.96 -34.90 -14.10
C LEU A 397 18.80 -34.65 -15.58
N GLN A 398 18.56 -33.39 -15.94
CA GLN A 398 18.38 -33.00 -17.34
C GLN A 398 19.65 -33.31 -18.12
N ALA A 399 20.80 -32.95 -17.53
CA ALA A 399 22.09 -33.17 -18.18
C ALA A 399 22.35 -34.65 -18.42
N VAL A 400 21.95 -35.48 -17.47
CA VAL A 400 22.13 -36.92 -17.59
C VAL A 400 21.42 -37.48 -18.81
N LEU A 401 20.15 -37.09 -18.98
CA LEU A 401 19.35 -37.56 -20.11
C LEU A 401 19.83 -37.01 -21.44
N ASP A 402 20.26 -35.75 -21.46
CA ASP A 402 20.70 -35.12 -22.70
C ASP A 402 22.07 -35.62 -23.17
N LEU A 403 22.94 -35.95 -22.21
CA LEU A 403 24.31 -36.31 -22.55
C LEU A 403 24.53 -37.83 -22.57
N LYS A 404 23.51 -38.58 -22.20
CA LYS A 404 23.61 -40.04 -22.08
C LYS A 404 24.20 -40.79 -23.29
N PRO A 405 23.77 -40.44 -24.53
CA PRO A 405 24.35 -41.15 -25.67
C PRO A 405 25.85 -40.91 -25.81
N VAL A 406 26.30 -39.69 -25.52
CA VAL A 406 27.72 -39.37 -25.60
C VAL A 406 28.47 -39.98 -24.41
N LEU A 407 27.82 -40.01 -23.27
CA LEU A 407 28.36 -40.65 -22.08
C LEU A 407 28.56 -42.14 -22.33
N ASP A 408 27.60 -42.75 -23.01
CA ASP A 408 27.70 -44.17 -23.36
C ASP A 408 28.84 -44.43 -24.33
N GLU A 409 28.98 -43.57 -25.34
CA GLU A 409 30.03 -43.71 -26.34
C GLU A 409 31.41 -43.62 -25.71
N HIS A 410 31.58 -42.66 -24.81
CA HIS A 410 32.86 -42.45 -24.14
C HIS A 410 33.19 -43.60 -23.18
N GLY A 411 32.17 -44.34 -22.78
CA GLY A 411 32.37 -45.54 -21.97
C GLY A 411 32.26 -45.33 -20.47
N PHE A 412 31.57 -44.28 -20.07
CA PHE A 412 31.35 -44.03 -18.65
C PHE A 412 30.27 -44.96 -18.10
N SER A 413 30.56 -45.61 -16.99
CA SER A 413 29.58 -46.47 -16.35
C SER A 413 28.50 -45.64 -15.67
N GLN A 414 27.42 -46.30 -15.32
CA GLN A 414 26.34 -45.66 -14.58
C GLN A 414 26.78 -45.17 -13.18
N PRO A 415 27.57 -45.97 -12.45
CA PRO A 415 28.12 -45.43 -11.19
C PRO A 415 29.03 -44.22 -11.40
N ASP A 416 29.78 -44.20 -12.49
CA ASP A 416 30.61 -43.04 -12.81
C ASP A 416 29.73 -41.81 -12.98
N ILE A 417 28.58 -42.01 -13.62
CA ILE A 417 27.64 -40.92 -13.86
C ILE A 417 27.04 -40.39 -12.56
N VAL A 418 26.54 -41.30 -11.73
CA VAL A 418 25.94 -40.94 -10.45
C VAL A 418 26.94 -40.16 -9.59
N LYS A 419 28.20 -40.55 -9.68
CA LYS A 419 29.24 -39.95 -8.85
C LYS A 419 29.56 -38.50 -9.22
N ALA A 421 27.68 -36.53 -11.15
CA ALA A 421 26.47 -35.76 -11.28
C ALA A 421 25.77 -35.61 -9.92
N GLY A 422 26.20 -36.43 -8.96
CA GLY A 422 25.59 -36.45 -7.64
C GLY A 422 26.18 -35.45 -6.67
N ASN A 423 26.94 -34.50 -7.20
CA ASN A 423 27.47 -33.41 -6.39
C ASN A 423 26.86 -32.08 -6.83
N ILE A 424 27.02 -31.06 -6.00
CA ILE A 424 26.69 -29.70 -6.41
C ILE A 424 27.52 -29.34 -7.64
N GLY A 425 26.84 -28.93 -8.70
CA GLY A 425 27.51 -28.59 -9.94
C GLY A 425 27.63 -29.78 -10.88
N GLY A 426 26.84 -30.81 -10.59
CA GLY A 426 26.91 -32.06 -11.33
C GLY A 426 26.67 -31.93 -12.82
N ALA A 427 25.77 -31.03 -13.21
CA ALA A 427 25.48 -30.78 -14.61
C ALA A 427 26.72 -30.30 -15.34
N GLN A 428 27.42 -29.35 -14.73
CA GLN A 428 28.63 -28.79 -15.31
C GLN A 428 29.77 -29.80 -15.32
N ALA A 429 29.78 -30.69 -14.34
CA ALA A 429 30.79 -31.74 -14.27
C ALA A 429 30.68 -32.72 -15.43
N LEU A 430 29.45 -33.10 -15.74
CA LEU A 430 29.19 -33.99 -16.88
C LEU A 430 29.61 -33.33 -18.19
N GLN A 431 29.22 -32.07 -18.36
CA GLN A 431 29.54 -31.33 -19.57
C GLN A 431 31.05 -31.13 -19.73
N ALA A 432 31.72 -30.84 -18.63
CA ALA A 432 33.17 -30.65 -18.64
C ALA A 432 33.89 -31.95 -18.96
N VAL A 433 33.35 -33.07 -18.50
CA VAL A 433 34.02 -34.36 -18.70
C VAL A 433 33.93 -34.84 -20.14
N LEU A 434 32.90 -34.41 -20.86
CA LEU A 434 32.72 -34.80 -22.25
C LEU A 434 33.50 -33.85 -23.15
N SER A 435 33.70 -32.63 -22.67
CA SER A 435 34.43 -31.62 -23.42
C SER A 435 35.93 -31.77 -23.26
N LEU A 436 36.36 -32.10 -22.05
CA LEU A 436 37.78 -32.11 -21.72
C LEU A 436 38.35 -33.53 -21.59
N GLY A 437 37.46 -34.49 -21.42
CA GLY A 437 37.85 -35.89 -21.23
C GLY A 437 38.79 -36.47 -22.28
N PRO A 438 38.35 -36.50 -23.56
CA PRO A 438 39.17 -37.02 -24.66
C PRO A 438 40.52 -36.32 -24.75
N ALA A 439 40.55 -35.03 -24.47
CA ALA A 439 41.79 -34.28 -24.48
C ALA A 439 42.73 -34.79 -23.39
N LEU A 440 42.17 -35.05 -22.21
CA LEU A 440 42.96 -35.53 -21.08
C LEU A 440 43.43 -36.97 -21.27
N ARG A 441 42.62 -37.78 -21.96
CA ARG A 441 43.01 -39.16 -22.23
C ARG A 441 44.18 -39.21 -23.21
N GLU A 442 44.21 -38.26 -24.14
CA GLU A 442 45.30 -38.19 -25.11
C GLU A 442 46.57 -37.70 -24.45
N ARG A 443 46.42 -36.98 -23.34
CA ARG A 443 47.56 -36.54 -22.54
C ARG A 443 48.15 -37.69 -21.74
N GLY A 444 47.38 -38.75 -21.58
CA GLY A 444 47.84 -39.94 -20.89
C GLY A 444 47.05 -40.29 -19.65
N PHE A 445 46.13 -39.40 -19.26
CA PHE A 445 45.30 -39.63 -18.08
C PHE A 445 44.29 -40.75 -18.30
N SER A 446 44.17 -41.64 -17.31
CA SER A 446 43.24 -42.75 -17.41
C SER A 446 41.82 -42.26 -17.20
N GLN A 447 40.86 -43.02 -17.70
CA GLN A 447 39.45 -42.70 -17.48
C GLN A 447 39.02 -42.73 -16.00
N PRO A 448 39.46 -43.76 -15.23
CA PRO A 448 39.11 -43.73 -13.80
C PRO A 448 39.67 -42.51 -13.07
N ASP A 449 40.85 -42.04 -13.45
CA ASP A 449 41.40 -40.83 -12.85
C ASP A 449 40.61 -39.58 -13.25
N ILE A 450 40.10 -39.59 -14.48
CA ILE A 450 39.28 -38.50 -14.98
C ILE A 450 37.96 -38.42 -14.22
N VAL A 451 37.37 -39.58 -13.94
CA VAL A 451 36.17 -39.65 -13.15
C VAL A 451 36.41 -39.17 -11.72
N LYS A 452 37.56 -39.56 -11.16
CA LYS A 452 37.96 -39.13 -9.83
C LYS A 452 38.03 -37.61 -9.71
N ILE A 453 38.66 -36.98 -10.69
CA ILE A 453 38.82 -35.53 -10.70
C ILE A 453 37.48 -34.82 -10.91
N ALA A 454 36.69 -35.35 -11.83
CA ALA A 454 35.37 -34.79 -12.12
C ALA A 454 34.39 -35.11 -11.00
N GLY A 455 34.74 -36.09 -10.18
CA GLY A 455 33.82 -36.64 -9.20
C GLY A 455 33.64 -35.87 -7.91
N ASN A 456 34.16 -34.65 -7.84
CA ASN A 456 33.94 -33.80 -6.68
C ASN A 456 33.28 -32.49 -7.10
N THR A 457 32.73 -31.77 -6.12
CA THR A 457 32.22 -30.43 -6.37
C THR A 457 33.37 -29.57 -6.86
N GLY A 458 33.13 -28.81 -7.92
CA GLY A 458 34.18 -28.02 -8.55
C GLY A 458 34.97 -28.85 -9.55
N GLY A 459 34.45 -30.04 -9.85
CA GLY A 459 35.11 -30.97 -10.74
C GLY A 459 35.35 -30.40 -12.13
N ALA A 460 34.41 -29.59 -12.60
CA ALA A 460 34.51 -28.95 -13.90
C ALA A 460 35.75 -28.08 -13.97
N GLN A 461 36.02 -27.35 -12.90
CA GLN A 461 37.19 -26.48 -12.82
C GLN A 461 38.47 -27.29 -12.63
N ALA A 462 38.37 -28.39 -11.90
CA ALA A 462 39.52 -29.25 -11.64
C ALA A 462 40.02 -29.89 -12.94
N LEU A 463 39.10 -30.36 -13.77
CA LEU A 463 39.45 -30.92 -15.08
C LEU A 463 40.17 -29.88 -15.94
N GLN A 464 39.64 -28.67 -15.96
CA GLN A 464 40.21 -27.59 -16.75
C GLN A 464 41.61 -27.23 -16.25
N ALA A 465 41.77 -27.21 -14.94
CA ALA A 465 43.07 -26.90 -14.32
C ALA A 465 44.14 -27.89 -14.74
N VAL A 466 43.78 -29.16 -14.78
CA VAL A 466 44.70 -30.20 -15.20
C VAL A 466 45.13 -29.98 -16.65
N LEU A 467 44.16 -29.81 -17.53
CA LEU A 467 44.43 -29.59 -18.95
C LEU A 467 45.30 -28.36 -19.18
N ASP A 468 45.08 -27.32 -18.37
CA ASP A 468 45.82 -26.07 -18.52
C ASP A 468 47.24 -26.14 -17.98
N LEU A 469 47.44 -26.90 -16.90
CA LEU A 469 48.70 -26.86 -16.18
C LEU A 469 49.54 -28.14 -16.27
N GLU A 470 48.98 -29.18 -16.85
CA GLU A 470 49.66 -30.49 -16.90
C GLU A 470 51.04 -30.44 -17.51
N LEU A 471 51.15 -29.88 -18.71
CA LEU A 471 52.43 -29.81 -19.40
C LEU A 471 53.52 -29.15 -18.57
N THR A 472 53.20 -27.98 -18.02
CA THR A 472 54.17 -27.22 -17.23
C THR A 472 54.62 -27.96 -15.99
N LEU A 473 53.67 -28.53 -15.26
CA LEU A 473 53.96 -29.25 -14.03
C LEU A 473 54.80 -30.49 -14.28
N VAL A 474 54.51 -31.19 -15.37
CA VAL A 474 55.29 -32.36 -15.77
C VAL A 474 56.72 -31.95 -16.10
N GLU A 475 56.85 -30.84 -16.84
CA GLU A 475 58.17 -30.32 -17.20
C GLU A 475 58.99 -29.94 -15.97
N HIS A 476 58.31 -29.59 -14.88
CA HIS A 476 58.99 -29.20 -13.67
C HIS A 476 59.34 -30.38 -12.77
N GLY A 477 58.90 -31.58 -13.16
CA GLY A 477 59.27 -32.78 -12.45
C GLY A 477 58.13 -33.50 -11.73
N PHE A 478 56.93 -32.94 -11.79
CA PHE A 478 55.77 -33.58 -11.20
C PHE A 478 55.23 -34.66 -12.15
N SER A 479 54.73 -35.75 -11.57
CA SER A 479 54.17 -36.82 -12.39
C SER A 479 52.66 -36.64 -12.57
N GLN A 480 52.10 -37.33 -13.54
CA GLN A 480 50.67 -37.28 -13.77
C GLN A 480 49.84 -37.88 -12.62
N PRO A 481 50.27 -39.03 -12.05
CA PRO A 481 49.59 -39.50 -10.84
C PRO A 481 49.63 -38.49 -9.69
N ASP A 482 50.72 -37.73 -9.57
CA ASP A 482 50.80 -36.66 -8.58
C ASP A 482 49.69 -35.64 -8.83
N ILE A 483 49.54 -35.26 -10.09
CA ILE A 483 48.53 -34.29 -10.50
C ILE A 483 47.12 -34.80 -10.20
N VAL A 484 46.88 -36.08 -10.49
CA VAL A 484 45.61 -36.71 -10.18
C VAL A 484 45.32 -36.65 -8.68
N ARG A 485 46.35 -36.93 -7.89
CA ARG A 485 46.26 -36.91 -6.43
C ARG A 485 45.88 -35.52 -5.90
N ILE A 486 46.49 -34.49 -6.48
CA ILE A 486 46.25 -33.12 -6.05
C ILE A 486 44.86 -32.62 -6.45
N THR A 487 44.45 -32.91 -7.68
CA THR A 487 43.19 -32.40 -8.20
C THR A 487 42.04 -33.35 -7.95
N GLY A 488 42.34 -34.54 -7.45
CA GLY A 488 41.33 -35.56 -7.21
C GLY A 488 40.57 -35.37 -5.91
N ASN A 489 40.79 -34.24 -5.25
CA ASN A 489 40.05 -33.91 -4.02
C ASN A 489 39.16 -32.72 -4.27
N ARG A 490 38.29 -32.42 -3.30
CA ARG A 490 37.51 -31.20 -3.34
C ARG A 490 38.47 -30.02 -3.23
N GLY A 491 38.22 -28.97 -4.02
CA GLY A 491 39.12 -27.83 -4.07
C GLY A 491 40.35 -28.14 -4.90
N GLY A 492 40.25 -29.18 -5.71
CA GLY A 492 41.37 -29.69 -6.49
C GLY A 492 42.00 -28.70 -7.44
N ALA A 493 41.17 -27.89 -8.08
CA ALA A 493 41.67 -26.89 -9.02
C ALA A 493 42.53 -25.86 -8.30
N GLN A 494 42.05 -25.40 -7.15
CA GLN A 494 42.78 -24.41 -6.35
C GLN A 494 44.11 -24.96 -5.83
N ALA A 495 44.09 -26.23 -5.43
CA ALA A 495 45.30 -26.88 -4.93
C ALA A 495 46.37 -26.95 -6.02
N LEU A 496 45.94 -27.32 -7.23
CA LEU A 496 46.84 -27.40 -8.37
C LEU A 496 47.40 -26.02 -8.71
N GLN A 497 46.53 -25.01 -8.68
CA GLN A 497 46.93 -23.64 -8.94
C GLN A 497 47.94 -23.18 -7.89
N ALA A 498 47.70 -23.56 -6.64
CA ALA A 498 48.60 -23.21 -5.55
C ALA A 498 49.97 -23.87 -5.74
N VAL A 499 49.97 -25.07 -6.30
CA VAL A 499 51.22 -25.77 -6.60
C VAL A 499 52.02 -25.00 -7.64
N LEU A 500 51.37 -24.63 -8.72
CA LEU A 500 52.01 -23.89 -9.80
C LEU A 500 52.54 -22.55 -9.32
N ALA A 501 51.77 -21.88 -8.46
CA ALA A 501 52.11 -20.55 -8.00
C ALA A 501 53.25 -20.54 -6.97
N LEU A 502 53.25 -21.54 -6.09
CA LEU A 502 54.16 -21.51 -4.95
C LEU A 502 55.36 -22.45 -5.10
N GLU A 503 55.40 -23.22 -6.18
CA GLU A 503 56.44 -24.22 -6.40
C GLU A 503 57.85 -23.68 -6.25
N LEU A 504 58.10 -22.54 -6.89
CA LEU A 504 59.43 -21.93 -6.86
C LEU A 504 59.87 -21.62 -5.44
N THR A 505 58.99 -20.97 -4.69
CA THR A 505 59.30 -20.55 -3.33
C THR A 505 59.56 -21.75 -2.42
N LEU A 506 58.65 -22.72 -2.44
CA LEU A 506 58.78 -23.91 -1.60
C LEU A 506 60.10 -24.66 -1.83
N ARG A 507 60.47 -24.82 -3.11
CA ARG A 507 61.71 -25.52 -3.45
C ARG A 507 62.95 -24.70 -3.08
N GLU A 508 62.82 -23.38 -3.14
CA GLU A 508 63.89 -22.49 -2.71
C GLU A 508 64.10 -22.59 -1.20
N ARG A 509 63.04 -22.93 -0.48
CA ARG A 509 63.08 -23.02 0.97
C ARG A 509 63.62 -24.37 1.44
N GLY A 510 63.73 -25.33 0.51
CA GLY A 510 64.31 -26.61 0.84
C GLY A 510 63.34 -27.79 0.79
N PHE A 511 62.08 -27.51 0.44
CA PHE A 511 61.09 -28.57 0.31
C PHE A 511 61.23 -29.31 -1.00
N SER A 512 61.00 -30.62 -0.96
CA SER A 512 61.08 -31.45 -2.16
C SER A 512 59.73 -31.48 -2.86
N GLN A 513 59.73 -31.94 -4.10
CA GLN A 513 58.49 -32.11 -4.85
C GLN A 513 57.52 -33.13 -4.24
N PRO A 514 58.03 -34.27 -3.73
CA PRO A 514 57.11 -35.17 -3.02
C PRO A 514 56.53 -34.53 -1.76
N ASP A 515 57.30 -33.71 -1.06
CA ASP A 515 56.78 -32.96 0.08
C ASP A 515 55.63 -32.07 -0.38
N ILE A 516 55.85 -31.36 -1.47
CA ILE A 516 54.84 -30.48 -2.05
C ILE A 516 53.59 -31.25 -2.44
N VAL A 517 53.78 -32.39 -3.11
CA VAL A 517 52.66 -33.24 -3.50
C VAL A 517 51.87 -33.73 -2.29
N LYS A 518 52.57 -34.15 -1.26
CA LYS A 518 51.93 -34.66 -0.04
C LYS A 518 51.08 -33.59 0.65
N ILE A 519 51.64 -32.39 0.77
CA ILE A 519 50.94 -31.28 1.39
C ILE A 519 49.72 -30.86 0.56
N ALA A 520 49.91 -30.79 -0.76
CA ALA A 520 48.85 -30.35 -1.66
C ALA A 520 47.85 -31.47 -1.95
N GLY A 521 48.27 -32.70 -1.72
CA GLY A 521 47.50 -33.87 -2.12
C GLY A 521 46.34 -34.27 -1.22
N ASN A 522 46.00 -33.41 -0.27
CA ASN A 522 44.83 -33.62 0.57
C ASN A 522 43.85 -32.46 0.41
N SER A 523 42.61 -32.67 0.84
CA SER A 523 41.62 -31.61 0.83
C SER A 523 42.09 -30.48 1.76
N GLY A 524 41.92 -29.25 1.30
CA GLY A 524 42.45 -28.10 2.01
C GLY A 524 43.92 -27.88 1.70
N GLY A 525 44.38 -28.54 0.62
CA GLY A 525 45.78 -28.49 0.25
C GLY A 525 46.29 -27.12 -0.14
N ALA A 526 45.42 -26.31 -0.72
CA ALA A 526 45.79 -24.94 -1.10
C ALA A 526 46.19 -24.13 0.13
N GLN A 527 45.41 -24.26 1.19
CA GLN A 527 45.69 -23.55 2.44
C GLN A 527 46.92 -24.12 3.12
N ALA A 528 47.06 -25.45 3.08
CA ALA A 528 48.18 -26.12 3.72
C ALA A 528 49.51 -25.68 3.12
N LEU A 529 49.55 -25.56 1.80
CA LEU A 529 50.75 -25.09 1.11
C LEU A 529 51.14 -23.69 1.56
N GLN A 530 50.15 -22.79 1.59
CA GLN A 530 50.40 -21.40 1.98
C GLN A 530 50.77 -21.31 3.46
N ALA A 531 50.12 -22.13 4.27
CA ALA A 531 50.37 -22.13 5.71
C ALA A 531 51.79 -22.55 6.02
N VAL A 532 52.29 -23.53 5.27
CA VAL A 532 53.67 -23.99 5.41
C VAL A 532 54.64 -22.84 5.12
N LEU A 533 54.35 -22.08 4.09
CA LEU A 533 55.15 -20.90 3.76
C LEU A 533 55.11 -19.86 4.86
N ASP A 534 53.92 -19.62 5.41
CA ASP A 534 53.73 -18.58 6.41
C ASP A 534 54.29 -18.97 7.77
N LEU A 535 54.26 -20.26 8.10
CA LEU A 535 54.54 -20.69 9.46
C LEU A 535 55.89 -21.38 9.66
N GLU A 536 56.62 -21.63 8.58
CA GLU A 536 57.88 -22.37 8.64
C GLU A 536 58.90 -21.77 9.60
N LEU A 537 59.15 -20.47 9.46
CA LEU A 537 60.11 -19.76 10.28
C LEU A 537 59.77 -19.94 11.76
N THR A 538 58.49 -19.72 12.08
CA THR A 538 58.00 -19.86 13.45
C THR A 538 58.24 -21.27 13.96
N PHE A 539 58.05 -22.25 13.09
CA PHE A 539 58.25 -23.65 13.47
C PHE A 539 59.70 -23.97 13.77
N ARG A 540 60.61 -23.49 12.93
CA ARG A 540 62.04 -23.75 13.12
C ARG A 540 62.53 -23.09 14.39
N GLU A 541 61.97 -21.93 14.70
CA GLU A 541 62.33 -21.20 15.91
C GLU A 541 61.92 -21.97 17.17
N ARG A 542 60.80 -22.68 17.09
CA ARG A 542 60.27 -23.40 18.24
C ARG A 542 60.78 -24.84 18.31
N GLY A 543 61.83 -25.15 17.56
CA GLY A 543 62.52 -26.42 17.71
C GLY A 543 62.09 -27.53 16.76
N PHE A 544 61.18 -27.22 15.84
CA PHE A 544 60.72 -28.22 14.86
C PHE A 544 61.53 -28.15 13.58
N SER A 545 61.60 -29.26 12.86
CA SER A 545 62.35 -29.32 11.62
C SER A 545 61.42 -29.17 10.41
N GLN A 546 62.01 -29.05 9.23
CA GLN A 546 61.24 -28.97 8.00
C GLN A 546 60.49 -30.28 7.75
N ALA A 547 61.11 -31.39 8.11
CA ALA A 547 60.48 -32.70 7.98
C ALA A 547 59.23 -32.79 8.86
N ASP A 548 59.33 -32.22 10.06
CA ASP A 548 58.20 -32.20 10.99
C ASP A 548 57.03 -31.45 10.37
N ILE A 549 57.31 -30.30 9.75
CA ILE A 549 56.29 -29.47 9.14
C ILE A 549 55.52 -30.23 8.06
N VAL A 550 56.27 -30.91 7.19
CA VAL A 550 55.66 -31.71 6.13
C VAL A 550 54.77 -32.80 6.69
N LYS A 551 55.23 -33.43 7.77
CA LYS A 551 54.49 -34.51 8.42
C LYS A 551 53.16 -33.99 8.98
N ILE A 552 53.22 -32.83 9.63
CA ILE A 552 52.04 -32.26 10.27
C ILE A 552 51.04 -31.73 9.23
N ALA A 553 51.55 -31.05 8.21
CA ALA A 553 50.70 -30.45 7.19
C ALA A 553 50.24 -31.45 6.14
N GLY A 554 50.91 -32.59 6.07
CA GLY A 554 50.68 -33.56 5.01
C GLY A 554 49.47 -34.46 5.16
N ASN A 555 48.54 -34.08 6.03
CA ASN A 555 47.31 -34.86 6.21
C ASN A 555 46.07 -34.01 5.96
N ASP A 556 44.91 -34.63 6.02
CA ASP A 556 43.65 -33.90 5.99
C ASP A 556 43.60 -32.96 7.18
N GLY A 557 43.18 -31.73 6.95
CA GLY A 557 43.13 -30.74 8.00
C GLY A 557 44.54 -30.35 8.45
N GLY A 558 45.49 -30.40 7.52
CA GLY A 558 46.87 -30.07 7.83
C GLY A 558 47.05 -28.66 8.36
N THR A 559 46.28 -27.73 7.81
CA THR A 559 46.33 -26.34 8.24
C THR A 559 45.97 -26.20 9.71
N GLN A 560 44.91 -26.89 10.11
CA GLN A 560 44.45 -26.86 11.49
C GLN A 560 45.44 -27.58 12.41
N ALA A 561 46.11 -28.60 11.88
CA ALA A 561 47.12 -29.32 12.64
C ALA A 561 48.30 -28.42 12.95
N LEU A 562 48.80 -27.71 11.93
CA LEU A 562 49.89 -26.77 12.10
C LEU A 562 49.58 -25.70 13.15
N HIS A 563 48.41 -25.08 13.03
CA HIS A 563 48.02 -24.03 13.96
C HIS A 563 47.84 -24.58 15.37
N ALA A 564 47.32 -25.80 15.48
CA ALA A 564 47.12 -26.43 16.78
C ALA A 564 48.46 -26.69 17.46
N VAL A 565 49.49 -26.98 16.67
CA VAL A 565 50.83 -27.16 17.19
C VAL A 565 51.34 -25.84 17.78
N LEU A 566 51.23 -24.76 17.02
CA LEU A 566 51.70 -23.45 17.45
C LEU A 566 50.95 -22.96 18.69
N ASP A 567 49.67 -23.28 18.80
CA ASP A 567 48.85 -22.81 19.91
C ASP A 567 49.03 -23.64 21.19
N LEU A 568 49.57 -24.84 21.05
CA LEU A 568 49.60 -25.77 22.19
C LEU A 568 50.99 -26.24 22.61
N GLU A 569 51.99 -26.00 21.77
CA GLU A 569 53.33 -26.56 22.01
C GLU A 569 53.97 -26.12 23.33
N ARG A 570 53.67 -24.90 23.77
CA ARG A 570 54.26 -24.39 25.00
C ARG A 570 53.77 -25.15 26.22
N LEU A 572 52.20 -28.05 26.33
CA LEU A 572 52.54 -29.46 26.19
C LEU A 572 53.99 -29.73 26.59
N GLY A 573 54.88 -28.84 26.18
CA GLY A 573 56.30 -28.97 26.49
C GLY A 573 56.55 -28.83 27.98
N GLU A 574 55.87 -27.87 28.60
CA GLU A 574 55.99 -27.65 30.03
C GLU A 574 55.41 -28.81 30.83
N ARG A 575 54.59 -29.62 30.16
CA ARG A 575 53.98 -30.78 30.81
C ARG A 575 54.72 -32.07 30.48
N GLY A 576 55.91 -31.95 29.91
CA GLY A 576 56.78 -33.09 29.74
C GLY A 576 56.66 -33.86 28.44
N PHE A 577 56.20 -33.19 27.39
CA PHE A 577 56.17 -33.79 26.07
C PHE A 577 57.23 -33.16 25.18
N SER A 578 58.04 -34.01 24.54
CA SER A 578 59.13 -33.52 23.69
C SER A 578 58.60 -32.94 22.39
N ARG A 579 59.50 -32.36 21.62
CA ARG A 579 59.15 -31.86 20.29
C ARG A 579 58.72 -33.02 19.40
N ALA A 580 59.42 -34.15 19.54
CA ALA A 580 59.10 -35.35 18.77
C ALA A 580 57.72 -35.91 19.13
N ASP A 581 57.37 -35.84 20.41
CA ASP A 581 56.08 -36.31 20.88
C ASP A 581 54.96 -35.51 20.22
N ILE A 582 55.11 -34.19 20.24
CA ILE A 582 54.13 -33.28 19.66
C ILE A 582 53.92 -33.58 18.17
N VAL A 583 55.01 -33.77 17.45
CA VAL A 583 54.95 -34.07 16.02
C VAL A 583 54.24 -35.39 15.75
N ASN A 584 54.58 -36.41 16.54
CA ASN A 584 53.97 -37.73 16.37
C ASN A 584 52.48 -37.74 16.65
N VAL A 585 52.04 -36.89 17.56
CA VAL A 585 50.62 -36.78 17.88
C VAL A 585 49.87 -36.00 16.80
N ALA A 586 50.44 -34.87 16.40
CA ALA A 586 49.78 -33.99 15.45
C ALA A 586 49.95 -34.44 14.00
N GLY A 587 50.85 -35.38 13.77
CA GLY A 587 51.23 -35.76 12.42
C GLY A 587 50.41 -36.87 11.79
N ASN A 588 49.19 -37.07 12.25
CA ASN A 588 48.28 -38.01 11.61
C ASN A 588 46.97 -37.30 11.28
N ASN A 589 46.06 -38.03 10.65
CA ASN A 589 44.71 -37.53 10.45
C ASN A 589 44.06 -37.23 11.79
N GLY A 590 43.39 -36.08 11.89
CA GLY A 590 42.75 -35.68 13.13
C GLY A 590 43.76 -35.22 14.17
N GLY A 591 44.94 -34.84 13.70
CA GLY A 591 46.03 -34.45 14.58
C GLY A 591 45.71 -33.31 15.53
N ALA A 592 44.95 -32.33 15.04
CA ALA A 592 44.55 -31.20 15.86
C ALA A 592 43.69 -31.64 17.05
N GLN A 593 42.80 -32.58 16.81
CA GLN A 593 41.94 -33.13 17.86
C GLN A 593 42.74 -34.00 18.83
N ALA A 594 43.67 -34.79 18.32
CA ALA A 594 44.51 -35.64 19.15
C ALA A 594 45.39 -34.80 20.06
N LEU A 595 45.93 -33.72 19.50
CA LEU A 595 46.80 -32.82 20.25
C LEU A 595 46.03 -32.11 21.35
N LYS A 596 44.78 -31.78 21.06
CA LYS A 596 43.92 -31.13 22.05
C LYS A 596 43.50 -32.11 23.14
N ALA A 597 43.23 -33.35 22.73
CA ALA A 597 42.80 -34.38 23.67
C ALA A 597 43.90 -34.74 24.66
N VAL A 598 45.15 -34.69 24.21
CA VAL A 598 46.29 -34.95 25.08
C VAL A 598 46.35 -33.91 26.19
N LEU A 599 46.25 -32.65 25.81
CA LEU A 599 46.31 -31.55 26.78
C LEU A 599 45.12 -31.58 27.73
N GLU A 600 44.00 -32.14 27.26
CA GLU A 600 42.79 -32.21 28.06
C GLU A 600 42.83 -33.36 29.08
N HIS A 601 43.51 -34.45 28.74
CA HIS A 601 43.44 -35.65 29.54
C HIS A 601 44.76 -36.11 30.17
N GLU A 602 45.85 -35.39 29.91
CA GLU A 602 47.17 -35.82 30.36
C GLU A 602 47.29 -35.95 31.89
N ALA A 603 46.67 -35.03 32.62
CA ALA A 603 46.73 -35.02 34.07
C ALA A 603 45.96 -36.20 34.64
N THR A 604 44.78 -36.44 34.08
CA THR A 604 43.94 -37.56 34.52
C THR A 604 44.59 -38.90 34.18
N LEU A 605 45.20 -38.97 33.00
CA LEU A 605 45.86 -40.19 32.57
C LEU A 605 47.09 -40.51 33.43
N ASN A 606 47.83 -39.47 33.79
CA ASN A 606 48.97 -39.62 34.69
C ASN A 606 48.50 -40.15 36.04
N GLU A 607 47.34 -39.68 36.47
CA GLU A 607 46.75 -40.09 37.75
C GLU A 607 46.41 -41.57 37.76
N ARG A 608 46.06 -42.10 36.58
CA ARG A 608 45.64 -43.49 36.46
C ARG A 608 46.80 -44.43 36.12
N GLY A 609 48.02 -43.88 36.12
CA GLY A 609 49.21 -44.69 35.96
C GLY A 609 49.74 -44.81 34.54
N PHE A 610 49.38 -43.86 33.68
CA PHE A 610 49.91 -43.85 32.32
C PHE A 610 51.00 -42.80 32.16
N SER A 611 52.17 -43.23 31.67
CA SER A 611 53.30 -42.34 31.50
C SER A 611 53.09 -41.39 30.33
N ARG A 612 53.99 -40.43 30.19
CA ARG A 612 53.98 -39.51 29.05
C ARG A 612 54.12 -40.30 27.76
N ALA A 613 55.02 -41.27 27.76
CA ALA A 613 55.26 -42.11 26.59
C ALA A 613 54.03 -42.94 26.25
N ASP A 614 53.31 -43.38 27.28
CA ASP A 614 52.07 -44.13 27.07
C ASP A 614 51.04 -43.26 26.37
N ILE A 615 50.89 -42.04 26.85
CA ILE A 615 49.94 -41.09 26.28
C ILE A 615 50.25 -40.80 24.81
N VAL A 616 51.52 -40.55 24.52
CA VAL A 616 51.96 -40.30 23.15
C VAL A 616 51.68 -41.49 22.24
N LYS A 617 51.93 -42.70 22.77
CA LYS A 617 51.73 -43.91 21.98
C LYS A 617 50.26 -44.12 21.65
N ILE A 618 49.38 -43.83 22.62
CA ILE A 618 47.95 -43.98 22.42
C ILE A 618 47.42 -42.92 21.46
N ALA A 619 47.92 -41.70 21.60
CA ALA A 619 47.42 -40.59 20.82
C ALA A 619 48.13 -40.43 19.48
N GLY A 620 49.22 -41.17 19.31
CA GLY A 620 50.10 -40.99 18.17
C GLY A 620 49.73 -41.78 16.92
N ASN A 621 48.48 -42.20 16.83
CA ASN A 621 47.97 -42.83 15.61
C ASN A 621 46.72 -42.09 15.14
N GLY A 622 46.25 -42.45 13.94
CA GLY A 622 45.00 -41.92 13.44
C GLY A 622 43.86 -42.23 14.39
N GLY A 623 43.02 -41.23 14.65
CA GLY A 623 41.95 -41.38 15.62
C GLY A 623 42.51 -41.50 17.03
N GLY A 624 43.60 -40.79 17.29
CA GLY A 624 44.25 -40.82 18.59
C GLY A 624 43.39 -40.25 19.69
N ALA A 625 42.59 -39.24 19.36
CA ALA A 625 41.69 -38.63 20.31
C ALA A 625 40.67 -39.63 20.83
N GLN A 626 40.12 -40.43 19.92
CA GLN A 626 39.15 -41.45 20.28
C GLN A 626 39.79 -42.58 21.09
N ALA A 627 41.06 -42.87 20.79
CA ALA A 627 41.78 -43.89 21.52
C ALA A 627 42.01 -43.46 22.96
N LEU A 628 42.38 -42.19 23.15
CA LEU A 628 42.54 -41.62 24.49
C LEU A 628 41.23 -41.69 25.25
N LYS A 629 40.16 -41.26 24.60
CA LYS A 629 38.82 -41.27 25.18
C LYS A 629 38.41 -42.69 25.57
N ALA A 630 38.77 -43.66 24.75
CA ALA A 630 38.43 -45.05 25.00
C ALA A 630 39.18 -45.62 26.20
N VAL A 631 40.43 -45.19 26.38
CA VAL A 631 41.22 -45.63 27.52
C VAL A 631 40.61 -45.12 28.83
N LEU A 632 40.30 -43.83 28.87
CA LEU A 632 39.68 -43.23 30.04
C LEU A 632 38.38 -43.90 30.41
N GLU A 633 37.60 -44.26 29.38
CA GLU A 633 36.28 -44.81 29.59
C GLU A 633 36.30 -46.28 30.02
N HIS A 634 37.41 -46.96 29.75
CA HIS A 634 37.46 -48.42 29.96
C HIS A 634 38.61 -48.94 30.82
N GLU A 635 39.57 -48.09 31.16
CA GLU A 635 40.74 -48.53 31.92
C GLU A 635 40.38 -49.14 33.28
N ALA A 636 39.36 -48.57 33.93
CA ALA A 636 38.93 -49.04 35.25
C ALA A 636 38.42 -50.47 35.19
N THR A 637 37.52 -50.73 34.23
CA THR A 637 36.94 -52.06 34.08
C THR A 637 38.00 -53.07 33.66
N LEU A 638 38.90 -52.66 32.77
CA LEU A 638 39.95 -53.54 32.30
C LEU A 638 40.95 -53.87 33.39
N ASP A 639 41.19 -52.90 34.28
CA ASP A 639 42.07 -53.12 35.43
C ASP A 639 41.47 -54.18 36.34
N GLU A 640 40.17 -54.06 36.57
CA GLU A 640 39.44 -54.99 37.42
C GLU A 640 39.50 -56.40 36.87
N ARG A 641 39.50 -56.53 35.54
CA ARG A 641 39.47 -57.84 34.90
C ARG A 641 40.83 -58.53 34.88
N GLY A 642 41.89 -57.77 35.11
CA GLY A 642 43.22 -58.35 35.20
C GLY A 642 44.21 -57.86 34.18
N PHE A 643 43.83 -56.86 33.40
CA PHE A 643 44.74 -56.27 32.42
C PHE A 643 45.62 -55.20 33.07
N SER A 644 46.91 -55.23 32.76
CA SER A 644 47.84 -54.25 33.28
C SER A 644 47.79 -52.96 32.47
N ARG A 645 48.41 -51.91 32.99
CA ARG A 645 48.49 -50.63 32.30
C ARG A 645 49.20 -50.81 30.96
N ALA A 646 50.21 -51.67 30.96
CA ALA A 646 51.00 -51.93 29.76
C ALA A 646 50.19 -52.67 28.69
N ASP A 647 49.32 -53.57 29.12
CA ASP A 647 48.42 -54.28 28.20
C ASP A 647 47.53 -53.28 27.50
N ILE A 648 46.94 -52.39 28.29
CA ILE A 648 46.01 -51.38 27.78
C ILE A 648 46.69 -50.45 26.77
N VAL A 649 47.93 -50.07 27.07
CA VAL A 649 48.69 -49.22 26.16
C VAL A 649 48.96 -49.93 24.82
N ARG A 650 49.32 -51.20 24.89
CA ARG A 650 49.59 -51.99 23.70
C ARG A 650 48.35 -52.12 22.82
N ILE A 651 47.20 -52.38 23.46
CA ILE A 651 45.95 -52.54 22.73
C ILE A 651 45.51 -51.23 22.09
N ALA A 652 45.56 -50.15 22.86
CA ALA A 652 45.08 -48.85 22.39
C ALA A 652 46.12 -48.11 21.56
N GLY A 653 47.37 -48.55 21.65
CA GLY A 653 48.47 -47.84 21.02
C GLY A 653 48.72 -48.14 19.56
N ASN A 654 47.70 -48.63 18.87
CA ASN A 654 47.79 -48.83 17.42
C ASN A 654 46.65 -48.12 16.73
N GLY A 655 46.69 -48.11 15.40
CA GLY A 655 45.58 -47.58 14.61
C GLY A 655 44.34 -48.42 14.87
N GLY A 656 43.24 -47.77 15.21
CA GLY A 656 42.01 -48.47 15.55
C GLY A 656 42.05 -48.99 16.98
N GLY A 657 42.87 -48.35 17.81
CA GLY A 657 43.03 -48.76 19.20
C GLY A 657 41.75 -48.68 20.00
N ALA A 658 40.93 -47.67 19.72
CA ALA A 658 39.66 -47.49 20.40
C ALA A 658 38.74 -48.68 20.14
N GLN A 659 38.70 -49.13 18.89
CA GLN A 659 37.88 -50.29 18.52
C GLN A 659 38.43 -51.59 19.08
N ALA A 660 39.75 -51.69 19.14
CA ALA A 660 40.40 -52.89 19.68
C ALA A 660 40.13 -53.00 21.19
N LEU A 661 40.19 -51.86 21.86
CA LEU A 661 39.93 -51.79 23.29
C LEU A 661 38.49 -52.20 23.59
N LYS A 662 37.56 -51.73 22.75
CA LYS A 662 36.16 -52.08 22.91
C LYS A 662 35.94 -53.57 22.67
N ALA A 663 36.66 -54.12 21.70
CA ALA A 663 36.54 -55.54 21.37
C ALA A 663 36.95 -56.42 22.54
N VAL A 664 38.04 -56.05 23.21
CA VAL A 664 38.49 -56.77 24.40
C VAL A 664 37.45 -56.65 25.50
N LEU A 665 36.89 -55.45 25.63
CA LEU A 665 35.88 -55.17 26.63
C LEU A 665 34.63 -56.03 26.39
N GLU A 666 34.19 -56.08 25.15
CA GLU A 666 32.92 -56.73 24.81
C GLU A 666 33.05 -58.25 24.63
N HIS A 667 34.13 -58.69 23.99
CA HIS A 667 34.26 -60.09 23.62
C HIS A 667 35.23 -60.88 24.51
N GLY A 668 36.07 -60.17 25.23
CA GLY A 668 37.08 -60.77 26.10
C GLY A 668 36.62 -61.87 27.06
N PRO A 669 35.62 -61.58 27.90
CA PRO A 669 35.10 -62.58 28.84
C PRO A 669 34.68 -63.87 28.15
N THR A 670 33.96 -63.76 27.05
CA THR A 670 33.52 -64.93 26.29
C THR A 670 34.70 -65.75 25.81
N LEU A 671 35.71 -65.08 25.28
CA LEU A 671 36.91 -65.75 24.83
C LEU A 671 37.63 -66.38 26.02
N ASN A 672 37.58 -65.70 27.16
CA ASN A 672 38.21 -66.21 28.38
C ASN A 672 37.47 -67.43 28.91
N GLU A 673 36.13 -67.41 28.80
CA GLU A 673 35.32 -68.55 29.19
C GLU A 673 35.66 -69.76 28.33
N ARG A 674 36.04 -69.51 27.08
CA ARG A 674 36.33 -70.58 26.12
C ARG A 674 37.72 -71.18 26.29
N GLY A 675 38.54 -70.55 27.13
CA GLY A 675 39.86 -71.09 27.41
C GLY A 675 41.02 -70.16 27.09
N PHE A 676 40.73 -69.06 26.39
CA PHE A 676 41.77 -68.09 26.06
C PHE A 676 42.17 -67.30 27.29
N ASN A 677 43.46 -67.31 27.62
CA ASN A 677 43.95 -66.53 28.74
C ASN A 677 44.15 -65.06 28.36
N LEU A 678 44.29 -64.21 29.37
CA LEU A 678 44.36 -62.76 29.16
C LEU A 678 45.56 -62.34 28.34
N THR A 679 46.69 -63.00 28.55
CA THR A 679 47.90 -62.72 27.78
C THR A 679 47.65 -62.92 26.28
N ASP A 680 46.97 -64.00 25.93
CA ASP A 680 46.64 -64.30 24.55
C ASP A 680 45.66 -63.29 23.95
N ILE A 681 44.68 -62.90 24.76
CA ILE A 681 43.71 -61.91 24.34
C ILE A 681 44.41 -60.59 24.02
N VAL A 682 45.33 -60.19 24.89
CA VAL A 682 46.13 -59.00 24.67
C VAL A 682 46.94 -59.14 23.37
N GLU A 683 47.54 -60.31 23.19
CA GLU A 683 48.35 -60.58 22.00
C GLU A 683 47.57 -60.48 20.70
N ALA A 685 44.91 -58.80 20.22
CA ALA A 685 44.32 -57.47 20.07
C ALA A 685 45.35 -56.36 19.86
N ALA A 686 46.58 -56.59 20.33
CA ALA A 686 47.59 -55.54 20.35
C ALA A 686 48.30 -55.31 19.01
N ASN A 687 47.63 -55.65 17.92
CA ASN A 687 48.10 -55.27 16.60
C ASN A 687 47.04 -54.41 15.92
N SER A 688 47.41 -53.71 14.86
CA SER A 688 46.43 -53.01 14.05
C SER A 688 45.49 -54.06 13.48
N GLY A 689 44.20 -53.79 13.51
CA GLY A 689 43.22 -54.77 13.07
C GLY A 689 43.00 -55.83 14.14
N GLY A 690 43.37 -55.49 15.38
CA GLY A 690 43.19 -56.39 16.50
C GLY A 690 41.73 -56.69 16.78
N ALA A 691 40.88 -55.68 16.56
CA ALA A 691 39.45 -55.85 16.76
C ALA A 691 38.87 -56.89 15.82
N GLN A 692 39.28 -56.84 14.56
CA GLN A 692 38.84 -57.82 13.57
C GLN A 692 39.33 -59.21 13.95
N ALA A 693 40.54 -59.26 14.50
CA ALA A 693 41.13 -60.52 14.93
C ALA A 693 40.28 -61.18 16.02
N LEU A 694 39.94 -60.41 17.05
CA LEU A 694 39.12 -60.91 18.15
C LEU A 694 37.75 -61.37 17.67
N LYS A 695 37.12 -60.56 16.82
CA LYS A 695 35.81 -60.91 16.28
C LYS A 695 35.88 -62.15 15.40
N ALA A 696 36.97 -62.27 14.65
CA ALA A 696 37.18 -63.46 13.83
C ALA A 696 37.29 -64.70 14.70
N VAL A 697 38.04 -64.58 15.79
CA VAL A 697 38.19 -65.70 16.74
C VAL A 697 36.87 -66.02 17.41
N LEU A 698 36.14 -64.98 17.79
CA LEU A 698 34.84 -65.14 18.45
C LEU A 698 33.87 -65.96 17.59
N GLU A 699 33.75 -65.60 16.32
CA GLU A 699 32.75 -66.19 15.45
C GLU A 699 33.19 -67.51 14.82
N HIS A 700 34.48 -67.63 14.48
CA HIS A 700 34.94 -68.79 13.72
C HIS A 700 35.83 -69.73 14.53
N GLY A 701 36.33 -69.24 15.66
CA GLY A 701 37.16 -70.03 16.56
C GLY A 701 36.65 -71.41 16.92
N PRO A 702 35.37 -71.53 17.33
CA PRO A 702 34.81 -72.85 17.63
C PRO A 702 34.90 -73.82 16.46
N THR A 703 34.70 -73.32 15.24
CA THR A 703 34.75 -74.16 14.05
C THR A 703 36.15 -74.72 13.83
N LEU A 704 37.15 -73.85 13.95
CA LEU A 704 38.54 -74.25 13.77
C LEU A 704 38.93 -75.26 14.85
N ARG A 705 38.41 -75.05 16.05
CA ARG A 705 38.68 -75.93 17.18
C ARG A 705 38.08 -77.31 16.95
N GLN A 706 36.85 -77.34 16.41
CA GLN A 706 36.17 -78.59 16.10
C GLN A 706 36.95 -79.40 15.06
N ARG A 707 37.56 -78.70 14.11
CA ARG A 707 38.29 -79.34 13.03
C ARG A 707 39.63 -79.93 13.48
N GLY A 708 40.10 -79.50 14.65
CA GLY A 708 41.30 -80.08 15.22
C GLY A 708 42.40 -79.11 15.58
N LEU A 709 42.15 -77.82 15.42
CA LEU A 709 43.12 -76.80 15.80
C LEU A 709 43.03 -76.49 17.28
N SER A 710 44.19 -76.42 17.93
CA SER A 710 44.24 -76.08 19.35
C SER A 710 44.05 -74.58 19.55
N LEU A 711 43.84 -74.18 20.80
CA LEU A 711 43.71 -72.76 21.12
C LEU A 711 45.01 -72.05 20.84
N ILE A 712 46.12 -72.70 21.16
CA ILE A 712 47.45 -72.15 20.89
C ILE A 712 47.64 -71.85 19.41
N ASP A 713 47.25 -72.80 18.56
CA ASP A 713 47.28 -72.62 17.12
C ASP A 713 46.48 -71.41 16.71
N ILE A 714 45.28 -71.31 17.27
CA ILE A 714 44.37 -70.21 16.95
C ILE A 714 44.93 -68.86 17.38
N VAL A 715 45.59 -68.83 18.55
CA VAL A 715 46.24 -67.62 19.02
C VAL A 715 47.40 -67.22 18.10
N GLU A 716 48.19 -68.22 17.68
CA GLU A 716 49.30 -67.98 16.77
C GLU A 716 48.84 -67.32 15.48
N ILE A 717 47.85 -67.93 14.82
CA ILE A 717 47.33 -67.43 13.57
C ILE A 717 46.72 -66.03 13.72
N ALA A 718 45.88 -65.87 14.73
CA ALA A 718 45.18 -64.61 14.95
C ALA A 718 46.15 -63.46 15.26
N SER A 719 47.19 -63.75 16.05
CA SER A 719 48.13 -62.73 16.46
C SER A 719 49.12 -62.33 15.38
N ASN A 720 49.54 -63.29 14.56
CA ASN A 720 50.57 -63.03 13.54
C ASN A 720 50.02 -62.86 12.14
N GLY A 721 48.90 -63.52 11.85
CA GLY A 721 48.29 -63.42 10.54
C GLY A 721 47.07 -62.54 10.51
N GLY A 722 46.44 -62.36 11.67
CA GLY A 722 45.25 -61.54 11.78
C GLY A 722 44.00 -62.25 11.29
N ALA A 723 42.91 -61.48 11.17
CA ALA A 723 41.63 -62.01 10.75
C ALA A 723 41.70 -62.60 9.35
N GLN A 724 42.49 -61.98 8.48
CA GLN A 724 42.66 -62.47 7.12
C GLN A 724 43.13 -63.91 7.09
N ALA A 725 44.18 -64.20 7.85
CA ALA A 725 44.77 -65.53 7.89
C ALA A 725 43.80 -66.55 8.48
N LEU A 726 43.07 -66.15 9.51
CA LEU A 726 42.06 -67.02 10.12
C LEU A 726 41.01 -67.45 9.11
N LYS A 727 40.48 -66.48 8.38
CA LYS A 727 39.45 -66.76 7.36
C LYS A 727 39.99 -67.67 6.26
N ALA A 728 41.26 -67.49 5.91
CA ALA A 728 41.89 -68.33 4.91
C ALA A 728 41.99 -69.78 5.40
N VAL A 729 42.37 -69.95 6.65
CA VAL A 729 42.44 -71.28 7.26
C VAL A 729 41.03 -71.87 7.38
N LEU A 730 40.07 -71.04 7.75
CA LEU A 730 38.68 -71.46 7.82
C LEU A 730 38.21 -71.96 6.44
N LYS A 731 38.61 -71.24 5.40
CA LYS A 731 38.20 -71.58 4.04
C LYS A 731 38.92 -72.80 3.48
N TYR A 732 40.25 -72.82 3.58
CA TYR A 732 41.05 -73.82 2.89
C TYR A 732 41.64 -74.91 3.78
N GLY A 733 41.49 -74.74 5.10
CA GLY A 733 41.98 -75.72 6.07
C GLY A 733 41.62 -77.18 5.82
N PRO A 734 40.33 -77.48 5.71
CA PRO A 734 39.86 -78.85 5.45
C PRO A 734 40.52 -79.51 4.24
N VAL A 735 40.65 -78.75 3.15
CA VAL A 735 41.25 -79.28 1.93
C VAL A 735 42.71 -79.66 2.16
N LEU A 736 43.43 -78.78 2.84
CA LEU A 736 44.84 -78.99 3.14
C LEU A 736 45.04 -80.19 4.05
N GLN A 738 43.01 -82.84 4.30
CA GLN A 738 42.76 -84.03 3.49
C GLN A 738 43.97 -84.38 2.63
N ALA A 739 44.74 -83.35 2.28
CA ALA A 739 45.91 -83.53 1.43
C ALA A 739 47.14 -83.96 2.22
N GLY A 740 46.99 -84.11 3.53
CA GLY A 740 48.06 -84.63 4.35
C GLY A 740 48.87 -83.61 5.11
N ARG A 741 48.46 -82.35 5.05
CA ARG A 741 49.15 -81.30 5.80
C ARG A 741 48.80 -81.35 7.27
N SER A 742 49.81 -81.21 8.13
CA SER A 742 49.60 -81.22 9.57
C SER A 742 49.17 -79.84 10.07
N ASN A 743 48.75 -79.78 11.33
CA ASN A 743 48.40 -78.52 11.96
C ASN A 743 49.61 -77.62 12.11
N GLU A 744 50.76 -78.22 12.43
CA GLU A 744 52.00 -77.47 12.57
C GLU A 744 52.35 -76.72 11.28
N GLU A 745 52.15 -77.39 10.15
CA GLU A 745 52.43 -76.78 8.85
C GLU A 745 51.46 -75.65 8.52
N ILE A 746 50.16 -75.92 8.70
CA ILE A 746 49.13 -74.94 8.39
C ILE A 746 49.28 -73.67 9.23
N VAL A 747 49.57 -73.86 10.52
CA VAL A 747 49.80 -72.73 11.40
C VAL A 747 51.02 -71.91 10.96
N HIS A 748 52.12 -72.60 10.67
CA HIS A 748 53.32 -71.90 10.20
C HIS A 748 53.06 -71.12 8.92
N VAL A 749 52.33 -71.72 7.99
CA VAL A 749 51.99 -71.07 6.73
C VAL A 749 51.13 -69.83 6.96
N ALA A 750 50.13 -69.96 7.81
CA ALA A 750 49.14 -68.91 8.00
C ALA A 750 49.54 -67.82 9.00
N ALA A 751 50.23 -68.20 10.06
CA ALA A 751 50.57 -67.26 11.13
C ALA A 751 51.69 -66.32 10.72
N ARG A 752 51.39 -65.39 9.83
CA ARG A 752 52.38 -64.43 9.34
C ARG A 752 51.65 -63.31 8.63
N ARG A 753 52.34 -62.18 8.46
CA ARG A 753 51.81 -61.12 7.61
C ARG A 753 51.75 -61.62 6.18
N GLY A 754 50.56 -61.67 5.61
CA GLY A 754 50.37 -62.22 4.29
C GLY A 754 50.04 -63.71 4.35
N GLY A 755 49.62 -64.15 5.54
CA GLY A 755 49.30 -65.55 5.76
C GLY A 755 48.20 -66.06 4.85
N ALA A 756 47.22 -65.21 4.56
CA ALA A 756 46.15 -65.58 3.65
C ALA A 756 46.71 -65.95 2.28
N GLY A 757 47.69 -65.18 1.83
CA GLY A 757 48.31 -65.41 0.53
C GLY A 757 49.14 -66.68 0.51
N ARG A 758 49.80 -66.99 1.62
CA ARG A 758 50.59 -68.21 1.71
C ARG A 758 49.70 -69.44 1.73
N ILE A 759 48.54 -69.33 2.40
CA ILE A 759 47.55 -70.40 2.40
C ILE A 759 47.05 -70.67 0.98
N ARG A 760 46.73 -69.59 0.25
CA ARG A 760 46.27 -69.72 -1.13
C ARG A 760 47.32 -70.40 -2.02
N LYS A 761 48.58 -70.07 -1.79
CA LYS A 761 49.67 -70.69 -2.56
C LYS A 761 49.76 -72.19 -2.32
N VAL A 763 47.32 -74.17 -1.21
CA VAL A 763 46.07 -74.87 -1.57
C VAL A 763 45.84 -74.92 -3.08
N ALA A 764 46.58 -74.09 -3.82
CA ALA A 764 46.40 -73.93 -5.27
C ALA A 764 46.27 -75.21 -6.11
N PRO A 765 47.19 -76.19 -5.92
CA PRO A 765 47.10 -77.37 -6.78
C PRO A 765 45.86 -78.24 -6.55
N LEU A 766 45.16 -78.01 -5.44
CA LEU A 766 44.00 -78.83 -5.08
C LEU A 766 42.69 -78.29 -5.65
N LEU B 15 19.11 46.50 -4.62
CA LEU B 15 20.35 46.40 -5.36
C LEU B 15 21.49 45.90 -4.48
N ASN B 16 21.27 45.93 -3.17
CA ASN B 16 22.26 45.47 -2.21
C ASN B 16 21.76 44.30 -1.37
N LEU B 17 22.51 43.21 -1.40
CA LEU B 17 22.08 41.96 -0.76
C LEU B 17 22.45 41.89 0.71
N SER B 18 21.46 41.64 1.55
CA SER B 18 21.70 41.33 2.96
C SER B 18 22.48 40.02 3.02
N PRO B 19 23.30 39.83 4.06
CA PRO B 19 24.15 38.63 4.18
C PRO B 19 23.38 37.33 4.05
N LEU B 20 22.09 37.34 4.38
CA LEU B 20 21.26 36.14 4.27
C LEU B 20 20.71 35.94 2.87
N GLU B 21 20.40 37.05 2.19
CA GLU B 21 19.95 36.99 0.81
C GLU B 21 21.03 36.36 -0.06
N ARG B 22 22.27 36.79 0.15
CA ARG B 22 23.41 36.22 -0.56
C ARG B 22 23.69 34.81 -0.09
N SER B 23 23.36 34.53 1.17
CA SER B 23 23.56 33.20 1.74
C SER B 23 22.69 32.16 1.04
N LYS B 24 21.41 32.50 0.87
CA LYS B 24 20.46 31.60 0.22
C LYS B 24 20.88 31.29 -1.22
N ILE B 25 21.55 32.25 -1.85
CA ILE B 25 21.99 32.10 -3.24
C ILE B 25 23.18 31.16 -3.34
N GLU B 26 24.16 31.32 -2.45
CA GLU B 26 25.35 30.49 -2.45
C GLU B 26 25.00 29.03 -2.12
N LYS B 27 23.88 28.83 -1.44
CA LYS B 27 23.43 27.50 -1.07
C LYS B 27 23.11 26.63 -2.28
N GLN B 28 22.48 27.23 -3.28
CA GLN B 28 22.09 26.51 -4.49
C GLN B 28 23.31 26.08 -5.30
N TYR B 29 23.13 25.04 -6.12
CA TYR B 29 24.20 24.57 -6.99
C TYR B 29 24.57 25.65 -7.99
N GLY B 30 25.89 25.87 -8.15
CA GLY B 30 26.37 26.94 -8.99
C GLY B 30 25.99 28.29 -8.42
N GLY B 31 25.83 28.33 -7.09
CA GLY B 31 25.40 29.53 -6.40
C GLY B 31 26.45 30.63 -6.44
N ALA B 32 27.71 30.24 -6.36
CA ALA B 32 28.81 31.20 -6.41
C ALA B 32 28.87 31.85 -7.79
N THR B 33 28.70 31.03 -8.81
CA THR B 33 28.70 31.50 -10.20
C THR B 33 27.51 32.43 -10.44
N THR B 34 26.38 32.10 -9.83
CA THR B 34 25.18 32.93 -9.94
C THR B 34 25.40 34.30 -9.31
N LEU B 35 26.09 34.31 -8.18
CA LEU B 35 26.33 35.55 -7.43
C LEU B 35 27.19 36.53 -8.23
N ALA B 36 28.19 36.00 -8.93
CA ALA B 36 29.07 36.84 -9.75
C ALA B 36 28.31 37.42 -10.94
N PHE B 37 27.48 36.60 -11.55
CA PHE B 37 26.69 37.00 -12.71
C PHE B 37 25.81 38.19 -12.39
N ILE B 38 25.15 38.14 -11.23
CA ILE B 38 24.23 39.19 -10.80
C ILE B 38 24.95 40.52 -10.65
N SER B 39 26.18 40.49 -10.14
CA SER B 39 26.97 41.71 -9.99
C SER B 39 27.36 42.28 -11.34
N ASN B 40 27.93 41.44 -12.21
CA ASN B 40 28.41 41.88 -13.50
C ASN B 40 27.31 42.33 -14.45
N LYS B 41 26.12 41.75 -14.29
CA LYS B 41 25.01 42.04 -15.18
C LYS B 41 23.88 42.77 -14.48
N GLN B 42 24.20 43.39 -13.34
CA GLN B 42 23.22 44.06 -12.49
C GLN B 42 22.28 45.01 -13.22
N ASN B 43 22.86 45.89 -14.04
CA ASN B 43 22.08 46.90 -14.74
C ASN B 43 21.28 46.35 -15.90
N GLU B 44 21.85 45.37 -16.60
CA GLU B 44 21.15 44.73 -17.70
C GLU B 44 20.00 43.88 -17.18
N LEU B 45 20.20 43.27 -16.02
CA LEU B 45 19.16 42.49 -15.37
C LEU B 45 18.01 43.38 -14.90
N ALA B 46 18.37 44.56 -14.41
CA ALA B 46 17.39 45.50 -13.86
C ALA B 46 16.43 46.02 -14.93
N GLN B 47 16.82 45.87 -16.18
CA GLN B 47 15.98 46.35 -17.29
C GLN B 47 14.84 45.38 -17.59
N ILE B 48 14.98 44.14 -17.14
CA ILE B 48 13.98 43.12 -17.40
C ILE B 48 13.28 42.66 -16.13
N LEU B 49 14.04 42.51 -15.06
CA LEU B 49 13.52 41.91 -13.83
C LEU B 49 13.55 42.85 -12.64
N SER B 50 12.61 42.64 -11.71
CA SER B 50 12.61 43.36 -10.46
C SER B 50 13.68 42.76 -9.56
N ARG B 51 13.91 43.36 -8.40
CA ARG B 51 14.87 42.82 -7.46
C ARG B 51 14.38 41.47 -6.95
N ALA B 52 13.08 41.37 -6.72
CA ALA B 52 12.48 40.15 -6.21
C ALA B 52 12.47 39.04 -7.26
N ASP B 53 12.25 39.42 -8.51
CA ASP B 53 12.27 38.46 -9.61
C ASP B 53 13.65 37.83 -9.77
N ILE B 54 14.68 38.66 -9.66
CA ILE B 54 16.05 38.19 -9.76
C ILE B 54 16.37 37.18 -8.66
N LEU B 55 15.97 37.51 -7.43
CA LEU B 55 16.18 36.63 -6.30
C LEU B 55 15.33 35.36 -6.41
N LYS B 56 14.16 35.51 -7.02
CA LYS B 56 13.26 34.38 -7.23
C LYS B 56 13.90 33.34 -8.15
N ILE B 57 14.54 33.81 -9.21
CA ILE B 57 15.20 32.92 -10.16
C ILE B 57 16.49 32.37 -9.55
N ALA B 58 17.14 33.19 -8.72
CA ALA B 58 18.40 32.81 -8.10
C ALA B 58 18.24 31.75 -7.01
N SER B 59 17.00 31.44 -6.65
CA SER B 59 16.73 30.44 -5.62
C SER B 59 16.72 29.03 -6.20
N TYR B 60 16.90 28.93 -7.51
CA TYR B 60 16.94 27.63 -8.19
C TYR B 60 18.37 27.31 -8.62
N ASP B 61 18.66 26.02 -8.78
CA ASP B 61 19.99 25.58 -9.22
C ASP B 61 20.35 26.11 -10.60
N CYS B 62 21.63 26.39 -10.79
CA CYS B 62 22.16 26.86 -12.08
C CYS B 62 21.45 28.12 -12.57
N ALA B 63 21.24 29.07 -11.67
CA ALA B 63 20.47 30.27 -11.98
C ALA B 63 21.19 31.21 -12.94
N ALA B 64 22.51 31.09 -13.03
CA ALA B 64 23.29 31.92 -13.94
C ALA B 64 22.87 31.69 -15.39
N HIS B 65 22.59 30.43 -15.72
CA HIS B 65 22.12 30.08 -17.05
C HIS B 65 20.71 30.57 -17.28
N ALA B 66 19.89 30.51 -16.23
CA ALA B 66 18.51 30.97 -16.31
C ALA B 66 18.44 32.49 -16.46
N LEU B 67 19.33 33.19 -15.75
CA LEU B 67 19.40 34.64 -15.81
C LEU B 67 19.89 35.11 -17.18
N GLN B 68 20.83 34.36 -17.75
CA GLN B 68 21.34 34.66 -19.08
C GLN B 68 20.22 34.46 -20.11
N ALA B 69 19.44 33.41 -19.92
CA ALA B 69 18.32 33.10 -20.81
C ALA B 69 17.30 34.23 -20.82
N VAL B 70 17.08 34.83 -19.66
CA VAL B 70 16.19 35.99 -19.54
C VAL B 70 16.74 37.18 -20.33
N LEU B 71 18.04 37.37 -20.29
CA LEU B 71 18.67 38.46 -21.04
C LEU B 71 18.55 38.24 -22.54
N ASP B 72 18.69 36.99 -22.97
CA ASP B 72 18.66 36.66 -24.39
C ASP B 72 17.24 36.52 -24.94
N CYS B 73 16.30 36.12 -24.08
CA CYS B 73 14.95 35.81 -24.53
C CYS B 73 13.88 36.76 -23.98
N GLY B 74 14.14 37.34 -22.82
CA GLY B 74 13.16 38.16 -22.12
C GLY B 74 12.45 39.25 -22.92
N PRO B 75 13.21 40.24 -23.40
CA PRO B 75 12.63 41.35 -24.17
C PRO B 75 11.82 40.89 -25.39
N LEU B 77 10.33 38.01 -25.89
CA LEU B 77 9.11 37.32 -25.44
C LEU B 77 8.05 38.34 -25.01
N GLY B 78 8.51 39.45 -24.44
CA GLY B 78 7.61 40.52 -24.05
C GLY B 78 6.98 41.16 -25.28
N LYS B 79 7.76 41.24 -26.36
CA LYS B 79 7.26 41.76 -27.62
C LYS B 79 6.29 40.77 -28.27
N ARG B 80 6.34 39.52 -27.82
CA ARG B 80 5.51 38.46 -28.40
C ARG B 80 4.33 38.07 -27.50
N GLY B 81 3.94 38.97 -26.60
CA GLY B 81 2.73 38.79 -25.83
C GLY B 81 2.88 38.08 -24.50
N PHE B 82 4.11 37.78 -24.11
CA PHE B 82 4.36 37.11 -22.84
C PHE B 82 4.65 38.11 -21.73
N SER B 83 3.98 37.93 -20.60
CA SER B 83 4.10 38.84 -19.48
C SER B 83 5.40 38.62 -18.70
N GLN B 84 5.80 39.63 -17.93
CA GLN B 84 6.94 39.55 -17.04
C GLN B 84 6.77 38.41 -16.04
N SER B 85 5.55 38.28 -15.53
CA SER B 85 5.20 37.25 -14.56
C SER B 85 5.48 35.84 -15.08
N ASP B 86 5.03 35.55 -16.30
CA ASP B 86 5.21 34.23 -16.88
C ASP B 86 6.67 33.94 -17.22
N ILE B 87 7.38 34.96 -17.69
CA ILE B 87 8.80 34.82 -17.98
C ILE B 87 9.57 34.39 -16.73
N VAL B 88 9.31 35.06 -15.62
CA VAL B 88 9.94 34.71 -14.35
C VAL B 88 9.53 33.32 -13.90
N LYS B 89 8.24 33.00 -14.06
CA LYS B 89 7.72 31.70 -13.69
C LYS B 89 8.38 30.58 -14.49
N ILE B 90 8.51 30.78 -15.79
CA ILE B 90 9.12 29.79 -16.67
C ILE B 90 10.61 29.65 -16.40
N ALA B 91 11.30 30.77 -16.27
CA ALA B 91 12.75 30.75 -16.04
C ALA B 91 13.11 30.25 -14.65
N GLY B 92 12.32 30.63 -13.66
CA GLY B 92 12.56 30.23 -12.29
C GLY B 92 12.00 28.85 -12.03
N ASN B 93 12.71 27.84 -12.52
CA ASN B 93 12.24 26.46 -12.46
C ASN B 93 13.38 25.54 -12.91
N ILE B 94 13.26 24.25 -12.60
CA ILE B 94 14.27 23.31 -13.08
C ILE B 94 14.04 23.05 -14.57
N GLY B 95 15.07 23.30 -15.36
CA GLY B 95 14.93 23.27 -16.81
C GLY B 95 14.50 24.63 -17.33
N GLY B 96 14.50 25.61 -16.42
CA GLY B 96 14.01 26.94 -16.71
C GLY B 96 14.69 27.63 -17.87
N ALA B 97 16.02 27.58 -17.92
CA ALA B 97 16.77 28.20 -18.99
C ALA B 97 16.44 27.57 -20.34
N GLN B 98 16.26 26.26 -20.35
CA GLN B 98 15.93 25.54 -21.58
C GLN B 98 14.48 25.79 -22.00
N ALA B 99 13.59 25.82 -21.01
CA ALA B 99 12.17 26.07 -21.30
C ALA B 99 11.94 27.45 -21.90
N LEU B 100 12.58 28.46 -21.32
CA LEU B 100 12.41 29.84 -21.79
C LEU B 100 12.89 30.00 -23.22
N GLN B 101 13.99 29.34 -23.56
CA GLN B 101 14.52 29.36 -24.92
C GLN B 101 13.58 28.65 -25.88
N ALA B 102 12.96 27.58 -25.39
CA ALA B 102 12.04 26.79 -26.20
C ALA B 102 10.77 27.54 -26.51
N VAL B 103 10.33 28.38 -25.58
CA VAL B 103 9.16 29.22 -25.81
C VAL B 103 9.42 30.16 -26.98
N LEU B 104 10.55 30.85 -26.94
CA LEU B 104 10.92 31.79 -27.99
C LEU B 104 11.06 31.10 -29.35
N ASP B 105 11.57 29.87 -29.35
CA ASP B 105 11.77 29.12 -30.59
C ASP B 105 10.46 28.60 -31.17
N LEU B 106 9.56 28.15 -30.31
CA LEU B 106 8.37 27.44 -30.75
C LEU B 106 7.07 28.25 -30.63
N GLU B 107 7.18 29.47 -30.11
CA GLU B 107 6.01 30.33 -29.89
C GLU B 107 5.16 30.55 -31.14
N SER B 108 5.83 30.82 -32.25
CA SER B 108 5.13 31.16 -33.49
C SER B 108 4.32 29.97 -34.00
N LEU B 110 3.41 27.30 -32.39
CA LEU B 110 2.39 26.91 -31.43
C LEU B 110 1.19 27.84 -31.49
N GLY B 111 1.45 29.12 -31.76
CA GLY B 111 0.38 30.08 -31.93
C GLY B 111 -0.44 29.79 -33.16
N LYS B 112 0.24 29.46 -34.26
CA LYS B 112 -0.43 29.14 -35.52
C LYS B 112 -1.31 27.91 -35.42
N ARG B 113 -1.11 27.12 -34.38
CA ARG B 113 -1.88 25.89 -34.20
C ARG B 113 -2.92 25.99 -33.09
N GLY B 114 -3.27 27.21 -32.71
CA GLY B 114 -4.40 27.43 -31.82
C GLY B 114 -4.12 27.53 -30.34
N PHE B 115 -2.84 27.46 -29.95
CA PHE B 115 -2.48 27.58 -28.55
C PHE B 115 -2.30 29.04 -28.16
N SER B 116 -3.00 29.45 -27.12
CA SER B 116 -2.91 30.83 -26.65
C SER B 116 -1.57 31.07 -25.98
N ARG B 117 -1.28 32.34 -25.68
CA ARG B 117 -0.09 32.72 -24.94
C ARG B 117 -0.11 32.03 -23.58
N ASP B 118 -1.28 32.05 -22.95
CA ASP B 118 -1.46 31.45 -21.63
C ASP B 118 -1.23 29.95 -21.68
N ASP B 119 -1.69 29.32 -22.75
CA ASP B 119 -1.48 27.87 -22.93
C ASP B 119 0.00 27.56 -23.01
N ILE B 120 0.72 28.35 -23.81
CA ILE B 120 2.15 28.15 -24.04
C ILE B 120 2.95 28.36 -22.75
N ALA B 121 2.66 29.44 -22.03
CA ALA B 121 3.37 29.74 -20.79
C ALA B 121 3.09 28.67 -19.74
N LYS B 122 1.86 28.16 -19.73
CA LYS B 122 1.47 27.12 -18.78
C LYS B 122 2.29 25.85 -18.97
N ALA B 124 5.02 25.50 -20.57
CA ALA B 124 6.44 25.81 -20.39
C ALA B 124 6.83 25.82 -18.91
N GLY B 125 5.82 26.00 -18.06
CA GLY B 125 6.03 26.03 -16.62
C GLY B 125 6.28 24.66 -16.02
N ASN B 126 6.07 23.62 -16.82
CA ASN B 126 6.38 22.27 -16.37
C ASN B 126 7.86 22.10 -16.12
N ILE B 127 8.20 21.10 -15.30
CA ILE B 127 9.59 20.65 -15.17
C ILE B 127 10.00 20.04 -16.50
N GLY B 128 11.13 20.49 -17.04
CA GLY B 128 11.55 20.09 -18.37
C GLY B 128 10.54 20.59 -19.39
N GLY B 129 10.08 21.82 -19.18
CA GLY B 129 9.05 22.43 -20.02
C GLY B 129 9.39 22.49 -21.49
N ALA B 130 10.68 22.52 -21.80
CA ALA B 130 11.14 22.54 -23.18
C ALA B 130 10.67 21.30 -23.93
N GLN B 131 10.82 20.14 -23.30
CA GLN B 131 10.41 18.88 -23.92
C GLN B 131 8.89 18.75 -24.02
N THR B 132 8.16 19.39 -23.10
CA THR B 132 6.71 19.42 -23.17
C THR B 132 6.27 20.17 -24.42
N LEU B 133 6.83 21.36 -24.63
CA LEU B 133 6.51 22.17 -25.79
C LEU B 133 6.83 21.45 -27.10
N GLN B 134 7.99 20.79 -27.13
CA GLN B 134 8.43 20.07 -28.32
C GLN B 134 7.53 18.88 -28.63
N ALA B 135 7.13 18.16 -27.60
CA ALA B 135 6.23 17.01 -27.77
C ALA B 135 4.85 17.44 -28.27
N VAL B 136 4.34 18.53 -27.72
CA VAL B 136 3.04 19.06 -28.13
C VAL B 136 3.03 19.43 -29.62
N LEU B 137 4.13 20.05 -30.06
CA LEU B 137 4.26 20.41 -31.47
C LEU B 137 4.32 19.16 -32.34
N ASP B 138 5.01 18.13 -31.85
CA ASP B 138 5.10 16.85 -32.56
C ASP B 138 3.73 16.17 -32.66
N LEU B 139 2.93 16.28 -31.61
CA LEU B 139 1.74 15.44 -31.46
C LEU B 139 0.42 16.16 -31.66
N GLU B 140 0.47 17.46 -31.94
CA GLU B 140 -0.74 18.28 -32.03
C GLU B 140 -1.70 17.79 -33.12
N SER B 141 -1.17 17.47 -34.29
CA SER B 141 -2.01 17.05 -35.41
C SER B 141 -2.68 15.72 -35.13
N ALA B 142 -1.99 14.86 -34.38
CA ALA B 142 -2.53 13.57 -34.00
C ALA B 142 -3.72 13.72 -33.05
N PHE B 143 -3.57 14.58 -32.05
CA PHE B 143 -4.64 14.83 -31.10
C PHE B 143 -5.86 15.49 -31.75
N ARG B 144 -5.60 16.44 -32.64
CA ARG B 144 -6.67 17.15 -33.33
C ARG B 144 -7.48 16.21 -34.21
N GLU B 145 -6.79 15.30 -34.88
CA GLU B 145 -7.44 14.30 -35.72
C GLU B 145 -8.34 13.40 -34.89
N ARG B 146 -7.90 13.11 -33.67
CA ARG B 146 -8.66 12.26 -32.76
C ARG B 146 -9.77 13.04 -32.06
N GLY B 147 -9.87 14.34 -32.33
CA GLY B 147 -10.97 15.15 -31.85
C GLY B 147 -10.71 15.89 -30.55
N PHE B 148 -9.44 15.93 -30.13
CA PHE B 148 -9.06 16.64 -28.92
C PHE B 148 -8.77 18.11 -29.20
N SER B 149 -9.09 18.97 -28.23
CA SER B 149 -8.86 20.41 -28.39
C SER B 149 -7.49 20.81 -27.86
N GLN B 150 -7.10 22.05 -28.14
CA GLN B 150 -5.84 22.59 -27.64
C GLN B 150 -5.87 22.64 -26.12
N ALA B 151 -7.04 22.92 -25.56
CA ALA B 151 -7.20 23.01 -24.11
C ALA B 151 -7.08 21.62 -23.48
N ASP B 152 -7.57 20.60 -24.17
CA ASP B 152 -7.42 19.22 -23.72
C ASP B 152 -5.94 18.88 -23.63
N ILE B 153 -5.20 19.26 -24.66
CA ILE B 153 -3.78 18.95 -24.75
C ILE B 153 -2.98 19.57 -23.60
N VAL B 154 -3.33 20.80 -23.23
CA VAL B 154 -2.65 21.49 -22.13
C VAL B 154 -2.84 20.75 -20.81
N LYS B 155 -4.08 20.43 -20.48
CA LYS B 155 -4.39 19.74 -19.23
C LYS B 155 -3.69 18.38 -19.15
N ILE B 156 -3.64 17.68 -20.28
CA ILE B 156 -2.94 16.40 -20.36
C ILE B 156 -1.45 16.59 -20.10
N ALA B 157 -0.88 17.62 -20.74
CA ALA B 157 0.54 17.89 -20.61
C ALA B 157 0.89 18.49 -19.26
N GLY B 158 -0.10 19.12 -18.62
CA GLY B 158 0.09 19.79 -17.35
C GLY B 158 0.47 18.86 -16.21
N ASN B 159 0.77 19.44 -15.06
CA ASN B 159 1.21 18.68 -13.89
C ASN B 159 2.42 17.81 -14.18
N ASN B 160 3.34 18.35 -14.97
CA ASN B 160 4.58 17.66 -15.35
C ASN B 160 4.33 16.34 -16.07
N GLY B 161 3.15 16.19 -16.66
CA GLY B 161 2.83 15.00 -17.43
C GLY B 161 3.80 14.85 -18.59
N GLY B 162 3.99 15.95 -19.33
CA GLY B 162 4.98 16.00 -20.39
C GLY B 162 4.68 15.07 -21.55
N ALA B 163 5.74 14.71 -22.27
CA ALA B 163 5.63 13.85 -23.44
C ALA B 163 4.99 12.51 -23.09
N GLN B 164 5.34 11.96 -21.94
CA GLN B 164 4.85 10.65 -21.53
C GLN B 164 3.35 10.64 -21.31
N ALA B 165 2.81 11.72 -20.74
CA ALA B 165 1.37 11.83 -20.56
C ALA B 165 0.67 11.88 -21.91
N LEU B 166 1.23 12.66 -22.83
CA LEU B 166 0.70 12.79 -24.18
C LEU B 166 0.68 11.46 -24.92
N TYR B 167 1.79 10.74 -24.90
CA TYR B 167 1.85 9.45 -25.58
C TYR B 167 0.96 8.40 -24.92
N SER B 168 0.84 8.46 -23.60
CA SER B 168 -0.03 7.55 -22.87
C SER B 168 -1.48 7.67 -23.33
N VAL B 169 -1.95 8.91 -23.45
CA VAL B 169 -3.32 9.16 -23.91
C VAL B 169 -3.54 8.63 -25.32
N LEU B 170 -2.61 8.91 -26.23
CA LEU B 170 -2.69 8.40 -27.59
C LEU B 170 -2.74 6.87 -27.61
N ASP B 171 -2.02 6.26 -26.68
CA ASP B 171 -1.91 4.81 -26.60
C ASP B 171 -3.21 4.13 -26.12
N VAL B 172 -3.90 4.76 -25.18
CA VAL B 172 -5.07 4.15 -24.57
C VAL B 172 -6.40 4.62 -25.15
N GLU B 173 -6.41 5.83 -25.73
CA GLU B 173 -7.63 6.45 -26.23
C GLU B 173 -8.48 5.60 -27.21
N PRO B 174 -7.85 4.99 -28.23
CA PRO B 174 -8.67 4.20 -29.16
C PRO B 174 -9.39 3.05 -28.46
N THR B 175 -8.72 2.43 -27.49
CA THR B 175 -9.32 1.32 -26.76
C THR B 175 -10.44 1.81 -25.85
N LEU B 176 -10.17 2.84 -25.07
CA LEU B 176 -11.14 3.38 -24.13
C LEU B 176 -12.39 3.94 -24.81
N GLY B 177 -12.20 4.43 -26.04
CA GLY B 177 -13.32 4.95 -26.81
C GLY B 177 -14.29 3.85 -27.23
N LYS B 178 -13.75 2.69 -27.58
CA LYS B 178 -14.56 1.54 -27.94
C LYS B 178 -15.25 0.95 -26.72
N ARG B 179 -14.75 1.29 -25.54
CA ARG B 179 -15.29 0.78 -24.28
CA ARG B 179 -15.30 0.77 -24.30
C ARG B 179 -16.34 1.73 -23.71
N GLY B 180 -16.61 2.81 -24.43
CA GLY B 180 -17.67 3.73 -24.03
C GLY B 180 -17.23 4.99 -23.30
N PHE B 181 -15.91 5.19 -23.17
CA PHE B 181 -15.40 6.38 -22.50
C PHE B 181 -15.36 7.58 -23.44
N SER B 182 -15.84 8.72 -22.95
CA SER B 182 -15.81 9.95 -23.74
C SER B 182 -14.43 10.59 -23.65
N ARG B 183 -14.19 11.58 -24.50
CA ARG B 183 -12.92 12.29 -24.48
C ARG B 183 -12.81 13.16 -23.23
N ALA B 184 -13.95 13.66 -22.76
CA ALA B 184 -14.00 14.43 -21.52
C ALA B 184 -13.57 13.57 -20.34
N ASP B 185 -13.96 12.30 -20.37
CA ASP B 185 -13.56 11.35 -19.33
C ASP B 185 -12.04 11.17 -19.33
N ILE B 186 -11.48 10.95 -20.52
CA ILE B 186 -10.05 10.76 -20.69
C ILE B 186 -9.25 11.98 -20.20
N VAL B 187 -9.70 13.16 -20.60
CA VAL B 187 -9.02 14.40 -20.22
C VAL B 187 -9.08 14.63 -18.72
N LYS B 188 -10.25 14.42 -18.12
CA LYS B 188 -10.42 14.63 -16.69
C LYS B 188 -9.50 13.71 -15.88
N ILE B 189 -9.36 12.47 -16.33
CA ILE B 189 -8.49 11.51 -15.67
C ILE B 189 -7.03 11.87 -15.89
N ALA B 190 -6.70 12.28 -17.12
CA ALA B 190 -5.33 12.62 -17.48
C ALA B 190 -4.83 13.91 -16.83
N GLY B 191 -5.76 14.82 -16.53
CA GLY B 191 -5.40 16.13 -16.02
C GLY B 191 -4.62 16.12 -14.71
N ASN B 192 -4.84 15.10 -13.88
CA ASN B 192 -4.22 15.04 -12.57
C ASN B 192 -2.78 14.58 -12.58
N THR B 193 -2.11 14.76 -11.45
CA THR B 193 -0.79 14.19 -11.24
C THR B 193 -0.90 12.67 -11.28
N GLY B 194 -0.09 12.04 -12.12
CA GLY B 194 -0.16 10.61 -12.31
C GLY B 194 -1.31 10.20 -13.21
N GLY B 195 -1.97 11.19 -13.81
CA GLY B 195 -3.12 10.96 -14.65
C GLY B 195 -2.84 10.04 -15.83
N ALA B 196 -1.61 10.08 -16.33
CA ALA B 196 -1.20 9.21 -17.42
C ALA B 196 -1.25 7.75 -16.98
N GLN B 197 -0.66 7.46 -15.82
CA GLN B 197 -0.65 6.11 -15.28
C GLN B 197 -2.05 5.67 -14.89
N ALA B 198 -2.87 6.61 -14.41
CA ALA B 198 -4.25 6.31 -14.05
C ALA B 198 -5.05 5.84 -15.26
N LEU B 199 -4.73 6.39 -16.43
CA LEU B 199 -5.40 5.97 -17.66
C LEU B 199 -5.05 4.54 -18.07
N HIS B 200 -3.77 4.19 -17.93
CA HIS B 200 -3.33 2.83 -18.22
C HIS B 200 -3.99 1.85 -17.26
N THR B 201 -4.14 2.26 -16.01
CA THR B 201 -4.78 1.44 -15.00
C THR B 201 -6.25 1.20 -15.35
N VAL B 202 -6.91 2.27 -15.80
CA VAL B 202 -8.30 2.17 -16.25
C VAL B 202 -8.43 1.16 -17.38
N LEU B 203 -7.58 1.29 -18.39
CA LEU B 203 -7.58 0.34 -19.50
C LEU B 203 -7.39 -1.09 -19.01
N ASP B 204 -6.46 -1.27 -18.08
CA ASP B 204 -6.14 -2.60 -17.54
C ASP B 204 -7.24 -3.17 -16.64
N LEU B 205 -7.91 -2.30 -15.88
CA LEU B 205 -8.78 -2.77 -14.80
C LEU B 205 -10.27 -2.67 -15.09
N GLU B 206 -10.63 -1.82 -16.06
CA GLU B 206 -12.03 -1.62 -16.44
C GLU B 206 -12.83 -2.90 -16.76
N PRO B 207 -12.24 -3.86 -17.51
CA PRO B 207 -13.03 -5.06 -17.79
C PRO B 207 -13.41 -5.85 -16.52
N ALA B 208 -12.49 -5.99 -15.60
CA ALA B 208 -12.78 -6.69 -14.35
C ALA B 208 -13.72 -5.87 -13.48
N LEU B 209 -13.53 -4.56 -13.51
CA LEU B 209 -14.41 -3.63 -12.79
C LEU B 209 -15.85 -3.80 -13.23
N GLY B 210 -16.06 -3.84 -14.55
CA GLY B 210 -17.38 -3.98 -15.12
C GLY B 210 -18.05 -5.30 -14.76
N LYS B 211 -17.27 -6.38 -14.82
CA LYS B 211 -17.78 -7.70 -14.46
C LYS B 211 -18.14 -7.77 -12.97
N ARG B 212 -17.39 -7.04 -12.16
CA ARG B 212 -17.66 -6.97 -10.72
C ARG B 212 -18.98 -6.24 -10.47
N GLY B 213 -19.34 -5.31 -11.36
CA GLY B 213 -20.63 -4.66 -11.29
C GLY B 213 -20.57 -3.14 -11.26
N PHE B 214 -19.36 -2.58 -11.33
CA PHE B 214 -19.21 -1.13 -11.31
C PHE B 214 -19.39 -0.53 -12.69
N SER B 215 -20.07 0.61 -12.75
CA SER B 215 -20.37 1.26 -14.01
C SER B 215 -19.22 2.13 -14.48
N ARG B 216 -19.28 2.57 -15.73
CA ARG B 216 -18.26 3.44 -16.30
C ARG B 216 -18.16 4.76 -15.54
N ILE B 217 -19.31 5.28 -15.10
CA ILE B 217 -19.35 6.52 -14.34
C ILE B 217 -18.62 6.35 -13.01
N ASP B 218 -18.86 5.22 -12.35
CA ASP B 218 -18.14 4.88 -11.13
C ASP B 218 -16.64 4.84 -11.39
N ILE B 219 -16.27 4.19 -12.49
CA ILE B 219 -14.87 4.02 -12.85
C ILE B 219 -14.17 5.35 -13.10
N VAL B 220 -14.77 6.19 -13.92
CA VAL B 220 -14.21 7.51 -14.21
C VAL B 220 -14.06 8.33 -12.93
N LYS B 221 -15.09 8.31 -12.10
CA LYS B 221 -15.12 9.10 -10.88
C LYS B 221 -13.99 8.70 -9.93
N ILE B 222 -13.79 7.39 -9.78
CA ILE B 222 -12.71 6.87 -8.95
C ILE B 222 -11.35 7.24 -9.55
N ALA B 223 -11.25 7.17 -10.86
CA ALA B 223 -9.98 7.38 -11.56
C ALA B 223 -9.58 8.85 -11.64
N ALA B 224 -10.55 9.75 -11.63
CA ALA B 224 -10.31 11.16 -11.91
C ALA B 224 -9.88 11.97 -10.68
N ASN B 225 -9.39 11.29 -9.65
CA ASN B 225 -8.82 11.97 -8.50
C ASN B 225 -7.33 11.69 -8.43
N ASN B 226 -6.61 12.50 -7.67
CA ASN B 226 -5.24 12.15 -7.30
C ASN B 226 -5.28 10.83 -6.55
N GLY B 227 -4.38 9.91 -6.91
CA GLY B 227 -4.35 8.60 -6.30
C GLY B 227 -5.39 7.67 -6.88
N GLY B 228 -5.91 8.04 -8.05
CA GLY B 228 -6.99 7.29 -8.69
C GLY B 228 -6.64 5.86 -9.05
N ALA B 229 -5.42 5.66 -9.56
CA ALA B 229 -4.98 4.33 -9.96
C ALA B 229 -4.98 3.40 -8.77
N GLN B 230 -4.52 3.91 -7.63
CA GLN B 230 -4.49 3.13 -6.40
C GLN B 230 -5.90 2.74 -5.96
N ALA B 231 -6.83 3.68 -6.08
CA ALA B 231 -8.21 3.47 -5.67
C ALA B 231 -8.91 2.43 -6.54
N LEU B 232 -8.59 2.43 -7.83
CA LEU B 232 -9.12 1.42 -8.75
C LEU B 232 -8.64 0.02 -8.33
N HIS B 233 -7.37 -0.07 -7.95
CA HIS B 233 -6.80 -1.33 -7.48
C HIS B 233 -7.47 -1.77 -6.18
N ALA B 234 -7.70 -0.80 -5.29
CA ALA B 234 -8.30 -1.08 -3.99
C ALA B 234 -9.73 -1.57 -4.12
N VAL B 235 -10.45 -1.05 -5.12
CA VAL B 235 -11.82 -1.49 -5.37
C VAL B 235 -11.83 -2.97 -5.75
N LEU B 236 -10.92 -3.37 -6.62
CA LEU B 236 -10.85 -4.75 -7.07
C LEU B 236 -10.36 -5.71 -5.99
N ASP B 237 -9.33 -5.30 -5.26
CA ASP B 237 -8.69 -6.18 -4.29
C ASP B 237 -9.39 -6.22 -2.93
N LEU B 238 -10.04 -5.13 -2.56
CA LEU B 238 -10.66 -5.02 -1.25
C LEU B 238 -12.19 -5.16 -1.35
N GLY B 239 -12.70 -4.95 -2.55
CA GLY B 239 -14.13 -5.00 -2.82
C GLY B 239 -14.88 -6.23 -2.33
N PRO B 240 -14.52 -7.42 -2.84
CA PRO B 240 -15.20 -8.67 -2.47
C PRO B 240 -15.27 -8.88 -0.96
N THR B 241 -14.18 -8.59 -0.27
CA THR B 241 -14.14 -8.73 1.19
C THR B 241 -15.11 -7.75 1.84
N LEU B 242 -15.15 -6.52 1.33
CA LEU B 242 -16.04 -5.50 1.85
C LEU B 242 -17.50 -5.89 1.66
N ARG B 243 -17.81 -6.50 0.53
CA ARG B 243 -19.17 -6.97 0.26
C ARG B 243 -19.59 -8.05 1.25
N GLU B 244 -18.67 -8.97 1.54
CA GLU B 244 -18.95 -10.05 2.48
C GLU B 244 -19.19 -9.50 3.88
N CYS B 245 -18.55 -8.38 4.20
CA CYS B 245 -18.76 -7.73 5.49
C CYS B 245 -20.12 -7.03 5.55
N GLY B 246 -20.75 -6.87 4.39
CA GLY B 246 -22.09 -6.31 4.35
C GLY B 246 -22.24 -5.01 3.56
N PHE B 247 -21.12 -4.42 3.17
CA PHE B 247 -21.16 -3.16 2.44
C PHE B 247 -21.59 -3.35 0.99
N SER B 248 -22.40 -2.44 0.48
CA SER B 248 -22.88 -2.53 -0.89
C SER B 248 -21.82 -2.02 -1.88
N GLN B 249 -22.01 -2.34 -3.15
CA GLN B 249 -21.10 -1.88 -4.20
C GLN B 249 -21.21 -0.38 -4.41
N ALA B 250 -22.43 0.14 -4.26
CA ALA B 250 -22.65 1.58 -4.37
C ALA B 250 -21.85 2.30 -3.28
N THR B 251 -21.86 1.74 -2.08
CA THR B 251 -21.09 2.29 -0.97
C THR B 251 -19.59 2.21 -1.22
N ILE B 252 -19.13 1.06 -1.72
CA ILE B 252 -17.73 0.87 -2.05
C ILE B 252 -17.29 1.91 -3.09
N ALA B 253 -18.09 2.08 -4.13
CA ALA B 253 -17.81 3.06 -5.17
C ALA B 253 -17.79 4.49 -4.65
N LYS B 254 -18.68 4.79 -3.71
CA LYS B 254 -18.75 6.14 -3.15
C LYS B 254 -17.53 6.45 -2.30
N ILE B 255 -17.13 5.49 -1.48
CA ILE B 255 -15.96 5.65 -0.63
C ILE B 255 -14.68 5.78 -1.45
N ALA B 256 -14.60 5.03 -2.53
CA ALA B 256 -13.42 5.05 -3.38
C ALA B 256 -13.39 6.28 -4.28
N GLY B 257 -14.56 6.85 -4.52
CA GLY B 257 -14.71 7.96 -5.44
C GLY B 257 -14.16 9.29 -4.97
N ASN B 258 -13.71 9.34 -3.72
CA ASN B 258 -13.13 10.56 -3.18
C ASN B 258 -11.61 10.51 -3.15
N ILE B 259 -10.99 11.68 -3.05
CA ILE B 259 -9.55 11.78 -2.83
C ILE B 259 -9.18 11.00 -1.58
N GLY B 260 -8.20 10.11 -1.70
CA GLY B 260 -7.81 9.26 -0.60
C GLY B 260 -8.71 8.04 -0.48
N GLY B 261 -9.32 7.67 -1.61
CA GLY B 261 -10.29 6.59 -1.65
C GLY B 261 -9.70 5.22 -1.32
N ALA B 262 -8.47 4.99 -1.77
CA ALA B 262 -7.80 3.73 -1.51
C ALA B 262 -7.56 3.53 -0.02
N GLN B 263 -7.08 4.58 0.63
CA GLN B 263 -6.80 4.52 2.07
C GLN B 263 -8.11 4.42 2.87
N ALA B 264 -9.16 5.07 2.38
CA ALA B 264 -10.47 5.01 3.03
C ALA B 264 -11.04 3.61 3.01
N LEU B 265 -10.95 2.94 1.85
CA LEU B 265 -11.37 1.55 1.74
C LEU B 265 -10.55 0.66 2.65
N GLN B 266 -9.25 0.93 2.75
CA GLN B 266 -8.35 0.12 3.55
C GLN B 266 -8.65 0.27 5.04
N VAL B 268 -11.63 0.95 6.35
CA VAL B 268 -12.88 0.26 6.64
C VAL B 268 -12.57 -1.20 6.94
N LEU B 269 -11.66 -1.76 6.16
CA LEU B 269 -11.25 -3.15 6.33
C LEU B 269 -10.46 -3.33 7.63
N ASP B 270 -9.49 -2.45 7.86
CA ASP B 270 -8.62 -2.54 9.03
C ASP B 270 -9.29 -2.16 10.35
N LEU B 271 -10.14 -1.13 10.32
CA LEU B 271 -10.67 -0.53 11.55
C LEU B 271 -12.13 -0.87 11.79
N GLY B 272 -12.85 -1.19 10.72
CA GLY B 272 -14.25 -1.56 10.79
C GLY B 272 -14.66 -2.55 11.85
N PRO B 273 -13.98 -3.72 11.92
CA PRO B 273 -14.27 -4.72 12.95
C PRO B 273 -14.18 -4.17 14.37
N ALA B 274 -13.11 -3.43 14.67
CA ALA B 274 -12.92 -2.86 16.00
C ALA B 274 -13.97 -1.80 16.30
N LEU B 275 -14.29 -0.98 15.30
CA LEU B 275 -15.32 0.03 15.45
C LEU B 275 -16.69 -0.62 15.63
N GLY B 276 -16.91 -1.72 14.92
CA GLY B 276 -18.15 -2.46 15.03
C GLY B 276 -18.36 -3.04 16.41
N LYS B 277 -17.29 -3.57 17.01
CA LYS B 277 -17.38 -4.13 18.35
C LYS B 277 -17.75 -3.07 19.39
N ARG B 278 -17.37 -1.83 19.13
CA ARG B 278 -17.69 -0.74 20.04
C ARG B 278 -19.14 -0.28 19.91
N GLY B 279 -19.80 -0.72 18.84
CA GLY B 279 -21.21 -0.44 18.66
C GLY B 279 -21.53 0.52 17.53
N PHE B 280 -20.52 0.86 16.73
CA PHE B 280 -20.75 1.67 15.55
C PHE B 280 -21.29 0.80 14.42
N SER B 281 -22.45 1.17 13.88
CA SER B 281 -23.08 0.38 12.83
C SER B 281 -22.30 0.49 11.53
N GLN B 282 -22.60 -0.40 10.59
CA GLN B 282 -21.95 -0.39 9.29
C GLN B 282 -22.34 0.85 8.48
N ALA B 283 -23.59 1.27 8.60
CA ALA B 283 -24.05 2.49 7.95
C ALA B 283 -23.27 3.69 8.46
N THR B 284 -23.03 3.72 9.77
CA THR B 284 -22.25 4.78 10.39
C THR B 284 -20.80 4.75 9.91
N ILE B 285 -20.20 3.57 9.89
CA ILE B 285 -18.84 3.41 9.39
C ILE B 285 -18.76 3.84 7.92
N ALA B 286 -19.77 3.46 7.15
CA ALA B 286 -19.85 3.81 5.73
C ALA B 286 -19.96 5.31 5.52
N LYS B 287 -20.76 5.98 6.36
CA LYS B 287 -20.94 7.43 6.24
C LYS B 287 -19.65 8.19 6.58
N ILE B 288 -18.99 7.76 7.65
CA ILE B 288 -17.74 8.36 8.06
C ILE B 288 -16.67 8.19 6.96
N ALA B 289 -16.60 6.97 6.42
CA ALA B 289 -15.63 6.67 5.39
C ALA B 289 -15.94 7.35 4.06
N GLY B 290 -17.22 7.68 3.85
CA GLY B 290 -17.70 8.16 2.58
C GLY B 290 -17.46 9.62 2.27
N ASN B 291 -16.81 10.33 3.18
CA ASN B 291 -16.45 11.72 2.92
C ASN B 291 -14.97 11.85 2.61
N ILE B 292 -14.57 12.98 2.05
CA ILE B 292 -13.16 13.30 1.89
C ILE B 292 -12.49 13.30 3.26
N GLY B 293 -11.36 12.60 3.37
CA GLY B 293 -10.67 12.45 4.63
C GLY B 293 -11.29 11.37 5.49
N GLY B 294 -12.06 10.50 4.87
CA GLY B 294 -12.75 9.43 5.56
C GLY B 294 -11.81 8.52 6.31
N ALA B 295 -10.65 8.26 5.73
CA ALA B 295 -9.66 7.39 6.35
C ALA B 295 -9.19 7.95 7.69
N GLN B 296 -8.91 9.26 7.71
CA GLN B 296 -8.47 9.92 8.94
C GLN B 296 -9.62 10.00 9.95
N ALA B 297 -10.84 10.17 9.44
CA ALA B 297 -12.01 10.27 10.29
C ALA B 297 -12.25 8.95 11.02
N LEU B 298 -12.13 7.84 10.28
CA LEU B 298 -12.22 6.51 10.88
C LEU B 298 -11.14 6.32 11.95
N GLN B 299 -9.91 6.66 11.60
CA GLN B 299 -8.78 6.48 12.51
C GLN B 299 -8.97 7.32 13.77
N THR B 300 -9.48 8.53 13.60
CA THR B 300 -9.65 9.46 14.72
C THR B 300 -10.78 9.01 15.64
N VAL B 301 -11.85 8.47 15.07
CA VAL B 301 -12.91 7.88 15.87
C VAL B 301 -12.36 6.79 16.77
N LEU B 302 -11.68 5.82 16.17
CA LEU B 302 -11.13 4.69 16.92
C LEU B 302 -10.19 5.16 18.03
N ASP B 303 -9.33 6.11 17.70
CA ASP B 303 -8.32 6.56 18.64
C ASP B 303 -8.89 7.45 19.75
N LEU B 304 -9.80 8.35 19.39
CA LEU B 304 -10.25 9.38 20.33
C LEU B 304 -11.57 9.07 21.02
N GLU B 305 -12.29 8.05 20.55
CA GLU B 305 -13.55 7.64 21.19
C GLU B 305 -13.44 7.37 22.70
N PRO B 306 -12.41 6.63 23.15
CA PRO B 306 -12.29 6.39 24.59
C PRO B 306 -12.21 7.67 25.44
N ALA B 307 -11.38 8.62 25.02
CA ALA B 307 -11.21 9.86 25.78
C ALA B 307 -12.45 10.75 25.70
N LEU B 308 -13.10 10.75 24.54
CA LEU B 308 -14.31 11.54 24.36
C LEU B 308 -15.46 10.99 25.19
N CYS B 309 -15.53 9.67 25.29
CA CYS B 309 -16.54 9.02 26.12
C CYS B 309 -16.37 9.38 27.59
N GLU B 310 -15.12 9.33 28.06
CA GLU B 310 -14.82 9.65 29.46
C GLU B 310 -15.10 11.11 29.77
N ARG B 311 -15.15 11.95 28.74
CA ARG B 311 -15.44 13.36 28.92
C ARG B 311 -16.94 13.61 28.91
N GLY B 312 -17.72 12.58 28.56
CA GLY B 312 -19.16 12.67 28.63
C GLY B 312 -19.91 12.55 27.31
N PHE B 313 -19.17 12.47 26.21
CA PHE B 313 -19.80 12.40 24.90
C PHE B 313 -20.33 11.00 24.62
N SER B 314 -21.59 10.93 24.19
CA SER B 314 -22.21 9.66 23.84
C SER B 314 -21.63 9.14 22.53
N GLN B 315 -21.85 7.86 22.27
CA GLN B 315 -21.35 7.23 21.05
C GLN B 315 -22.03 7.80 19.82
N ALA B 316 -23.33 8.07 19.94
CA ALA B 316 -24.09 8.64 18.84
C ALA B 316 -23.57 10.03 18.47
N THR B 317 -23.26 10.82 19.48
CA THR B 317 -22.70 12.15 19.28
C THR B 317 -21.37 12.08 18.55
N ILE B 318 -20.50 11.21 19.03
CA ILE B 318 -19.20 10.99 18.40
C ILE B 318 -19.36 10.60 16.93
N ALA B 319 -20.27 9.66 16.68
CA ALA B 319 -20.55 9.21 15.33
C ALA B 319 -21.03 10.34 14.43
N LYS B 320 -21.84 11.23 14.99
CA LYS B 320 -22.37 12.36 14.24
C LYS B 320 -21.27 13.34 13.82
N ALA B 322 -18.22 12.78 13.52
CA ALA B 322 -17.27 12.10 12.65
C ALA B 322 -17.81 11.94 11.24
N GLY B 323 -19.13 11.88 11.12
CA GLY B 323 -19.79 11.60 9.85
C GLY B 323 -19.90 12.79 8.92
N ASN B 324 -19.47 13.96 9.39
CA ASN B 324 -19.46 15.16 8.57
C ASN B 324 -18.13 15.34 7.86
N ASN B 325 -18.10 16.24 6.88
CA ASN B 325 -16.84 16.66 6.28
C ASN B 325 -15.97 17.30 7.36
N GLY B 326 -14.69 16.95 7.35
CA GLY B 326 -13.78 17.45 8.37
C GLY B 326 -14.00 16.77 9.70
N GLY B 327 -14.55 15.55 9.67
CA GLY B 327 -14.88 14.81 10.88
C GLY B 327 -13.71 14.58 11.81
N ALA B 328 -12.55 14.27 11.26
CA ALA B 328 -11.36 14.03 12.06
C ALA B 328 -10.97 15.28 12.84
N GLN B 329 -10.95 16.41 12.15
CA GLN B 329 -10.61 17.69 12.77
C GLN B 329 -11.58 18.02 13.89
N ALA B 330 -12.86 17.79 13.65
CA ALA B 330 -13.90 18.07 14.63
C ALA B 330 -13.66 17.31 15.94
N LEU B 331 -13.45 16.01 15.82
CA LEU B 331 -13.21 15.16 16.99
C LEU B 331 -11.97 15.61 17.76
N GLN B 332 -10.88 15.82 17.03
CA GLN B 332 -9.62 16.21 17.64
C GLN B 332 -9.72 17.60 18.28
N THR B 333 -10.42 18.50 17.61
CA THR B 333 -10.61 19.85 18.13
C THR B 333 -11.52 19.85 19.35
N VAL B 334 -12.61 19.08 19.27
CA VAL B 334 -13.53 18.94 20.41
C VAL B 334 -12.78 18.51 21.66
N LEU B 335 -11.96 17.47 21.53
CA LEU B 335 -11.20 16.96 22.65
C LEU B 335 -10.25 18.03 23.20
N ASP B 336 -9.69 18.82 22.29
CA ASP B 336 -8.72 19.84 22.67
C ASP B 336 -9.38 21.05 23.34
N LEU B 337 -10.55 21.45 22.84
CA LEU B 337 -11.16 22.71 23.26
C LEU B 337 -12.26 22.57 24.34
N GLU B 338 -12.79 21.37 24.49
CA GLU B 338 -13.86 21.12 25.46
C GLU B 338 -13.63 21.70 26.88
N PRO B 339 -12.42 21.51 27.45
CA PRO B 339 -12.22 22.05 28.80
C PRO B 339 -12.32 23.58 28.85
N ALA B 340 -11.69 24.26 27.89
CA ALA B 340 -11.75 25.71 27.83
C ALA B 340 -13.19 26.19 27.65
N LEU B 341 -13.92 25.51 26.77
CA LEU B 341 -15.31 25.84 26.51
C LEU B 341 -16.17 25.55 27.73
N ARG B 342 -15.88 24.45 28.42
CA ARG B 342 -16.62 24.10 29.62
C ARG B 342 -16.39 25.14 30.72
N LYS B 343 -15.17 25.65 30.80
CA LYS B 343 -14.83 26.67 31.78
C LYS B 343 -15.49 28.01 31.45
N ARG B 344 -15.91 28.17 30.19
CA ARG B 344 -16.61 29.38 29.77
C ARG B 344 -18.12 29.16 29.80
N ASP B 345 -18.56 28.20 30.60
CA ASP B 345 -19.97 27.91 30.86
C ASP B 345 -20.77 27.33 29.69
N PHE B 346 -20.08 26.86 28.66
CA PHE B 346 -20.75 26.15 27.57
C PHE B 346 -21.17 24.77 28.04
N ARG B 347 -22.44 24.43 27.86
CA ARG B 347 -22.90 23.07 28.12
C ARG B 347 -22.32 22.17 27.04
N GLN B 348 -22.31 20.86 27.30
CA GLN B 348 -21.86 19.91 26.30
C GLN B 348 -22.74 19.97 25.06
N ALA B 349 -24.05 20.11 25.28
CA ALA B 349 -25.02 20.14 24.18
C ALA B 349 -24.76 21.30 23.22
N ASP B 350 -24.26 22.42 23.75
CA ASP B 350 -23.91 23.56 22.92
C ASP B 350 -22.61 23.32 22.15
N ILE B 351 -21.64 22.69 22.82
CA ILE B 351 -20.38 22.33 22.17
C ILE B 351 -20.66 21.37 21.03
N ILE B 352 -21.55 20.40 21.28
CA ILE B 352 -21.95 19.44 20.27
C ILE B 352 -22.67 20.11 19.09
N LYS B 353 -23.52 21.08 19.40
CA LYS B 353 -24.26 21.80 18.37
C LYS B 353 -23.33 22.51 17.39
N ILE B 354 -22.29 23.13 17.92
CA ILE B 354 -21.31 23.83 17.12
C ILE B 354 -20.44 22.87 16.33
N ALA B 355 -20.06 21.76 16.97
CA ALA B 355 -19.14 20.80 16.37
C ALA B 355 -19.80 19.88 15.35
N GLY B 356 -21.11 19.71 15.48
CA GLY B 356 -21.83 18.70 14.72
C GLY B 356 -22.22 19.05 13.28
N ASN B 357 -21.58 20.05 12.71
CA ASN B 357 -21.80 20.38 11.31
C ASN B 357 -20.49 20.25 10.52
N ASP B 358 -20.58 20.30 9.20
CA ASP B 358 -19.39 20.45 8.36
C ASP B 358 -18.63 21.68 8.82
N GLY B 359 -17.31 21.56 8.90
CA GLY B 359 -16.45 22.65 9.33
C GLY B 359 -16.57 22.94 10.81
N GLY B 360 -17.07 21.97 11.57
CA GLY B 360 -17.31 22.14 12.99
C GLY B 360 -16.08 22.49 13.79
N ALA B 361 -14.93 21.96 13.39
CA ALA B 361 -13.67 22.24 14.07
C ALA B 361 -13.34 23.73 14.00
N GLN B 362 -13.53 24.32 12.82
CA GLN B 362 -13.28 25.73 12.60
C GLN B 362 -14.24 26.60 13.42
N ALA B 363 -15.49 26.16 13.50
CA ALA B 363 -16.51 26.89 14.26
C ALA B 363 -16.17 26.93 15.75
N LEU B 364 -15.76 25.79 16.30
CA LEU B 364 -15.32 25.71 17.68
C LEU B 364 -14.10 26.60 17.92
N GLN B 365 -13.18 26.58 16.96
CA GLN B 365 -11.98 27.39 17.05
C GLN B 365 -12.36 28.86 17.02
N ALA B 366 -13.34 29.20 16.19
CA ALA B 366 -13.82 30.56 16.09
C ALA B 366 -14.49 31.03 17.38
N VAL B 367 -15.21 30.12 18.03
CA VAL B 367 -15.85 30.42 19.30
C VAL B 367 -14.80 30.74 20.36
N ILE B 368 -13.74 29.95 20.40
CA ILE B 368 -12.64 30.17 21.33
C ILE B 368 -11.93 31.49 21.05
N GLU B 369 -11.65 31.77 19.78
CA GLU B 369 -10.92 32.97 19.41
C GLU B 369 -11.75 34.25 19.57
N HIS B 370 -13.00 34.21 19.10
CA HIS B 370 -13.81 35.41 19.00
C HIS B 370 -14.82 35.58 20.15
N GLY B 371 -15.01 34.51 20.92
CA GLY B 371 -15.98 34.48 21.99
C GLY B 371 -15.99 35.66 22.96
N PRO B 372 -14.88 35.86 23.69
CA PRO B 372 -14.77 36.96 24.66
C PRO B 372 -15.09 38.32 24.06
N THR B 373 -14.62 38.58 22.83
CA THR B 373 -14.88 39.84 22.17
C THR B 373 -16.36 40.01 21.88
N LEU B 374 -17.01 38.91 21.48
CA LEU B 374 -18.43 38.92 21.19
C LEU B 374 -19.25 39.19 22.44
N ARG B 375 -18.79 38.67 23.58
CA ARG B 375 -19.44 38.94 24.86
C ARG B 375 -19.34 40.43 25.17
N GLN B 376 -18.18 41.01 24.86
CA GLN B 376 -17.94 42.43 25.10
C GLN B 376 -18.86 43.31 24.27
N HIS B 377 -19.29 42.80 23.12
CA HIS B 377 -20.18 43.54 22.23
C HIS B 377 -21.64 43.44 22.63
N GLY B 378 -21.96 42.51 23.53
CA GLY B 378 -23.32 42.37 24.02
C GLY B 378 -23.93 41.00 23.80
N PHE B 379 -23.33 40.22 22.91
CA PHE B 379 -23.84 38.87 22.61
C PHE B 379 -23.65 37.94 23.81
N ASN B 380 -24.66 37.12 24.08
CA ASN B 380 -24.54 36.11 25.13
C ASN B 380 -24.17 34.76 24.56
N LEU B 381 -24.06 33.74 25.42
CA LEU B 381 -23.72 32.39 24.96
C LEU B 381 -24.72 31.87 23.94
N ALA B 382 -26.00 32.08 24.21
CA ALA B 382 -27.08 31.63 23.33
C ALA B 382 -26.92 32.16 21.91
N ASP B 383 -26.63 33.45 21.78
CA ASP B 383 -26.41 34.07 20.48
C ASP B 383 -25.23 33.43 19.75
N ILE B 384 -24.11 33.28 20.46
CA ILE B 384 -22.90 32.71 19.88
C ILE B 384 -23.13 31.30 19.36
N VAL B 385 -23.79 30.47 20.17
CA VAL B 385 -24.13 29.13 19.77
C VAL B 385 -25.02 29.14 18.52
N LYS B 386 -25.96 30.07 18.49
CA LYS B 386 -26.88 30.16 17.35
C LYS B 386 -26.14 30.52 16.07
N ALA B 388 -22.78 30.28 15.52
CA ALA B 388 -21.71 29.34 15.22
C ALA B 388 -22.24 27.94 14.93
N GLY B 389 -23.48 27.68 15.34
CA GLY B 389 -24.05 26.35 15.25
C GLY B 389 -24.65 26.00 13.91
N ASN B 390 -24.23 26.70 12.86
CA ASN B 390 -24.62 26.38 11.50
C ASN B 390 -23.39 26.06 10.66
N ILE B 391 -23.62 25.47 9.48
CA ILE B 391 -22.56 25.35 8.51
C ILE B 391 -22.09 26.76 8.14
N GLY B 392 -20.79 26.97 8.13
CA GLY B 392 -20.24 28.29 7.86
C GLY B 392 -20.21 29.14 9.10
N GLY B 393 -20.38 28.50 10.26
CA GLY B 393 -20.46 29.19 11.53
C GLY B 393 -19.23 30.03 11.85
N ALA B 394 -18.05 29.52 11.47
CA ALA B 394 -16.81 30.23 11.70
C ALA B 394 -16.80 31.57 10.96
N GLN B 395 -17.23 31.53 9.70
CA GLN B 395 -17.29 32.73 8.86
C GLN B 395 -18.30 33.73 9.43
N ALA B 396 -19.40 33.22 9.95
CA ALA B 396 -20.44 34.07 10.54
C ALA B 396 -19.90 34.83 11.74
N LEU B 397 -19.21 34.13 12.63
CA LEU B 397 -18.60 34.77 13.80
C LEU B 397 -17.54 35.78 13.39
N GLN B 398 -16.70 35.40 12.44
CA GLN B 398 -15.65 36.29 11.94
C GLN B 398 -16.26 37.51 11.25
N ALA B 399 -17.38 37.30 10.57
CA ALA B 399 -18.06 38.38 9.87
C ALA B 399 -18.62 39.42 10.83
N VAL B 400 -19.21 38.97 11.94
CA VAL B 400 -19.78 39.88 12.92
C VAL B 400 -18.73 40.84 13.48
N LEU B 401 -17.54 40.31 13.76
CA LEU B 401 -16.46 41.13 14.29
C LEU B 401 -15.91 42.12 13.28
N ASP B 402 -15.73 41.67 12.05
CA ASP B 402 -15.15 42.51 11.01
C ASP B 402 -16.12 43.57 10.50
N LEU B 403 -17.40 43.42 10.82
CA LEU B 403 -18.41 44.33 10.30
C LEU B 403 -19.13 45.10 11.41
N LYS B 404 -18.81 44.76 12.66
CA LYS B 404 -19.45 45.38 13.82
C LYS B 404 -19.50 46.92 13.81
N PRO B 405 -18.38 47.58 13.49
CA PRO B 405 -18.44 49.06 13.46
C PRO B 405 -19.40 49.58 12.40
N VAL B 406 -19.33 49.02 11.20
CA VAL B 406 -20.17 49.46 10.09
C VAL B 406 -21.65 49.15 10.36
N LEU B 407 -21.90 48.06 11.09
CA LEU B 407 -23.26 47.61 11.35
C LEU B 407 -24.02 48.54 12.29
N ASP B 408 -23.42 48.86 13.44
CA ASP B 408 -24.10 49.66 14.44
C ASP B 408 -24.09 51.16 14.13
N GLU B 409 -23.42 51.53 13.05
CA GLU B 409 -23.45 52.91 12.59
C GLU B 409 -24.60 53.06 11.59
N HIS B 410 -25.03 51.94 11.04
CA HIS B 410 -26.02 51.93 9.96
C HIS B 410 -27.54 52.07 10.24
N GLY B 411 -28.08 51.72 11.41
CA GLY B 411 -27.38 51.11 12.53
C GLY B 411 -28.24 50.01 13.12
N PHE B 412 -27.82 48.77 12.93
CA PHE B 412 -28.62 47.62 13.31
C PHE B 412 -28.51 47.30 14.80
N SER B 413 -29.61 46.81 15.36
CA SER B 413 -29.61 46.37 16.75
C SER B 413 -28.93 45.02 16.86
N GLN B 414 -28.55 44.64 18.08
CA GLN B 414 -27.92 43.35 18.31
C GLN B 414 -28.81 42.14 17.94
N PRO B 415 -30.13 42.20 18.24
CA PRO B 415 -30.98 41.09 17.79
C PRO B 415 -31.07 40.98 16.27
N ASP B 416 -31.03 42.10 15.57
CA ASP B 416 -31.07 42.09 14.11
C ASP B 416 -29.85 41.36 13.55
N ILE B 417 -28.71 41.58 14.18
CA ILE B 417 -27.48 40.94 13.77
C ILE B 417 -27.54 39.43 13.96
N VAL B 418 -28.00 39.00 15.13
CA VAL B 418 -28.15 37.58 15.43
C VAL B 418 -29.11 36.89 14.46
N LYS B 419 -30.19 37.58 14.11
CA LYS B 419 -31.17 37.05 13.17
C LYS B 419 -30.56 36.80 11.79
N ALA B 421 -27.23 36.72 11.04
CA ALA B 421 -26.04 35.87 11.12
C ALA B 421 -26.37 34.44 11.58
N GLY B 422 -27.52 34.28 12.23
CA GLY B 422 -27.87 33.01 12.84
C GLY B 422 -28.41 31.96 11.89
N ASN B 423 -28.31 32.24 10.59
CA ASN B 423 -28.75 31.30 9.58
C ASN B 423 -27.59 30.78 8.77
N ILE B 424 -27.83 29.74 7.98
CA ILE B 424 -26.83 29.27 7.02
C ILE B 424 -26.60 30.35 5.99
N GLY B 425 -25.33 30.66 5.74
CA GLY B 425 -24.97 31.73 4.83
C GLY B 425 -24.99 33.06 5.54
N GLY B 426 -24.94 33.00 6.87
CA GLY B 426 -25.03 34.18 7.71
C GLY B 426 -24.01 35.26 7.41
N ALA B 427 -22.78 34.85 7.14
CA ALA B 427 -21.71 35.80 6.82
C ALA B 427 -22.04 36.60 5.57
N GLN B 428 -22.60 35.92 4.58
CA GLN B 428 -22.94 36.57 3.31
C GLN B 428 -24.16 37.48 3.44
N ALA B 429 -25.06 37.13 4.36
CA ALA B 429 -26.25 37.95 4.61
C ALA B 429 -25.85 39.32 5.15
N LEU B 430 -24.95 39.30 6.14
CA LEU B 430 -24.46 40.54 6.73
C LEU B 430 -23.71 41.40 5.73
N GLN B 431 -22.87 40.76 4.93
CA GLN B 431 -22.09 41.47 3.92
C GLN B 431 -23.01 42.13 2.90
N ALA B 432 -24.04 41.40 2.49
CA ALA B 432 -24.98 41.89 1.49
C ALA B 432 -25.86 43.00 2.02
N VAL B 433 -26.17 42.97 3.32
CA VAL B 433 -27.04 43.98 3.92
C VAL B 433 -26.30 45.29 4.09
N LEU B 434 -24.98 45.24 4.09
CA LEU B 434 -24.17 46.44 4.20
C LEU B 434 -23.90 47.04 2.84
N SER B 435 -23.90 46.19 1.82
CA SER B 435 -23.62 46.64 0.45
C SER B 435 -24.88 47.14 -0.24
N LEU B 436 -26.02 46.49 0.04
CA LEU B 436 -27.26 46.79 -0.66
C LEU B 436 -28.26 47.55 0.21
N GLY B 437 -28.01 47.54 1.52
CA GLY B 437 -28.88 48.21 2.48
C GLY B 437 -29.23 49.65 2.17
N PRO B 438 -28.22 50.53 2.10
CA PRO B 438 -28.43 51.95 1.79
C PRO B 438 -29.21 52.18 0.50
N ALA B 439 -28.85 51.47 -0.56
CA ALA B 439 -29.55 51.61 -1.84
C ALA B 439 -31.02 51.23 -1.72
N LEU B 440 -31.30 50.27 -0.83
CA LEU B 440 -32.67 49.83 -0.59
C LEU B 440 -33.44 50.82 0.27
N ARG B 441 -32.75 51.39 1.26
CA ARG B 441 -33.37 52.42 2.09
C ARG B 441 -33.70 53.65 1.26
N GLU B 442 -32.81 53.96 0.32
CA GLU B 442 -33.00 55.09 -0.59
C GLU B 442 -34.24 54.88 -1.46
N ARG B 443 -34.53 53.63 -1.79
CA ARG B 443 -35.69 53.33 -2.63
C ARG B 443 -36.99 53.25 -1.84
N GLY B 444 -36.90 53.41 -0.52
CA GLY B 444 -38.09 53.52 0.31
C GLY B 444 -38.31 52.38 1.29
N PHE B 445 -37.52 51.32 1.17
CA PHE B 445 -37.65 50.18 2.08
C PHE B 445 -37.16 50.52 3.48
N SER B 446 -37.97 50.19 4.48
CA SER B 446 -37.61 50.47 5.86
C SER B 446 -36.51 49.53 6.32
N GLN B 447 -35.79 49.93 7.36
CA GLN B 447 -34.76 49.08 7.94
C GLN B 447 -35.28 47.74 8.46
N PRO B 448 -36.43 47.74 9.17
CA PRO B 448 -36.98 46.44 9.57
C PRO B 448 -37.35 45.54 8.40
N ASP B 449 -37.78 46.13 7.29
CA ASP B 449 -38.08 45.34 6.09
C ASP B 449 -36.83 44.64 5.60
N ILE B 450 -35.74 45.39 5.51
CA ILE B 450 -34.47 44.89 5.00
C ILE B 450 -33.91 43.77 5.88
N VAL B 451 -34.07 43.93 7.19
CA VAL B 451 -33.65 42.90 8.14
C VAL B 451 -34.46 41.61 7.92
N LYS B 452 -35.74 41.77 7.67
CA LYS B 452 -36.63 40.63 7.45
C LYS B 452 -36.20 39.86 6.20
N ILE B 453 -35.92 40.59 5.14
CA ILE B 453 -35.51 40.01 3.87
C ILE B 453 -34.17 39.29 4.03
N ALA B 454 -33.27 39.87 4.83
CA ALA B 454 -31.95 39.31 5.02
C ALA B 454 -31.94 38.26 6.11
N GLY B 455 -32.99 38.23 6.92
CA GLY B 455 -33.04 37.37 8.09
C GLY B 455 -33.42 35.92 7.83
N ASN B 456 -33.40 35.51 6.57
CA ASN B 456 -33.60 34.11 6.21
C ASN B 456 -32.38 33.57 5.48
N THR B 457 -32.31 32.26 5.33
CA THR B 457 -31.28 31.64 4.50
C THR B 457 -31.52 32.06 3.05
N GLY B 458 -30.46 32.51 2.39
CA GLY B 458 -30.57 33.00 1.03
C GLY B 458 -30.87 34.48 1.02
N GLY B 459 -30.75 35.11 2.19
CA GLY B 459 -31.07 36.51 2.38
C GLY B 459 -30.29 37.44 1.47
N ALA B 460 -29.03 37.11 1.22
CA ALA B 460 -28.20 37.90 0.33
C ALA B 460 -28.82 37.94 -1.06
N GLN B 461 -29.28 36.79 -1.53
CA GLN B 461 -29.89 36.68 -2.85
C GLN B 461 -31.26 37.37 -2.85
N ALA B 462 -31.92 37.35 -1.70
CA ALA B 462 -33.22 37.99 -1.57
C ALA B 462 -33.08 39.50 -1.65
N LEU B 463 -32.07 40.04 -0.99
CA LEU B 463 -31.80 41.48 -1.04
C LEU B 463 -31.47 41.95 -2.44
N GLN B 464 -30.64 41.16 -3.13
CA GLN B 464 -30.21 41.50 -4.49
C GLN B 464 -31.39 41.48 -5.45
N ALA B 465 -32.26 40.48 -5.28
CA ALA B 465 -33.44 40.34 -6.12
C ALA B 465 -34.36 41.55 -6.00
N VAL B 466 -34.46 42.10 -4.79
CA VAL B 466 -35.28 43.29 -4.58
C VAL B 466 -34.70 44.47 -5.35
N LEU B 467 -33.42 44.74 -5.14
CA LEU B 467 -32.73 45.84 -5.81
C LEU B 467 -32.87 45.73 -7.34
N ASP B 468 -32.79 44.50 -7.84
CA ASP B 468 -32.88 44.25 -9.27
C ASP B 468 -34.28 44.40 -9.83
N LEU B 469 -35.28 43.92 -9.10
CA LEU B 469 -36.62 43.78 -9.64
C LEU B 469 -37.66 44.79 -9.12
N GLU B 470 -37.31 45.53 -8.07
CA GLU B 470 -38.27 46.42 -7.42
C GLU B 470 -38.91 47.45 -8.36
N LEU B 471 -38.08 48.16 -9.12
CA LEU B 471 -38.58 49.21 -10.01
C LEU B 471 -39.59 48.70 -11.02
N THR B 472 -39.26 47.59 -11.67
CA THR B 472 -40.14 47.01 -12.68
C THR B 472 -41.48 46.59 -12.08
N LEU B 473 -41.43 45.94 -10.92
CA LEU B 473 -42.64 45.42 -10.28
C LEU B 473 -43.56 46.53 -9.77
N VAL B 474 -42.97 47.64 -9.34
CA VAL B 474 -43.76 48.79 -8.93
C VAL B 474 -44.54 49.34 -10.13
N GLU B 475 -43.84 49.46 -11.26
CA GLU B 475 -44.45 49.92 -12.50
C GLU B 475 -45.60 49.02 -12.93
N HIS B 476 -45.45 47.72 -12.64
CA HIS B 476 -46.48 46.75 -12.99
C HIS B 476 -47.63 46.74 -11.98
N GLY B 477 -47.51 47.54 -10.92
CA GLY B 477 -48.58 47.73 -9.97
C GLY B 477 -48.39 47.08 -8.61
N PHE B 478 -47.25 46.45 -8.39
CA PHE B 478 -46.95 45.86 -7.09
C PHE B 478 -46.45 46.92 -6.12
N SER B 479 -46.78 46.76 -4.85
CA SER B 479 -46.32 47.70 -3.84
C SER B 479 -45.08 47.17 -3.15
N GLN B 480 -44.31 48.06 -2.55
CA GLN B 480 -43.12 47.66 -1.81
C GLN B 480 -43.42 46.73 -0.62
N PRO B 481 -44.52 46.98 0.12
CA PRO B 481 -44.90 45.98 1.13
C PRO B 481 -45.25 44.61 0.53
N ASP B 482 -45.76 44.59 -0.70
CA ASP B 482 -45.98 43.32 -1.39
C ASP B 482 -44.63 42.65 -1.65
N ILE B 483 -43.67 43.44 -2.12
CA ILE B 483 -42.34 42.94 -2.43
C ILE B 483 -41.64 42.40 -1.18
N VAL B 484 -41.82 43.10 -0.06
CA VAL B 484 -41.27 42.66 1.21
C VAL B 484 -41.87 41.32 1.63
N ARG B 485 -43.18 41.19 1.48
CA ARG B 485 -43.90 39.97 1.84
C ARG B 485 -43.41 38.77 1.04
N ILE B 486 -43.20 38.98 -0.25
CA ILE B 486 -42.76 37.90 -1.15
C ILE B 486 -41.32 37.49 -0.85
N THR B 487 -40.47 38.48 -0.57
CA THR B 487 -39.04 38.24 -0.41
C THR B 487 -38.64 37.99 1.05
N GLY B 488 -39.54 38.29 1.98
CA GLY B 488 -39.27 38.17 3.39
C GLY B 488 -39.39 36.76 3.94
N ASN B 489 -39.58 35.80 3.06
CA ASN B 489 -39.60 34.39 3.45
C ASN B 489 -38.40 33.64 2.92
N ARG B 490 -38.24 32.41 3.38
CA ARG B 490 -37.23 31.49 2.87
C ARG B 490 -37.51 31.28 1.38
N GLY B 491 -36.46 31.38 0.56
CA GLY B 491 -36.62 31.24 -0.88
C GLY B 491 -37.25 32.47 -1.50
N GLY B 492 -37.06 33.62 -0.86
CA GLY B 492 -37.65 34.86 -1.31
C GLY B 492 -37.20 35.28 -2.71
N ALA B 493 -35.92 35.11 -2.99
CA ALA B 493 -35.36 35.49 -4.29
C ALA B 493 -36.04 34.73 -5.42
N GLN B 494 -36.23 33.43 -5.24
CA GLN B 494 -36.91 32.60 -6.23
C GLN B 494 -38.37 33.00 -6.40
N ALA B 495 -39.01 33.36 -5.29
CA ALA B 495 -40.42 33.75 -5.30
C ALA B 495 -40.62 35.03 -6.11
N LEU B 496 -39.76 36.02 -5.87
CA LEU B 496 -39.86 37.29 -6.58
C LEU B 496 -39.53 37.16 -8.07
N GLN B 497 -38.59 36.26 -8.38
CA GLN B 497 -38.23 36.00 -9.77
C GLN B 497 -39.38 35.31 -10.51
N ALA B 498 -40.05 34.40 -9.82
CA ALA B 498 -41.18 33.68 -10.40
C ALA B 498 -42.34 34.61 -10.64
N VAL B 499 -42.50 35.61 -9.77
CA VAL B 499 -43.51 36.64 -9.95
C VAL B 499 -43.24 37.37 -11.26
N LEU B 500 -42.00 37.80 -11.45
CA LEU B 500 -41.60 38.54 -12.64
C LEU B 500 -41.79 37.68 -13.90
N ALA B 501 -41.46 36.40 -13.80
CA ALA B 501 -41.52 35.51 -14.96
C ALA B 501 -42.95 35.10 -15.30
N LEU B 502 -43.78 34.91 -14.29
CA LEU B 502 -45.11 34.33 -14.50
C LEU B 502 -46.24 35.36 -14.47
N GLU B 503 -45.92 36.62 -14.17
CA GLU B 503 -46.93 37.66 -14.05
C GLU B 503 -47.84 37.78 -15.27
N LEU B 504 -47.24 37.95 -16.44
CA LEU B 504 -47.98 38.10 -17.68
C LEU B 504 -48.96 36.95 -17.90
N THR B 505 -48.45 35.73 -17.81
CA THR B 505 -49.27 34.54 -18.00
C THR B 505 -50.38 34.48 -16.95
N LEU B 506 -50.06 34.83 -15.72
CA LEU B 506 -51.03 34.81 -14.63
C LEU B 506 -52.13 35.85 -14.82
N ARG B 507 -51.75 37.09 -15.14
CA ARG B 507 -52.72 38.17 -15.35
C ARG B 507 -53.69 37.83 -16.48
N GLU B 508 -53.16 37.25 -17.55
CA GLU B 508 -53.96 36.95 -18.73
C GLU B 508 -54.94 35.81 -18.51
N ARG B 509 -54.66 34.96 -17.53
CA ARG B 509 -55.56 33.86 -17.20
C ARG B 509 -56.67 34.30 -16.26
N GLY B 510 -56.67 35.58 -15.89
CA GLY B 510 -57.72 36.13 -15.07
C GLY B 510 -57.33 36.40 -13.63
N PHE B 511 -56.18 35.86 -13.22
CA PHE B 511 -55.70 36.03 -11.84
C PHE B 511 -55.36 37.48 -11.57
N SER B 512 -55.78 37.99 -10.42
CA SER B 512 -55.54 39.37 -10.07
C SER B 512 -54.14 39.58 -9.49
N GLN B 513 -53.73 40.84 -9.44
CA GLN B 513 -52.45 41.20 -8.83
C GLN B 513 -52.35 40.83 -7.34
N PRO B 514 -53.42 41.07 -6.55
CA PRO B 514 -53.35 40.58 -5.16
C PRO B 514 -53.38 39.05 -5.05
N ASP B 515 -53.99 38.37 -6.02
CA ASP B 515 -53.97 36.91 -6.04
C ASP B 515 -52.52 36.44 -6.11
N ILE B 516 -51.78 36.99 -7.06
CA ILE B 516 -50.38 36.67 -7.27
C ILE B 516 -49.57 36.86 -5.99
N VAL B 517 -49.77 38.02 -5.35
CA VAL B 517 -49.06 38.34 -4.11
C VAL B 517 -49.36 37.32 -3.02
N LYS B 518 -50.63 36.96 -2.86
CA LYS B 518 -51.03 36.01 -1.83
C LYS B 518 -50.42 34.64 -2.05
N ILE B 519 -50.36 34.21 -3.31
CA ILE B 519 -49.78 32.92 -3.66
C ILE B 519 -48.26 32.91 -3.45
N ALA B 520 -47.59 33.95 -3.95
CA ALA B 520 -46.15 34.04 -3.88
C ALA B 520 -45.65 34.44 -2.50
N GLY B 521 -46.54 34.99 -1.68
CA GLY B 521 -46.17 35.59 -0.41
C GLY B 521 -45.98 34.65 0.76
N ASN B 522 -46.02 33.35 0.50
CA ASN B 522 -45.74 32.37 1.54
C ASN B 522 -44.54 31.51 1.18
N SER B 523 -44.04 30.75 2.16
CA SER B 523 -42.95 29.82 1.91
C SER B 523 -43.34 28.82 0.83
N GLY B 524 -42.44 28.61 -0.13
CA GLY B 524 -42.73 27.73 -1.25
C GLY B 524 -43.52 28.46 -2.32
N GLY B 525 -43.51 29.78 -2.24
CA GLY B 525 -44.27 30.63 -3.14
C GLY B 525 -43.96 30.41 -4.61
N ALA B 526 -42.68 30.17 -4.92
CA ALA B 526 -42.26 29.95 -6.30
C ALA B 526 -42.92 28.71 -6.90
N GLN B 527 -42.95 27.63 -6.13
CA GLN B 527 -43.60 26.40 -6.57
C GLN B 527 -45.11 26.57 -6.64
N ALA B 528 -45.67 27.34 -5.71
CA ALA B 528 -47.11 27.57 -5.67
C ALA B 528 -47.63 28.28 -6.91
N LEU B 529 -46.89 29.28 -7.38
CA LEU B 529 -47.25 30.02 -8.59
C LEU B 529 -47.27 29.12 -9.82
N GLN B 530 -46.21 28.33 -9.98
CA GLN B 530 -46.12 27.43 -11.13
C GLN B 530 -47.19 26.35 -11.03
N ALA B 531 -47.49 25.91 -9.80
CA ALA B 531 -48.51 24.90 -9.56
C ALA B 531 -49.89 25.41 -9.97
N VAL B 532 -50.22 26.63 -9.58
CA VAL B 532 -51.48 27.26 -9.98
C VAL B 532 -51.58 27.28 -11.49
N LEU B 533 -50.46 27.58 -12.14
CA LEU B 533 -50.38 27.64 -13.58
C LEU B 533 -50.58 26.27 -14.22
N ASP B 534 -49.89 25.27 -13.67
CA ASP B 534 -49.94 23.92 -14.23
C ASP B 534 -51.24 23.19 -13.92
N LEU B 535 -51.90 23.54 -12.82
CA LEU B 535 -53.03 22.76 -12.34
C LEU B 535 -54.42 23.38 -12.58
N GLU B 536 -54.45 24.63 -13.02
CA GLU B 536 -55.73 25.35 -13.18
C GLU B 536 -56.75 24.62 -14.05
N LEU B 537 -56.31 24.20 -15.23
CA LEU B 537 -57.18 23.52 -16.18
C LEU B 537 -57.77 22.25 -15.56
N THR B 538 -56.94 21.51 -14.84
CA THR B 538 -57.37 20.29 -14.19
C THR B 538 -58.44 20.58 -13.15
N PHE B 539 -58.22 21.65 -12.38
CA PHE B 539 -59.14 22.05 -11.32
C PHE B 539 -60.53 22.41 -11.86
N ARG B 540 -60.56 23.27 -12.88
CA ARG B 540 -61.82 23.72 -13.46
C ARG B 540 -62.62 22.57 -14.06
N GLU B 541 -61.93 21.48 -14.38
CA GLU B 541 -62.58 20.28 -14.88
C GLU B 541 -63.26 19.51 -13.74
N ARG B 542 -63.10 20.00 -12.52
CA ARG B 542 -63.61 19.30 -11.35
C ARG B 542 -64.48 20.18 -10.45
N GLY B 543 -64.97 21.29 -11.00
CA GLY B 543 -65.94 22.12 -10.30
C GLY B 543 -65.36 23.19 -9.39
N PHE B 544 -64.06 23.43 -9.50
CA PHE B 544 -63.41 24.45 -8.68
C PHE B 544 -63.18 25.73 -9.49
N SER B 545 -63.50 26.87 -8.90
CA SER B 545 -63.32 28.16 -9.56
C SER B 545 -61.86 28.60 -9.46
N GLN B 546 -61.56 29.75 -10.05
CA GLN B 546 -60.23 30.33 -9.95
C GLN B 546 -59.97 30.82 -8.54
N ALA B 547 -61.01 31.34 -7.89
CA ALA B 547 -60.90 31.84 -6.53
C ALA B 547 -60.67 30.71 -5.54
N ASP B 548 -61.17 29.52 -5.86
CA ASP B 548 -60.93 28.34 -5.06
C ASP B 548 -59.45 28.00 -5.08
N ILE B 549 -58.88 28.04 -6.29
CA ILE B 549 -57.46 27.75 -6.49
C ILE B 549 -56.57 28.72 -5.72
N VAL B 550 -56.94 29.99 -5.75
CA VAL B 550 -56.18 31.03 -5.06
C VAL B 550 -56.23 30.83 -3.55
N LYS B 551 -57.40 30.46 -3.04
CA LYS B 551 -57.56 30.22 -1.60
C LYS B 551 -56.73 29.04 -1.14
N ILE B 552 -56.72 27.98 -1.95
CA ILE B 552 -56.02 26.75 -1.61
C ILE B 552 -54.50 26.92 -1.71
N ALA B 553 -54.04 27.55 -2.78
CA ALA B 553 -52.61 27.75 -3.01
C ALA B 553 -52.05 28.89 -2.17
N GLY B 554 -52.94 29.74 -1.67
CA GLY B 554 -52.54 30.95 -0.98
C GLY B 554 -52.15 30.80 0.47
N ASN B 555 -51.58 29.65 0.83
CA ASN B 555 -51.09 29.43 2.18
C ASN B 555 -49.70 28.79 2.21
N ASP B 556 -49.21 28.49 3.41
CA ASP B 556 -47.86 27.95 3.58
C ASP B 556 -47.58 26.68 2.77
N GLY B 557 -48.41 25.66 2.97
CA GLY B 557 -48.24 24.41 2.26
C GLY B 557 -48.98 24.41 0.93
N GLY B 558 -48.97 25.56 0.26
CA GLY B 558 -49.76 25.82 -0.93
C GLY B 558 -49.75 24.75 -2.01
N THR B 559 -48.56 24.42 -2.51
CA THR B 559 -48.42 23.43 -3.57
C THR B 559 -48.95 22.07 -3.15
N GLN B 560 -48.70 21.71 -1.89
CA GLN B 560 -49.15 20.42 -1.36
C GLN B 560 -50.67 20.42 -1.14
N ALA B 561 -51.20 21.58 -0.77
CA ALA B 561 -52.64 21.72 -0.60
C ALA B 561 -53.37 21.47 -1.91
N LEU B 562 -52.87 22.06 -2.99
CA LEU B 562 -53.41 21.86 -4.33
C LEU B 562 -53.39 20.39 -4.73
N HIS B 563 -52.24 19.75 -4.56
CA HIS B 563 -52.09 18.34 -4.93
C HIS B 563 -52.99 17.45 -4.09
N ALA B 564 -53.15 17.81 -2.82
CA ALA B 564 -54.01 17.05 -1.93
C ALA B 564 -55.46 17.08 -2.41
N VAL B 565 -55.90 18.23 -2.90
CA VAL B 565 -57.25 18.38 -3.41
C VAL B 565 -57.51 17.47 -4.60
N LEU B 566 -56.62 17.53 -5.59
CA LEU B 566 -56.77 16.72 -6.80
C LEU B 566 -56.72 15.22 -6.51
N ASP B 567 -55.88 14.83 -5.56
CA ASP B 567 -55.75 13.42 -5.21
C ASP B 567 -56.97 12.89 -4.46
N LEU B 568 -57.61 13.77 -3.69
CA LEU B 568 -58.64 13.33 -2.76
C LEU B 568 -60.06 13.79 -3.08
N GLU B 569 -60.21 14.65 -4.09
CA GLU B 569 -61.51 15.26 -4.39
C GLU B 569 -62.60 14.24 -4.76
N ARG B 570 -62.22 13.16 -5.40
CA ARG B 570 -63.19 12.14 -5.80
C ARG B 570 -63.79 11.41 -4.60
N LEU B 572 -63.80 12.20 -1.49
CA LEU B 572 -64.51 13.13 -0.62
C LEU B 572 -65.89 13.48 -1.18
N GLY B 573 -65.94 13.69 -2.49
CA GLY B 573 -67.20 13.94 -3.17
C GLY B 573 -68.13 12.74 -3.03
N GLU B 574 -67.56 11.55 -3.13
CA GLU B 574 -68.30 10.31 -2.93
C GLU B 574 -68.89 10.26 -1.52
N ARG B 575 -68.08 10.69 -0.55
CA ARG B 575 -68.48 10.64 0.85
C ARG B 575 -69.38 11.80 1.25
N GLY B 576 -69.82 12.59 0.29
CA GLY B 576 -70.85 13.59 0.53
C GLY B 576 -70.37 15.01 0.78
N PHE B 577 -69.08 15.26 0.58
CA PHE B 577 -68.55 16.60 0.75
C PHE B 577 -68.61 17.39 -0.55
N SER B 578 -69.21 18.57 -0.50
CA SER B 578 -69.33 19.43 -1.67
C SER B 578 -67.97 20.02 -2.04
N ARG B 579 -67.90 20.67 -3.20
CA ARG B 579 -66.66 21.28 -3.64
C ARG B 579 -66.27 22.43 -2.71
N ALA B 580 -67.29 23.14 -2.22
CA ALA B 580 -67.06 24.25 -1.30
C ALA B 580 -66.52 23.75 0.04
N ASP B 581 -67.01 22.59 0.47
CA ASP B 581 -66.52 21.96 1.69
C ASP B 581 -65.03 21.67 1.58
N ILE B 582 -64.65 21.03 0.49
CA ILE B 582 -63.26 20.67 0.23
C ILE B 582 -62.37 21.91 0.19
N VAL B 583 -62.87 22.98 -0.42
CA VAL B 583 -62.14 24.23 -0.49
C VAL B 583 -61.89 24.80 0.90
N ASN B 584 -62.94 24.81 1.72
CA ASN B 584 -62.84 25.35 3.07
C ASN B 584 -61.87 24.59 3.97
N VAL B 585 -61.77 23.28 3.73
CA VAL B 585 -60.85 22.45 4.50
C VAL B 585 -59.42 22.65 4.01
N ALA B 586 -59.26 22.72 2.70
CA ALA B 586 -57.94 22.83 2.08
C ALA B 586 -57.39 24.24 2.10
N GLY B 587 -58.26 25.22 2.29
CA GLY B 587 -57.88 26.62 2.15
C GLY B 587 -57.27 27.29 3.36
N ASN B 588 -56.62 26.52 4.22
CA ASN B 588 -55.89 27.08 5.36
C ASN B 588 -54.49 26.50 5.47
N ASN B 589 -53.72 27.00 6.43
CA ASN B 589 -52.42 26.42 6.73
C ASN B 589 -52.59 25.00 7.23
N GLY B 590 -51.82 24.08 6.66
CA GLY B 590 -51.92 22.68 7.00
C GLY B 590 -53.11 22.03 6.29
N GLY B 591 -53.53 22.66 5.20
CA GLY B 591 -54.70 22.23 4.46
C GLY B 591 -54.64 20.79 3.96
N ALA B 592 -53.47 20.40 3.43
CA ALA B 592 -53.28 19.05 2.95
C ALA B 592 -53.47 18.03 4.06
N GLN B 593 -52.96 18.36 5.24
CA GLN B 593 -53.08 17.49 6.40
C GLN B 593 -54.52 17.41 6.89
N ALA B 594 -55.20 18.54 6.91
CA ALA B 594 -56.60 18.59 7.34
C ALA B 594 -57.48 17.80 6.40
N LEU B 595 -57.24 17.97 5.09
CA LEU B 595 -58.00 17.28 4.07
C LEU B 595 -57.78 15.77 4.19
N LYS B 596 -56.56 15.40 4.57
CA LYS B 596 -56.20 14.00 4.77
C LYS B 596 -56.87 13.47 6.03
N ALA B 597 -56.96 14.31 7.05
CA ALA B 597 -57.58 13.92 8.31
C ALA B 597 -59.07 13.68 8.17
N VAL B 598 -59.71 14.48 7.30
CA VAL B 598 -61.14 14.33 7.04
C VAL B 598 -61.41 12.97 6.40
N LEU B 599 -60.64 12.65 5.37
CA LEU B 599 -60.80 11.39 4.64
C LEU B 599 -60.56 10.20 5.56
N GLU B 600 -59.64 10.37 6.51
CA GLU B 600 -59.26 9.29 7.41
C GLU B 600 -60.29 9.03 8.50
N HIS B 601 -60.97 10.09 8.96
CA HIS B 601 -61.83 9.98 10.14
C HIS B 601 -63.31 10.25 9.87
N GLU B 602 -63.70 10.44 8.61
CA GLU B 602 -65.08 10.79 8.28
C GLU B 602 -66.06 9.68 8.67
N ALA B 603 -65.62 8.43 8.57
CA ALA B 603 -66.47 7.29 8.86
C ALA B 603 -66.74 7.18 10.36
N THR B 604 -65.69 7.35 11.15
CA THR B 604 -65.80 7.25 12.59
C THR B 604 -66.66 8.37 13.17
N LEU B 605 -66.43 9.59 12.69
CA LEU B 605 -67.15 10.76 13.18
C LEU B 605 -68.62 10.73 12.78
N ASN B 606 -68.91 10.12 11.62
CA ASN B 606 -70.29 9.92 11.20
C ASN B 606 -70.96 8.90 12.12
N GLU B 607 -70.17 7.94 12.57
CA GLU B 607 -70.65 6.91 13.49
C GLU B 607 -70.92 7.51 14.87
N ARG B 608 -70.13 8.51 15.24
CA ARG B 608 -70.25 9.14 16.55
C ARG B 608 -71.23 10.31 16.58
N GLY B 609 -71.95 10.49 15.48
CA GLY B 609 -73.03 11.46 15.44
C GLY B 609 -72.67 12.84 14.90
N PHE B 610 -71.56 12.94 14.19
CA PHE B 610 -71.19 14.20 13.55
C PHE B 610 -71.51 14.15 12.06
N SER B 611 -72.20 15.16 11.56
CA SER B 611 -72.59 15.22 10.16
C SER B 611 -71.44 15.75 9.31
N ARG B 612 -71.69 15.85 8.00
CA ARG B 612 -70.68 16.36 7.07
C ARG B 612 -70.33 17.80 7.38
N ALA B 613 -71.35 18.63 7.59
CA ALA B 613 -71.16 20.04 7.91
C ALA B 613 -70.37 20.22 9.20
N ASP B 614 -70.59 19.33 10.15
CA ASP B 614 -69.86 19.35 11.42
C ASP B 614 -68.37 19.14 11.19
N ILE B 615 -68.03 18.10 10.45
CA ILE B 615 -66.64 17.77 10.18
C ILE B 615 -65.96 18.89 9.40
N VAL B 616 -66.67 19.45 8.43
CA VAL B 616 -66.15 20.56 7.65
C VAL B 616 -65.84 21.75 8.53
N LYS B 617 -66.74 22.03 9.48
CA LYS B 617 -66.56 23.16 10.38
C LYS B 617 -65.37 22.97 11.32
N ILE B 618 -65.17 21.75 11.79
CA ILE B 618 -64.06 21.45 12.69
C ILE B 618 -62.72 21.52 11.96
N ALA B 619 -62.67 20.99 10.75
CA ALA B 619 -61.44 20.92 9.98
C ALA B 619 -61.21 22.16 9.12
N GLY B 620 -62.23 23.01 9.02
CA GLY B 620 -62.19 24.14 8.12
C GLY B 620 -61.50 25.39 8.64
N ASN B 621 -60.69 25.23 9.69
CA ASN B 621 -59.87 26.30 10.20
C ASN B 621 -58.40 25.90 10.19
N GLY B 622 -57.52 26.85 10.49
CA GLY B 622 -56.11 26.56 10.61
C GLY B 622 -55.87 25.51 11.68
N GLY B 623 -55.07 24.50 11.35
CA GLY B 623 -54.82 23.41 12.27
C GLY B 623 -56.02 22.49 12.40
N GLY B 624 -56.71 22.29 11.28
CA GLY B 624 -57.92 21.48 11.25
C GLY B 624 -57.69 20.03 11.62
N ALA B 625 -56.53 19.50 11.23
CA ALA B 625 -56.19 18.12 11.53
C ALA B 625 -56.16 17.86 13.02
N GLN B 626 -55.49 18.75 13.76
CA GLN B 626 -55.38 18.61 15.22
C GLN B 626 -56.72 18.78 15.90
N ALA B 627 -57.59 19.59 15.30
CA ALA B 627 -58.93 19.83 15.83
C ALA B 627 -59.79 18.58 15.73
N LEU B 628 -59.65 17.86 14.62
CA LEU B 628 -60.35 16.58 14.44
C LEU B 628 -59.80 15.54 15.39
N LYS B 629 -58.49 15.53 15.57
CA LYS B 629 -57.84 14.56 16.44
C LYS B 629 -58.24 14.80 17.90
N ALA B 630 -58.48 16.06 18.25
CA ALA B 630 -58.89 16.42 19.60
C ALA B 630 -60.31 15.94 19.89
N VAL B 631 -61.20 16.15 18.92
CA VAL B 631 -62.58 15.69 19.04
C VAL B 631 -62.64 14.18 19.20
N LEU B 632 -61.86 13.47 18.38
CA LEU B 632 -61.80 12.01 18.42
C LEU B 632 -61.43 11.46 19.79
N GLU B 633 -60.43 12.06 20.43
CA GLU B 633 -59.99 11.55 21.72
C GLU B 633 -60.62 12.28 22.91
N HIS B 634 -61.69 13.02 22.68
CA HIS B 634 -62.36 13.73 23.76
C HIS B 634 -63.88 13.67 23.70
N GLU B 635 -64.43 13.33 22.53
CA GLU B 635 -65.88 13.33 22.35
C GLU B 635 -66.60 12.38 23.30
N ALA B 636 -65.91 11.30 23.67
CA ALA B 636 -66.50 10.32 24.58
C ALA B 636 -66.72 10.91 25.96
N THR B 637 -65.64 11.43 26.55
CA THR B 637 -65.69 12.00 27.89
C THR B 637 -66.64 13.18 27.96
N LEU B 638 -66.60 14.03 26.93
CA LEU B 638 -67.45 15.23 26.91
C LEU B 638 -68.92 14.87 26.78
N ASP B 639 -69.20 13.75 26.12
CA ASP B 639 -70.57 13.25 26.02
C ASP B 639 -71.02 12.72 27.38
N GLU B 640 -70.08 12.15 28.12
CA GLU B 640 -70.35 11.65 29.46
C GLU B 640 -70.62 12.81 30.41
N ARG B 641 -69.89 13.90 30.22
CA ARG B 641 -70.00 15.07 31.09
C ARG B 641 -71.22 15.93 30.78
N GLY B 642 -71.87 15.68 29.66
CA GLY B 642 -73.12 16.34 29.34
C GLY B 642 -73.12 17.27 28.14
N PHE B 643 -71.97 17.42 27.50
CA PHE B 643 -71.88 18.29 26.33
C PHE B 643 -72.51 17.64 25.09
N SER B 644 -73.31 18.40 24.36
CA SER B 644 -73.95 17.90 23.15
C SER B 644 -72.99 17.90 21.97
N ARG B 645 -73.38 17.25 20.89
CA ARG B 645 -72.53 17.18 19.71
C ARG B 645 -72.30 18.56 19.11
N ALA B 646 -73.36 19.36 19.07
CA ALA B 646 -73.28 20.72 18.56
C ALA B 646 -72.37 21.57 19.43
N ASP B 647 -72.39 21.31 20.73
CA ASP B 647 -71.49 21.99 21.66
C ASP B 647 -70.04 21.68 21.30
N ILE B 648 -69.76 20.39 21.14
CA ILE B 648 -68.43 19.93 20.76
C ILE B 648 -67.97 20.57 19.46
N VAL B 649 -68.87 20.62 18.48
CA VAL B 649 -68.57 21.22 17.20
C VAL B 649 -68.25 22.71 17.36
N ARG B 650 -69.03 23.40 18.19
CA ARG B 650 -68.84 24.83 18.40
C ARG B 650 -67.50 25.15 19.06
N ILE B 651 -67.07 24.29 19.97
CA ILE B 651 -65.80 24.50 20.67
C ILE B 651 -64.61 24.26 19.74
N ALA B 652 -64.65 23.17 18.99
CA ALA B 652 -63.56 22.81 18.09
C ALA B 652 -63.68 23.51 16.74
N GLY B 653 -64.82 24.16 16.51
CA GLY B 653 -65.12 24.75 15.22
C GLY B 653 -64.48 26.11 14.97
N ASN B 654 -63.52 26.48 15.81
CA ASN B 654 -62.78 27.72 15.62
C ASN B 654 -61.28 27.47 15.54
N GLY B 655 -60.53 28.48 15.13
CA GLY B 655 -59.08 28.40 15.16
C GLY B 655 -58.63 28.19 16.59
N GLY B 656 -57.69 27.28 16.78
CA GLY B 656 -57.22 26.92 18.11
C GLY B 656 -58.22 26.01 18.80
N GLY B 657 -59.09 25.40 18.01
CA GLY B 657 -60.16 24.55 18.52
C GLY B 657 -59.66 23.38 19.36
N ALA B 658 -58.52 22.82 18.97
CA ALA B 658 -57.92 21.72 19.71
C ALA B 658 -57.59 22.14 21.14
N GLN B 659 -57.01 23.33 21.28
CA GLN B 659 -56.67 23.88 22.59
C GLN B 659 -57.91 24.24 23.40
N ALA B 660 -58.95 24.73 22.73
CA ALA B 660 -60.20 25.07 23.39
C ALA B 660 -60.86 23.84 23.98
N LEU B 661 -60.90 22.77 23.20
CA LEU B 661 -61.52 21.52 23.64
C LEU B 661 -60.75 20.93 24.82
N LYS B 662 -59.43 21.02 24.77
CA LYS B 662 -58.57 20.54 25.85
C LYS B 662 -58.80 21.35 27.12
N ALA B 663 -58.94 22.67 26.96
CA ALA B 663 -59.19 23.57 28.08
C ALA B 663 -60.49 23.22 28.78
N VAL B 664 -61.53 22.96 27.99
CA VAL B 664 -62.81 22.53 28.53
C VAL B 664 -62.64 21.18 29.22
N LEU B 665 -61.91 20.29 28.57
CA LEU B 665 -61.65 18.94 29.08
C LEU B 665 -60.99 18.99 30.45
N GLU B 666 -59.94 19.80 30.56
CA GLU B 666 -59.15 19.83 31.79
C GLU B 666 -59.71 20.75 32.88
N HIS B 667 -60.12 21.96 32.49
CA HIS B 667 -60.51 22.97 33.46
C HIS B 667 -62.02 23.05 33.69
N GLY B 668 -62.79 22.38 32.83
CA GLY B 668 -64.24 22.36 32.94
C GLY B 668 -64.81 22.00 34.30
N PRO B 669 -64.43 20.83 34.86
CA PRO B 669 -64.91 20.40 36.18
C PRO B 669 -64.71 21.43 37.28
N THR B 670 -63.52 22.01 37.36
CA THR B 670 -63.22 23.02 38.38
C THR B 670 -64.13 24.24 38.22
N LEU B 671 -64.39 24.61 36.98
CA LEU B 671 -65.29 25.73 36.71
C LEU B 671 -66.73 25.34 37.05
N ASN B 672 -67.08 24.09 36.80
CA ASN B 672 -68.40 23.59 37.14
C ASN B 672 -68.61 23.52 38.65
N GLU B 673 -67.52 23.22 39.36
CA GLU B 673 -67.56 23.16 40.82
C GLU B 673 -67.86 24.54 41.40
N ARG B 674 -67.15 25.54 40.90
CA ARG B 674 -67.25 26.90 41.42
C ARG B 674 -68.61 27.56 41.16
N GLY B 675 -69.36 27.02 40.22
CA GLY B 675 -70.71 27.51 39.96
C GLY B 675 -71.10 27.63 38.51
N PHE B 676 -70.12 27.59 37.61
CA PHE B 676 -70.39 27.73 36.17
C PHE B 676 -71.08 26.51 35.59
N ASN B 677 -72.21 26.73 34.93
CA ASN B 677 -72.91 25.64 34.25
C ASN B 677 -72.28 25.33 32.89
N LEU B 678 -72.71 24.24 32.28
CA LEU B 678 -72.10 23.75 31.05
C LEU B 678 -72.34 24.68 29.86
N THR B 679 -73.54 25.26 29.79
CA THR B 679 -73.88 26.19 28.73
C THR B 679 -72.93 27.39 28.76
N ASP B 680 -72.60 27.85 29.97
CA ASP B 680 -71.69 28.96 30.15
C ASP B 680 -70.27 28.60 29.73
N ILE B 681 -69.81 27.44 30.18
CA ILE B 681 -68.49 26.95 29.82
C ILE B 681 -68.35 26.85 28.30
N VAL B 682 -69.37 26.33 27.66
CA VAL B 682 -69.41 26.26 26.20
C VAL B 682 -69.32 27.65 25.58
N GLU B 683 -70.11 28.59 26.09
CA GLU B 683 -70.13 29.95 25.57
C GLU B 683 -68.78 30.64 25.70
N ALA B 685 -65.96 29.18 25.71
CA ALA B 685 -64.95 28.45 24.95
C ALA B 685 -65.25 28.36 23.45
N ALA B 686 -66.47 28.72 23.06
CA ALA B 686 -66.89 28.62 21.68
C ALA B 686 -66.41 29.79 20.83
N ASN B 687 -65.35 30.45 21.28
CA ASN B 687 -64.77 31.56 20.54
C ASN B 687 -63.29 31.32 20.27
N SER B 688 -62.71 32.14 19.39
CA SER B 688 -61.33 31.94 18.93
C SER B 688 -60.29 31.98 20.06
N GLY B 689 -60.59 32.73 21.12
CA GLY B 689 -59.70 32.79 22.26
C GLY B 689 -60.24 32.01 23.44
N GLY B 690 -61.08 31.02 23.14
CA GLY B 690 -61.77 30.25 24.15
C GLY B 690 -60.89 29.64 25.22
N ALA B 691 -59.75 29.09 24.81
CA ALA B 691 -58.81 28.48 25.74
C ALA B 691 -58.28 29.48 26.75
N GLN B 692 -57.80 30.61 26.25
CA GLN B 692 -57.27 31.67 27.10
C GLN B 692 -58.35 32.22 28.02
N ALA B 693 -59.56 32.35 27.49
CA ALA B 693 -60.70 32.83 28.27
C ALA B 693 -60.94 31.95 29.49
N LEU B 694 -60.98 30.64 29.27
CA LEU B 694 -61.14 29.68 30.36
C LEU B 694 -59.98 29.78 31.35
N LYS B 695 -58.77 29.88 30.82
CA LYS B 695 -57.59 30.00 31.67
C LYS B 695 -57.58 31.31 32.44
N ALA B 696 -58.09 32.37 31.81
CA ALA B 696 -58.18 33.67 32.47
C ALA B 696 -59.18 33.61 33.61
N VAL B 697 -60.33 32.98 33.36
CA VAL B 697 -61.38 32.84 34.36
C VAL B 697 -60.90 31.95 35.51
N LEU B 698 -60.23 30.86 35.15
CA LEU B 698 -59.70 29.91 36.13
C LEU B 698 -58.75 30.60 37.11
N GLU B 699 -57.87 31.43 36.57
CA GLU B 699 -56.85 32.11 37.38
C GLU B 699 -57.36 33.35 38.11
N HIS B 700 -58.26 34.11 37.47
CA HIS B 700 -58.66 35.41 37.99
C HIS B 700 -60.11 35.50 38.46
N GLY B 701 -60.91 34.50 38.10
CA GLY B 701 -62.31 34.44 38.49
C GLY B 701 -62.62 34.72 39.95
N PRO B 702 -61.97 33.99 40.87
CA PRO B 702 -62.17 34.21 42.31
C PRO B 702 -61.96 35.66 42.75
N THR B 703 -60.92 36.29 42.22
CA THR B 703 -60.61 37.68 42.59
C THR B 703 -61.70 38.63 42.12
N LEU B 704 -62.19 38.41 40.90
CA LEU B 704 -63.27 39.22 40.36
C LEU B 704 -64.55 39.01 41.16
N ARG B 705 -64.78 37.77 41.56
CA ARG B 705 -65.98 37.41 42.31
C ARG B 705 -65.89 37.94 43.74
N GLN B 706 -64.69 37.94 44.29
CA GLN B 706 -64.44 38.50 45.61
C GLN B 706 -64.73 40.01 45.59
N ARG B 707 -64.32 40.66 44.52
CA ARG B 707 -64.48 42.11 44.38
C ARG B 707 -65.94 42.54 44.22
N GLY B 708 -66.82 41.60 43.91
CA GLY B 708 -68.24 41.89 43.84
C GLY B 708 -68.92 41.47 42.55
N LEU B 709 -68.13 41.04 41.56
CA LEU B 709 -68.69 40.61 40.29
C LEU B 709 -69.34 39.24 40.40
N SER B 710 -70.50 39.09 39.77
CA SER B 710 -71.21 37.82 39.81
C SER B 710 -70.65 36.85 38.77
N LEU B 711 -71.12 35.60 38.81
CA LEU B 711 -70.71 34.60 37.83
C LEU B 711 -71.23 34.99 36.46
N ILE B 712 -72.46 35.50 36.44
CA ILE B 712 -73.11 35.95 35.20
C ILE B 712 -72.27 37.03 34.51
N ASP B 713 -71.78 37.97 35.32
CA ASP B 713 -70.96 39.06 34.81
C ASP B 713 -69.69 38.52 34.17
N ILE B 714 -69.00 37.64 34.91
CA ILE B 714 -67.76 37.05 34.44
C ILE B 714 -67.97 36.27 33.15
N VAL B 715 -69.10 35.56 33.07
CA VAL B 715 -69.45 34.82 31.86
C VAL B 715 -69.60 35.77 30.67
N GLU B 716 -70.40 36.81 30.84
CA GLU B 716 -70.62 37.79 29.78
C GLU B 716 -69.32 38.42 29.32
N ILE B 717 -68.49 38.82 30.28
CA ILE B 717 -67.21 39.46 29.97
C ILE B 717 -66.28 38.49 29.25
N ALA B 718 -66.21 37.25 29.74
CA ALA B 718 -65.33 36.25 29.14
C ALA B 718 -65.79 35.84 27.75
N SER B 719 -67.09 35.75 27.56
CA SER B 719 -67.65 35.29 26.29
C SER B 719 -67.56 36.33 25.17
N ASN B 720 -67.79 37.59 25.51
CA ASN B 720 -67.84 38.65 24.50
C ASN B 720 -66.56 39.47 24.39
N GLY B 721 -65.80 39.53 25.48
CA GLY B 721 -64.58 40.31 25.52
C GLY B 721 -63.32 39.46 25.58
N GLY B 722 -63.44 38.25 26.10
CA GLY B 722 -62.32 37.34 26.16
C GLY B 722 -61.41 37.57 27.34
N ALA B 723 -60.26 36.89 27.33
CA ALA B 723 -59.26 37.01 28.38
C ALA B 723 -58.75 38.45 28.48
N GLN B 724 -58.55 39.05 27.30
CA GLN B 724 -58.08 40.41 27.18
C GLN B 724 -58.95 41.38 27.98
N ALA B 725 -60.27 41.18 27.90
CA ALA B 725 -61.21 42.04 28.61
C ALA B 725 -61.23 41.71 30.11
N LEU B 726 -61.12 40.42 30.42
CA LEU B 726 -61.08 39.97 31.80
C LEU B 726 -59.89 40.57 32.55
N LYS B 727 -58.73 40.59 31.89
CA LYS B 727 -57.52 41.12 32.50
C LYS B 727 -57.59 42.63 32.70
N ALA B 728 -58.31 43.31 31.80
CA ALA B 728 -58.49 44.76 31.93
C ALA B 728 -59.38 45.09 33.12
N VAL B 729 -60.42 44.27 33.33
CA VAL B 729 -61.31 44.46 34.46
C VAL B 729 -60.58 44.12 35.77
N LEU B 730 -59.69 43.14 35.71
CA LEU B 730 -58.89 42.78 36.86
C LEU B 730 -57.96 43.94 37.22
N LYS B 731 -57.43 44.61 36.20
CA LYS B 731 -56.46 45.68 36.40
C LYS B 731 -57.10 47.01 36.83
N TYR B 732 -58.15 47.43 36.11
CA TYR B 732 -58.73 48.75 36.33
C TYR B 732 -60.09 48.74 37.01
N GLY B 733 -60.62 47.55 37.28
CA GLY B 733 -61.90 47.40 37.96
C GLY B 733 -62.05 48.14 39.28
N PRO B 734 -61.16 47.84 40.25
CA PRO B 734 -61.16 48.51 41.56
C PRO B 734 -61.23 50.03 41.47
N VAL B 735 -60.55 50.61 40.47
CA VAL B 735 -60.58 52.06 40.29
C VAL B 735 -61.95 52.52 39.82
N LEU B 736 -62.55 51.76 38.92
CA LEU B 736 -63.87 52.10 38.39
C LEU B 736 -64.95 51.96 39.45
N GLN B 738 -64.44 52.24 42.61
CA GLN B 738 -64.15 53.30 43.57
C GLN B 738 -64.80 54.62 43.16
N ALA B 739 -64.88 54.86 41.86
CA ALA B 739 -65.44 56.11 41.34
C ALA B 739 -66.95 56.07 41.23
N GLY B 740 -67.54 54.91 41.51
CA GLY B 740 -68.99 54.79 41.57
C GLY B 740 -69.62 53.96 40.48
N ARG B 741 -68.82 53.45 39.54
CA ARG B 741 -69.33 52.66 38.43
C ARG B 741 -69.89 51.33 38.91
N SER B 742 -71.09 50.99 38.46
CA SER B 742 -71.75 49.75 38.85
C SER B 742 -71.20 48.56 38.09
N ASN B 743 -71.65 47.36 38.47
CA ASN B 743 -71.27 46.15 37.77
C ASN B 743 -71.89 46.11 36.37
N GLU B 744 -73.10 46.62 36.24
CA GLU B 744 -73.79 46.67 34.96
C GLU B 744 -72.99 47.49 33.95
N GLU B 745 -72.47 48.62 34.41
CA GLU B 745 -71.68 49.49 33.54
C GLU B 745 -70.36 48.84 33.14
N ILE B 746 -69.66 48.29 34.11
CA ILE B 746 -68.37 47.64 33.84
C ILE B 746 -68.52 46.48 32.87
N VAL B 747 -69.57 45.69 33.04
CA VAL B 747 -69.84 44.58 32.14
C VAL B 747 -70.14 45.05 30.73
N HIS B 748 -71.03 46.04 30.59
CA HIS B 748 -71.37 46.57 29.28
C HIS B 748 -70.14 47.11 28.55
N VAL B 749 -69.26 47.77 29.29
CA VAL B 749 -68.06 48.34 28.72
C VAL B 749 -67.08 47.25 28.27
N ALA B 750 -66.93 46.22 29.09
CA ALA B 750 -65.89 45.22 28.87
C ALA B 750 -66.32 43.99 28.06
N ALA B 751 -67.58 43.62 28.17
CA ALA B 751 -68.08 42.44 27.44
C ALA B 751 -68.31 42.76 25.97
N ARG B 752 -67.23 42.98 25.25
CA ARG B 752 -67.29 43.29 23.83
C ARG B 752 -65.92 43.08 23.19
N ARG B 753 -65.91 42.96 21.88
CA ARG B 753 -64.66 42.89 21.14
C ARG B 753 -63.94 44.21 21.32
N GLY B 754 -62.73 44.18 21.87
CA GLY B 754 -62.01 45.39 22.18
C GLY B 754 -62.43 45.95 23.53
N GLY B 755 -62.94 45.06 24.39
CA GLY B 755 -63.39 45.44 25.71
C GLY B 755 -62.30 46.04 26.58
N ALA B 756 -61.08 45.54 26.43
CA ALA B 756 -59.95 46.06 27.17
C ALA B 756 -59.74 47.55 26.86
N GLY B 757 -59.74 47.87 25.57
CA GLY B 757 -59.58 49.24 25.13
C GLY B 757 -60.67 50.16 25.62
N ARG B 758 -61.88 49.63 25.78
CA ARG B 758 -63.00 50.44 26.27
C ARG B 758 -62.89 50.69 27.77
N ILE B 759 -62.38 49.70 28.50
CA ILE B 759 -62.13 49.85 29.93
C ILE B 759 -61.06 50.92 30.16
N ARG B 760 -60.04 50.90 29.33
CA ARG B 760 -58.96 51.89 29.42
C ARG B 760 -59.49 53.30 29.14
N LYS B 761 -60.36 53.42 28.16
CA LYS B 761 -60.95 54.70 27.80
C LYS B 761 -61.81 55.26 28.93
N VAL B 763 -61.53 54.50 32.16
CA VAL B 763 -60.76 54.72 33.38
C VAL B 763 -59.76 55.87 33.22
N ALA B 764 -59.49 56.26 31.98
CA ALA B 764 -58.49 57.29 31.68
C ALA B 764 -58.67 58.64 32.41
N PRO B 765 -59.91 59.18 32.45
CA PRO B 765 -60.06 60.45 33.18
C PRO B 765 -59.80 60.32 34.68
N LEU B 766 -59.94 59.10 35.20
CA LEU B 766 -59.78 58.87 36.63
C LEU B 766 -58.32 58.69 37.02
#